data_2BL1
# 
_entry.id   2BL1 
# 
_audit_conform.dict_name       mmcif_pdbx.dic 
_audit_conform.dict_version    5.398 
_audit_conform.dict_location   http://mmcif.pdb.org/dictionaries/ascii/mmcif_pdbx.dic 
# 
loop_
_database_2.database_id 
_database_2.database_code 
_database_2.pdbx_database_accession 
_database_2.pdbx_DOI 
PDB   2BL1         pdb_00002bl1 10.2210/pdb2bl1/pdb 
PDBE  EBI-22865    ?            ?                   
WWPDB D_1290022865 ?            ?                   
# 
loop_
_pdbx_audit_revision_history.ordinal 
_pdbx_audit_revision_history.data_content_type 
_pdbx_audit_revision_history.major_revision 
_pdbx_audit_revision_history.minor_revision 
_pdbx_audit_revision_history.revision_date 
1 'Structure model' 1 0 2005-09-21 
2 'Structure model' 1 1 2011-05-08 
3 'Structure model' 1 2 2011-07-13 
4 'Structure model' 1 3 2019-05-08 
5 'Structure model' 1 4 2019-06-12 
6 'Structure model' 1 5 2024-11-13 
# 
_pdbx_audit_revision_details.ordinal             1 
_pdbx_audit_revision_details.revision_ordinal    1 
_pdbx_audit_revision_details.data_content_type   'Structure model' 
_pdbx_audit_revision_details.provider            repository 
_pdbx_audit_revision_details.type                'Initial release' 
_pdbx_audit_revision_details.description         ? 
_pdbx_audit_revision_details.details             ? 
# 
loop_
_pdbx_audit_revision_group.ordinal 
_pdbx_audit_revision_group.revision_ordinal 
_pdbx_audit_revision_group.data_content_type 
_pdbx_audit_revision_group.group 
1  2 'Structure model' 'Version format compliance' 
2  3 'Structure model' 'Version format compliance' 
3  4 'Structure model' 'Data collection'           
4  4 'Structure model' 'Derived calculations'      
5  4 'Structure model' 'Experimental preparation'  
6  4 'Structure model' Other                       
7  5 'Structure model' 'Data collection'           
8  5 'Structure model' 'Database references'       
9  6 'Structure model' 'Data collection'           
10 6 'Structure model' 'Database references'       
11 6 'Structure model' Other                       
12 6 'Structure model' 'Structure summary'         
# 
loop_
_pdbx_audit_revision_category.ordinal 
_pdbx_audit_revision_category.revision_ordinal 
_pdbx_audit_revision_category.data_content_type 
_pdbx_audit_revision_category.category 
1  4 'Structure model' database_PDB_rev          
2  4 'Structure model' database_PDB_rev_record   
3  4 'Structure model' exptl_crystal_grow        
4  4 'Structure model' pdbx_database_proc        
5  4 'Structure model' pdbx_database_status      
6  4 'Structure model' struct_conn               
7  5 'Structure model' citation_author           
8  6 'Structure model' chem_comp_atom            
9  6 'Structure model' chem_comp_bond            
10 6 'Structure model' database_2                
11 6 'Structure model' pdbx_database_status      
12 6 'Structure model' pdbx_entry_details        
13 6 'Structure model' pdbx_modification_feature 
# 
loop_
_pdbx_audit_revision_item.ordinal 
_pdbx_audit_revision_item.revision_ordinal 
_pdbx_audit_revision_item.data_content_type 
_pdbx_audit_revision_item.item 
1 4 'Structure model' '_exptl_crystal_grow.method'                   
2 4 'Structure model' '_pdbx_database_status.recvd_author_approval'  
3 4 'Structure model' '_struct_conn.pdbx_leaving_atom_flag'          
4 5 'Structure model' '_citation_author.name'                        
5 6 'Structure model' '_database_2.pdbx_DOI'                         
6 6 'Structure model' '_database_2.pdbx_database_accession'          
7 6 'Structure model' '_pdbx_database_status.status_code_sf'         
8 6 'Structure model' '_pdbx_entry_details.has_protein_modification' 
# 
_pdbx_database_status.status_code                     REL 
_pdbx_database_status.entry_id                        2BL1 
_pdbx_database_status.deposit_site                    PDBE 
_pdbx_database_status.process_site                    PDBE 
_pdbx_database_status.SG_entry                        . 
_pdbx_database_status.recvd_initial_deposition_date   2005-02-24 
_pdbx_database_status.pdb_format_compatible           Y 
_pdbx_database_status.status_code_sf                  REL 
_pdbx_database_status.status_code_mr                  ? 
_pdbx_database_status.status_code_cs                  ? 
_pdbx_database_status.methods_development_category    ? 
_pdbx_database_status.status_code_nmr_data            ? 
# 
_pdbx_database_related.db_name        PDB 
_pdbx_database_related.db_id          1YVO 
_pdbx_database_related.content_type   unspecified 
_pdbx_database_related.details        'HYPOTHETICAL ACETYLTRANSFERASE FROM P.AERUGINOSA PA01' 
# 
loop_
_audit_author.name 
_audit_author.pdbx_ordinal 
'Davies, A.M.' 1 
'Tata, R.'     2 
'Agha, R.'     3 
'Sutton, B.J.' 4 
'Brown, P.R.'  5 
# 
_citation.id                        primary 
_citation.title                     
'Crystal Structure of a Putative Phosphinothricin Acetyltransferase (Pa4866) from Pseudomonas Aeruginosa Pac1' 
_citation.journal_abbrev            'Proteins: Struct., Funct., Bioinf.' 
_citation.journal_volume            61 
_citation.page_first                677 
_citation.page_last                 ? 
_citation.year                      2005 
_citation.journal_id_ASTM           PSFGEY 
_citation.country                   US 
_citation.journal_id_ISSN           0887-3585 
_citation.journal_id_CSD            0867 
_citation.book_publisher            ? 
_citation.pdbx_database_id_PubMed   16161106 
_citation.pdbx_database_id_DOI      10.1002/PROT.20603 
# 
loop_
_citation_author.citation_id 
_citation_author.name 
_citation_author.ordinal 
_citation_author.identifier_ORCID 
primary 'Davies, A.M.' 1 ? 
primary 'Tata, R.'     2 ? 
primary 'Agha, R.'     3 ? 
primary 'Sutton, B.J.' 4 ? 
primary 'Brown, P.R.'  5 ? 
# 
loop_
_entity.id 
_entity.type 
_entity.src_method 
_entity.pdbx_description 
_entity.formula_weight 
_entity.pdbx_number_of_molecules 
_entity.pdbx_ec 
_entity.pdbx_mutation 
_entity.pdbx_fragment 
_entity.details 
1 polymer     man 'PUTATIVE PHOSPHINOTHRICIN N-ACETYLTRANSFERASE PA4866' 18919.656 1   ? ? ? ? 
2 non-polymer syn 'AZIDE ION'                                            42.020    2   ? ? ? ? 
3 non-polymer syn GLYCEROL                                               92.094    4   ? ? ? ? 
4 non-polymer syn 'SULFATE ION'                                          96.063    1   ? ? ? ? 
5 water       nat water                                                  18.015    213 ? ? ? ? 
# 
_entity_poly.entity_id                      1 
_entity_poly.type                           'polypeptide(L)' 
_entity_poly.nstd_linkage                   no 
_entity_poly.nstd_monomer                   yes 
_entity_poly.pdbx_seq_one_letter_code       
;(MSE)SASIRDAGVADLPGILAIYNDAVGNTTAIWNETPVDLANRQAWFDARARQGYPILVASDAAGEVLGYASYGDWRP
FEGFRGTVEHSVYVRDDQRGKGLGVQLLQALIERARAQGLHV(MSE)VAAIESGNAASIGLHRRLGFEISGQ(MSE)PQV
GQKFGRWLDLTF(MSE)QLNLDPTRSAP
;
_entity_poly.pdbx_seq_one_letter_code_can   
;MSASIRDAGVADLPGILAIYNDAVGNTTAIWNETPVDLANRQAWFDARARQGYPILVASDAAGEVLGYASYGDWRPFEGF
RGTVEHSVYVRDDQRGKGLGVQLLQALIERARAQGLHVMVAAIESGNAASIGLHRRLGFEISGQMPQVGQKFGRWLDLTF
MQLNLDPTRSAP
;
_entity_poly.pdbx_strand_id                 A 
_entity_poly.pdbx_target_identifier         ? 
# 
loop_
_pdbx_entity_nonpoly.entity_id 
_pdbx_entity_nonpoly.name 
_pdbx_entity_nonpoly.comp_id 
2 'AZIDE ION'   AZI 
3 GLYCEROL      GOL 
4 'SULFATE ION' SO4 
5 water         HOH 
# 
loop_
_entity_poly_seq.entity_id 
_entity_poly_seq.num 
_entity_poly_seq.mon_id 
_entity_poly_seq.hetero 
1 1   MSE n 
1 2   SER n 
1 3   ALA n 
1 4   SER n 
1 5   ILE n 
1 6   ARG n 
1 7   ASP n 
1 8   ALA n 
1 9   GLY n 
1 10  VAL n 
1 11  ALA n 
1 12  ASP n 
1 13  LEU n 
1 14  PRO n 
1 15  GLY n 
1 16  ILE n 
1 17  LEU n 
1 18  ALA n 
1 19  ILE n 
1 20  TYR n 
1 21  ASN n 
1 22  ASP n 
1 23  ALA n 
1 24  VAL n 
1 25  GLY n 
1 26  ASN n 
1 27  THR n 
1 28  THR n 
1 29  ALA n 
1 30  ILE n 
1 31  TRP n 
1 32  ASN n 
1 33  GLU n 
1 34  THR n 
1 35  PRO n 
1 36  VAL n 
1 37  ASP n 
1 38  LEU n 
1 39  ALA n 
1 40  ASN n 
1 41  ARG n 
1 42  GLN n 
1 43  ALA n 
1 44  TRP n 
1 45  PHE n 
1 46  ASP n 
1 47  ALA n 
1 48  ARG n 
1 49  ALA n 
1 50  ARG n 
1 51  GLN n 
1 52  GLY n 
1 53  TYR n 
1 54  PRO n 
1 55  ILE n 
1 56  LEU n 
1 57  VAL n 
1 58  ALA n 
1 59  SER n 
1 60  ASP n 
1 61  ALA n 
1 62  ALA n 
1 63  GLY n 
1 64  GLU n 
1 65  VAL n 
1 66  LEU n 
1 67  GLY n 
1 68  TYR n 
1 69  ALA n 
1 70  SER n 
1 71  TYR n 
1 72  GLY n 
1 73  ASP n 
1 74  TRP n 
1 75  ARG n 
1 76  PRO n 
1 77  PHE n 
1 78  GLU n 
1 79  GLY n 
1 80  PHE n 
1 81  ARG n 
1 82  GLY n 
1 83  THR n 
1 84  VAL n 
1 85  GLU n 
1 86  HIS n 
1 87  SER n 
1 88  VAL n 
1 89  TYR n 
1 90  VAL n 
1 91  ARG n 
1 92  ASP n 
1 93  ASP n 
1 94  GLN n 
1 95  ARG n 
1 96  GLY n 
1 97  LYS n 
1 98  GLY n 
1 99  LEU n 
1 100 GLY n 
1 101 VAL n 
1 102 GLN n 
1 103 LEU n 
1 104 LEU n 
1 105 GLN n 
1 106 ALA n 
1 107 LEU n 
1 108 ILE n 
1 109 GLU n 
1 110 ARG n 
1 111 ALA n 
1 112 ARG n 
1 113 ALA n 
1 114 GLN n 
1 115 GLY n 
1 116 LEU n 
1 117 HIS n 
1 118 VAL n 
1 119 MSE n 
1 120 VAL n 
1 121 ALA n 
1 122 ALA n 
1 123 ILE n 
1 124 GLU n 
1 125 SER n 
1 126 GLY n 
1 127 ASN n 
1 128 ALA n 
1 129 ALA n 
1 130 SER n 
1 131 ILE n 
1 132 GLY n 
1 133 LEU n 
1 134 HIS n 
1 135 ARG n 
1 136 ARG n 
1 137 LEU n 
1 138 GLY n 
1 139 PHE n 
1 140 GLU n 
1 141 ILE n 
1 142 SER n 
1 143 GLY n 
1 144 GLN n 
1 145 MSE n 
1 146 PRO n 
1 147 GLN n 
1 148 VAL n 
1 149 GLY n 
1 150 GLN n 
1 151 LYS n 
1 152 PHE n 
1 153 GLY n 
1 154 ARG n 
1 155 TRP n 
1 156 LEU n 
1 157 ASP n 
1 158 LEU n 
1 159 THR n 
1 160 PHE n 
1 161 MSE n 
1 162 GLN n 
1 163 LEU n 
1 164 ASN n 
1 165 LEU n 
1 166 ASP n 
1 167 PRO n 
1 168 THR n 
1 169 ARG n 
1 170 SER n 
1 171 ALA n 
1 172 PRO n 
# 
_entity_src_gen.entity_id                          1 
_entity_src_gen.pdbx_src_id                        1 
_entity_src_gen.pdbx_alt_source_flag               sample 
_entity_src_gen.pdbx_seq_type                      ? 
_entity_src_gen.pdbx_beg_seq_num                   ? 
_entity_src_gen.pdbx_end_seq_num                   ? 
_entity_src_gen.gene_src_common_name               ? 
_entity_src_gen.gene_src_genus                     ? 
_entity_src_gen.pdbx_gene_src_gene                 ? 
_entity_src_gen.gene_src_species                   ? 
_entity_src_gen.gene_src_strain                    'PAC1 (8602)' 
_entity_src_gen.gene_src_tissue                    ? 
_entity_src_gen.gene_src_tissue_fraction           ? 
_entity_src_gen.gene_src_details                   ? 
_entity_src_gen.pdbx_gene_src_fragment             ? 
_entity_src_gen.pdbx_gene_src_scientific_name      'PSEUDOMONAS AERUGINOSA' 
_entity_src_gen.pdbx_gene_src_ncbi_taxonomy_id     287 
_entity_src_gen.pdbx_gene_src_variant              ? 
_entity_src_gen.pdbx_gene_src_cell_line            ? 
_entity_src_gen.pdbx_gene_src_atcc                 ? 
_entity_src_gen.pdbx_gene_src_organ                ? 
_entity_src_gen.pdbx_gene_src_organelle            ? 
_entity_src_gen.pdbx_gene_src_cell                 ? 
_entity_src_gen.pdbx_gene_src_cellular_location    ? 
_entity_src_gen.host_org_common_name               ? 
_entity_src_gen.pdbx_host_org_scientific_name      'ESCHERICHIA COLI' 
_entity_src_gen.pdbx_host_org_ncbi_taxonomy_id     562 
_entity_src_gen.host_org_genus                     ? 
_entity_src_gen.pdbx_host_org_gene                 ? 
_entity_src_gen.pdbx_host_org_organ                ? 
_entity_src_gen.host_org_species                   ? 
_entity_src_gen.pdbx_host_org_tissue               ? 
_entity_src_gen.pdbx_host_org_tissue_fraction      ? 
_entity_src_gen.pdbx_host_org_strain               'B834 (DE3)' 
_entity_src_gen.pdbx_host_org_variant              ? 
_entity_src_gen.pdbx_host_org_cell_line            ? 
_entity_src_gen.pdbx_host_org_atcc                 ? 
_entity_src_gen.pdbx_host_org_culture_collection   ? 
_entity_src_gen.pdbx_host_org_cell                 ? 
_entity_src_gen.pdbx_host_org_organelle            ? 
_entity_src_gen.pdbx_host_org_cellular_location    ? 
_entity_src_gen.pdbx_host_org_vector_type          ? 
_entity_src_gen.pdbx_host_org_vector               'PET 24-A' 
_entity_src_gen.host_org_details                   ? 
_entity_src_gen.expression_system_id               ? 
_entity_src_gen.plasmid_name                       ? 
_entity_src_gen.plasmid_details                    ? 
_entity_src_gen.pdbx_description                   ? 
# 
loop_
_chem_comp.id 
_chem_comp.type 
_chem_comp.mon_nstd_flag 
_chem_comp.name 
_chem_comp.pdbx_synonyms 
_chem_comp.formula 
_chem_comp.formula_weight 
ALA 'L-peptide linking' y ALANINE          ?                               'C3 H7 N O2'     89.093  
ARG 'L-peptide linking' y ARGININE         ?                               'C6 H15 N4 O2 1' 175.209 
ASN 'L-peptide linking' y ASPARAGINE       ?                               'C4 H8 N2 O3'    132.118 
ASP 'L-peptide linking' y 'ASPARTIC ACID'  ?                               'C4 H7 N O4'     133.103 
AZI non-polymer         . 'AZIDE ION'      ?                               'N3 -1'          42.020  
GLN 'L-peptide linking' y GLUTAMINE        ?                               'C5 H10 N2 O3'   146.144 
GLU 'L-peptide linking' y 'GLUTAMIC ACID'  ?                               'C5 H9 N O4'     147.129 
GLY 'peptide linking'   y GLYCINE          ?                               'C2 H5 N O2'     75.067  
GOL non-polymer         . GLYCEROL         'GLYCERIN; PROPANE-1,2,3-TRIOL' 'C3 H8 O3'       92.094  
HIS 'L-peptide linking' y HISTIDINE        ?                               'C6 H10 N3 O2 1' 156.162 
HOH non-polymer         . WATER            ?                               'H2 O'           18.015  
ILE 'L-peptide linking' y ISOLEUCINE       ?                               'C6 H13 N O2'    131.173 
LEU 'L-peptide linking' y LEUCINE          ?                               'C6 H13 N O2'    131.173 
LYS 'L-peptide linking' y LYSINE           ?                               'C6 H15 N2 O2 1' 147.195 
MSE 'L-peptide linking' n SELENOMETHIONINE ?                               'C5 H11 N O2 Se' 196.106 
PHE 'L-peptide linking' y PHENYLALANINE    ?                               'C9 H11 N O2'    165.189 
PRO 'L-peptide linking' y PROLINE          ?                               'C5 H9 N O2'     115.130 
SER 'L-peptide linking' y SERINE           ?                               'C3 H7 N O3'     105.093 
SO4 non-polymer         . 'SULFATE ION'    ?                               'O4 S -2'        96.063  
THR 'L-peptide linking' y THREONINE        ?                               'C4 H9 N O3'     119.119 
TRP 'L-peptide linking' y TRYPTOPHAN       ?                               'C11 H12 N2 O2'  204.225 
TYR 'L-peptide linking' y TYROSINE         ?                               'C9 H11 N O3'    181.189 
VAL 'L-peptide linking' y VALINE           ?                               'C5 H11 N O2'    117.146 
# 
loop_
_pdbx_poly_seq_scheme.asym_id 
_pdbx_poly_seq_scheme.entity_id 
_pdbx_poly_seq_scheme.seq_id 
_pdbx_poly_seq_scheme.mon_id 
_pdbx_poly_seq_scheme.ndb_seq_num 
_pdbx_poly_seq_scheme.pdb_seq_num 
_pdbx_poly_seq_scheme.auth_seq_num 
_pdbx_poly_seq_scheme.pdb_mon_id 
_pdbx_poly_seq_scheme.auth_mon_id 
_pdbx_poly_seq_scheme.pdb_strand_id 
_pdbx_poly_seq_scheme.pdb_ins_code 
_pdbx_poly_seq_scheme.hetero 
A 1 1   MSE 1   1   ?   ?   ?   A . n 
A 1 2   SER 2   2   ?   ?   ?   A . n 
A 1 3   ALA 3   3   3   ALA ALA A . n 
A 1 4   SER 4   4   4   SER SER A . n 
A 1 5   ILE 5   5   5   ILE ILE A . n 
A 1 6   ARG 6   6   6   ARG ARG A . n 
A 1 7   ASP 7   7   7   ASP ASP A . n 
A 1 8   ALA 8   8   8   ALA ALA A . n 
A 1 9   GLY 9   9   9   GLY GLY A . n 
A 1 10  VAL 10  10  10  VAL VAL A . n 
A 1 11  ALA 11  11  11  ALA ALA A . n 
A 1 12  ASP 12  12  12  ASP ASP A . n 
A 1 13  LEU 13  13  13  LEU LEU A . n 
A 1 14  PRO 14  14  14  PRO PRO A . n 
A 1 15  GLY 15  15  15  GLY GLY A . n 
A 1 16  ILE 16  16  16  ILE ILE A . n 
A 1 17  LEU 17  17  17  LEU LEU A . n 
A 1 18  ALA 18  18  18  ALA ALA A . n 
A 1 19  ILE 19  19  19  ILE ILE A . n 
A 1 20  TYR 20  20  20  TYR TYR A . n 
A 1 21  ASN 21  21  21  ASN ASN A . n 
A 1 22  ASP 22  22  22  ASP ASP A . n 
A 1 23  ALA 23  23  23  ALA ALA A . n 
A 1 24  VAL 24  24  24  VAL VAL A . n 
A 1 25  GLY 25  25  25  GLY GLY A . n 
A 1 26  ASN 26  26  26  ASN ASN A . n 
A 1 27  THR 27  27  27  THR THR A . n 
A 1 28  THR 28  28  28  THR THR A . n 
A 1 29  ALA 29  29  29  ALA ALA A . n 
A 1 30  ILE 30  30  30  ILE ILE A . n 
A 1 31  TRP 31  31  31  TRP TRP A . n 
A 1 32  ASN 32  32  32  ASN ASN A . n 
A 1 33  GLU 33  33  33  GLU GLU A . n 
A 1 34  THR 34  34  34  THR THR A . n 
A 1 35  PRO 35  35  35  PRO PRO A . n 
A 1 36  VAL 36  36  36  VAL VAL A . n 
A 1 37  ASP 37  37  37  ASP ASP A . n 
A 1 38  LEU 38  38  38  LEU LEU A . n 
A 1 39  ALA 39  39  39  ALA ALA A . n 
A 1 40  ASN 40  40  40  ASN ASN A . n 
A 1 41  ARG 41  41  41  ARG ARG A . n 
A 1 42  GLN 42  42  42  GLN GLN A . n 
A 1 43  ALA 43  43  43  ALA ALA A . n 
A 1 44  TRP 44  44  44  TRP TRP A . n 
A 1 45  PHE 45  45  45  PHE PHE A . n 
A 1 46  ASP 46  46  46  ASP ASP A . n 
A 1 47  ALA 47  47  47  ALA ALA A . n 
A 1 48  ARG 48  48  48  ARG ARG A . n 
A 1 49  ALA 49  49  49  ALA ALA A . n 
A 1 50  ARG 50  50  50  ARG ARG A . n 
A 1 51  GLN 51  51  51  GLN GLN A . n 
A 1 52  GLY 52  52  52  GLY GLY A . n 
A 1 53  TYR 53  53  53  TYR TYR A . n 
A 1 54  PRO 54  54  54  PRO PRO A . n 
A 1 55  ILE 55  55  55  ILE ILE A . n 
A 1 56  LEU 56  56  56  LEU LEU A . n 
A 1 57  VAL 57  57  57  VAL VAL A . n 
A 1 58  ALA 58  58  58  ALA ALA A . n 
A 1 59  SER 59  59  59  SER SER A . n 
A 1 60  ASP 60  60  60  ASP ASP A . n 
A 1 61  ALA 61  61  61  ALA ALA A . n 
A 1 62  ALA 62  62  62  ALA ALA A . n 
A 1 63  GLY 63  63  63  GLY GLY A . n 
A 1 64  GLU 64  64  64  GLU GLU A . n 
A 1 65  VAL 65  65  65  VAL VAL A . n 
A 1 66  LEU 66  66  66  LEU LEU A . n 
A 1 67  GLY 67  67  67  GLY GLY A . n 
A 1 68  TYR 68  68  68  TYR TYR A . n 
A 1 69  ALA 69  69  69  ALA ALA A . n 
A 1 70  SER 70  70  70  SER SER A . n 
A 1 71  TYR 71  71  71  TYR TYR A . n 
A 1 72  GLY 72  72  72  GLY GLY A . n 
A 1 73  ASP 73  73  73  ASP ASP A . n 
A 1 74  TRP 74  74  74  TRP TRP A . n 
A 1 75  ARG 75  75  75  ARG ARG A . n 
A 1 76  PRO 76  76  76  PRO PRO A . n 
A 1 77  PHE 77  77  77  PHE PHE A . n 
A 1 78  GLU 78  78  78  GLU GLU A . n 
A 1 79  GLY 79  79  79  GLY GLY A . n 
A 1 80  PHE 80  80  80  PHE PHE A . n 
A 1 81  ARG 81  81  81  ARG ARG A . n 
A 1 82  GLY 82  82  82  GLY GLY A . n 
A 1 83  THR 83  83  83  THR THR A . n 
A 1 84  VAL 84  84  84  VAL VAL A . n 
A 1 85  GLU 85  85  85  GLU GLU A . n 
A 1 86  HIS 86  86  86  HIS HIS A . n 
A 1 87  SER 87  87  87  SER SER A . n 
A 1 88  VAL 88  88  88  VAL VAL A . n 
A 1 89  TYR 89  89  89  TYR TYR A . n 
A 1 90  VAL 90  90  90  VAL VAL A . n 
A 1 91  ARG 91  91  91  ARG ARG A . n 
A 1 92  ASP 92  92  92  ASP ASP A . n 
A 1 93  ASP 93  93  93  ASP ASP A . n 
A 1 94  GLN 94  94  94  GLN GLN A . n 
A 1 95  ARG 95  95  95  ARG ARG A . n 
A 1 96  GLY 96  96  96  GLY GLY A . n 
A 1 97  LYS 97  97  97  LYS LYS A . n 
A 1 98  GLY 98  98  98  GLY GLY A . n 
A 1 99  LEU 99  99  99  LEU LEU A . n 
A 1 100 GLY 100 100 100 GLY GLY A . n 
A 1 101 VAL 101 101 101 VAL VAL A . n 
A 1 102 GLN 102 102 102 GLN GLN A . n 
A 1 103 LEU 103 103 103 LEU LEU A . n 
A 1 104 LEU 104 104 104 LEU LEU A . n 
A 1 105 GLN 105 105 105 GLN GLN A . n 
A 1 106 ALA 106 106 106 ALA ALA A . n 
A 1 107 LEU 107 107 107 LEU LEU A . n 
A 1 108 ILE 108 108 108 ILE ILE A . n 
A 1 109 GLU 109 109 109 GLU GLU A . n 
A 1 110 ARG 110 110 110 ARG ARG A . n 
A 1 111 ALA 111 111 111 ALA ALA A . n 
A 1 112 ARG 112 112 112 ARG ARG A . n 
A 1 113 ALA 113 113 113 ALA ALA A . n 
A 1 114 GLN 114 114 114 GLN GLN A . n 
A 1 115 GLY 115 115 115 GLY GLY A . n 
A 1 116 LEU 116 116 116 LEU LEU A . n 
A 1 117 HIS 117 117 117 HIS HIS A . n 
A 1 118 VAL 118 118 118 VAL VAL A . n 
A 1 119 MSE 119 119 119 MSE MSE A . n 
A 1 120 VAL 120 120 120 VAL VAL A . n 
A 1 121 ALA 121 121 121 ALA ALA A . n 
A 1 122 ALA 122 122 122 ALA ALA A . n 
A 1 123 ILE 123 123 123 ILE ILE A . n 
A 1 124 GLU 124 124 124 GLU GLU A . n 
A 1 125 SER 125 125 125 SER SER A . n 
A 1 126 GLY 126 126 126 GLY GLY A . n 
A 1 127 ASN 127 127 127 ASN ASN A . n 
A 1 128 ALA 128 128 128 ALA ALA A . n 
A 1 129 ALA 129 129 129 ALA ALA A . n 
A 1 130 SER 130 130 130 SER SER A . n 
A 1 131 ILE 131 131 131 ILE ILE A . n 
A 1 132 GLY 132 132 132 GLY GLY A . n 
A 1 133 LEU 133 133 133 LEU LEU A . n 
A 1 134 HIS 134 134 134 HIS HIS A . n 
A 1 135 ARG 135 135 135 ARG ARG A . n 
A 1 136 ARG 136 136 136 ARG ARG A . n 
A 1 137 LEU 137 137 137 LEU LEU A . n 
A 1 138 GLY 138 138 138 GLY GLY A . n 
A 1 139 PHE 139 139 139 PHE PHE A . n 
A 1 140 GLU 140 140 140 GLU GLU A . n 
A 1 141 ILE 141 141 141 ILE ILE A . n 
A 1 142 SER 142 142 142 SER SER A . n 
A 1 143 GLY 143 143 143 GLY GLY A . n 
A 1 144 GLN 144 144 144 GLN GLN A . n 
A 1 145 MSE 145 145 145 MSE MSE A . n 
A 1 146 PRO 146 146 146 PRO PRO A . n 
A 1 147 GLN 147 147 147 GLN GLN A . n 
A 1 148 VAL 148 148 148 VAL VAL A . n 
A 1 149 GLY 149 149 149 GLY GLY A . n 
A 1 150 GLN 150 150 150 GLN GLN A . n 
A 1 151 LYS 151 151 151 LYS LYS A . n 
A 1 152 PHE 152 152 152 PHE PHE A . n 
A 1 153 GLY 153 153 153 GLY GLY A . n 
A 1 154 ARG 154 154 154 ARG ARG A . n 
A 1 155 TRP 155 155 155 TRP TRP A . n 
A 1 156 LEU 156 156 156 LEU LEU A . n 
A 1 157 ASP 157 157 157 ASP ASP A . n 
A 1 158 LEU 158 158 158 LEU LEU A . n 
A 1 159 THR 159 159 159 THR THR A . n 
A 1 160 PHE 160 160 160 PHE PHE A . n 
A 1 161 MSE 161 161 161 MSE MSE A . n 
A 1 162 GLN 162 162 162 GLN GLN A . n 
A 1 163 LEU 163 163 163 LEU LEU A . n 
A 1 164 ASN 164 164 164 ASN ASN A . n 
A 1 165 LEU 165 165 165 LEU LEU A . n 
A 1 166 ASP 166 166 166 ASP ASP A . n 
A 1 167 PRO 167 167 167 PRO PRO A . n 
A 1 168 THR 168 168 168 THR THR A . n 
A 1 169 ARG 169 169 169 ARG ARG A . n 
A 1 170 SER 170 170 170 SER SER A . n 
A 1 171 ALA 171 171 171 ALA ALA A . n 
A 1 172 PRO 172 172 172 PRO PRO A . n 
# 
loop_
_pdbx_nonpoly_scheme.asym_id 
_pdbx_nonpoly_scheme.entity_id 
_pdbx_nonpoly_scheme.mon_id 
_pdbx_nonpoly_scheme.ndb_seq_num 
_pdbx_nonpoly_scheme.pdb_seq_num 
_pdbx_nonpoly_scheme.auth_seq_num 
_pdbx_nonpoly_scheme.pdb_mon_id 
_pdbx_nonpoly_scheme.auth_mon_id 
_pdbx_nonpoly_scheme.pdb_strand_id 
_pdbx_nonpoly_scheme.pdb_ins_code 
B 2 AZI 1   1173 1173 AZI AZI A . 
C 2 AZI 1   1174 1174 AZI AZI A . 
D 3 GOL 1   1175 1175 GOL GOL A . 
E 3 GOL 1   1176 1176 GOL GOL A . 
F 3 GOL 1   1177 1177 GOL GOL A . 
G 3 GOL 1   1178 1178 GOL GOL A . 
H 4 SO4 1   1179 1179 SO4 SO4 A . 
I 5 HOH 1   2001 2001 HOH HOH A . 
I 5 HOH 2   2002 2002 HOH HOH A . 
I 5 HOH 3   2003 2003 HOH HOH A . 
I 5 HOH 4   2004 2004 HOH HOH A . 
I 5 HOH 5   2005 2005 HOH HOH A . 
I 5 HOH 6   2006 2006 HOH HOH A . 
I 5 HOH 7   2007 2007 HOH HOH A . 
I 5 HOH 8   2008 2008 HOH HOH A . 
I 5 HOH 9   2009 2009 HOH HOH A . 
I 5 HOH 10  2010 2010 HOH HOH A . 
I 5 HOH 11  2011 2011 HOH HOH A . 
I 5 HOH 12  2012 2012 HOH HOH A . 
I 5 HOH 13  2013 2013 HOH HOH A . 
I 5 HOH 14  2014 2014 HOH HOH A . 
I 5 HOH 15  2015 2015 HOH HOH A . 
I 5 HOH 16  2016 2016 HOH HOH A . 
I 5 HOH 17  2017 2017 HOH HOH A . 
I 5 HOH 18  2018 2018 HOH HOH A . 
I 5 HOH 19  2019 2019 HOH HOH A . 
I 5 HOH 20  2020 2020 HOH HOH A . 
I 5 HOH 21  2021 2021 HOH HOH A . 
I 5 HOH 22  2022 2022 HOH HOH A . 
I 5 HOH 23  2023 2023 HOH HOH A . 
I 5 HOH 24  2024 2024 HOH HOH A . 
I 5 HOH 25  2025 2025 HOH HOH A . 
I 5 HOH 26  2026 2026 HOH HOH A . 
I 5 HOH 27  2027 2027 HOH HOH A . 
I 5 HOH 28  2028 2028 HOH HOH A . 
I 5 HOH 29  2029 2029 HOH HOH A . 
I 5 HOH 30  2030 2030 HOH HOH A . 
I 5 HOH 31  2031 2031 HOH HOH A . 
I 5 HOH 32  2032 2032 HOH HOH A . 
I 5 HOH 33  2033 2033 HOH HOH A . 
I 5 HOH 34  2034 2034 HOH HOH A . 
I 5 HOH 35  2035 2035 HOH HOH A . 
I 5 HOH 36  2036 2036 HOH HOH A . 
I 5 HOH 37  2037 2037 HOH HOH A . 
I 5 HOH 38  2038 2038 HOH HOH A . 
I 5 HOH 39  2039 2039 HOH HOH A . 
I 5 HOH 40  2040 2040 HOH HOH A . 
I 5 HOH 41  2041 2041 HOH HOH A . 
I 5 HOH 42  2042 2042 HOH HOH A . 
I 5 HOH 43  2043 2043 HOH HOH A . 
I 5 HOH 44  2044 2044 HOH HOH A . 
I 5 HOH 45  2045 2045 HOH HOH A . 
I 5 HOH 46  2046 2046 HOH HOH A . 
I 5 HOH 47  2047 2047 HOH HOH A . 
I 5 HOH 48  2048 2048 HOH HOH A . 
I 5 HOH 49  2049 2049 HOH HOH A . 
I 5 HOH 50  2050 2050 HOH HOH A . 
I 5 HOH 51  2051 2051 HOH HOH A . 
I 5 HOH 52  2052 2052 HOH HOH A . 
I 5 HOH 53  2053 2053 HOH HOH A . 
I 5 HOH 54  2054 2054 HOH HOH A . 
I 5 HOH 55  2055 2055 HOH HOH A . 
I 5 HOH 56  2056 2056 HOH HOH A . 
I 5 HOH 57  2057 2057 HOH HOH A . 
I 5 HOH 58  2058 2058 HOH HOH A . 
I 5 HOH 59  2059 2059 HOH HOH A . 
I 5 HOH 60  2060 2060 HOH HOH A . 
I 5 HOH 61  2061 2061 HOH HOH A . 
I 5 HOH 62  2062 2062 HOH HOH A . 
I 5 HOH 63  2063 2063 HOH HOH A . 
I 5 HOH 64  2064 2064 HOH HOH A . 
I 5 HOH 65  2065 2065 HOH HOH A . 
I 5 HOH 66  2066 2066 HOH HOH A . 
I 5 HOH 67  2067 2067 HOH HOH A . 
I 5 HOH 68  2068 2068 HOH HOH A . 
I 5 HOH 69  2069 2069 HOH HOH A . 
I 5 HOH 70  2070 2070 HOH HOH A . 
I 5 HOH 71  2071 2071 HOH HOH A . 
I 5 HOH 72  2072 2072 HOH HOH A . 
I 5 HOH 73  2073 2073 HOH HOH A . 
I 5 HOH 74  2074 2074 HOH HOH A . 
I 5 HOH 75  2075 2075 HOH HOH A . 
I 5 HOH 76  2076 2076 HOH HOH A . 
I 5 HOH 77  2077 2077 HOH HOH A . 
I 5 HOH 78  2078 2078 HOH HOH A . 
I 5 HOH 79  2079 2079 HOH HOH A . 
I 5 HOH 80  2080 2080 HOH HOH A . 
I 5 HOH 81  2081 2081 HOH HOH A . 
I 5 HOH 82  2082 2082 HOH HOH A . 
I 5 HOH 83  2083 2083 HOH HOH A . 
I 5 HOH 84  2084 2084 HOH HOH A . 
I 5 HOH 85  2085 2085 HOH HOH A . 
I 5 HOH 86  2086 2086 HOH HOH A . 
I 5 HOH 87  2087 2087 HOH HOH A . 
I 5 HOH 88  2088 2088 HOH HOH A . 
I 5 HOH 89  2089 2089 HOH HOH A . 
I 5 HOH 90  2090 2090 HOH HOH A . 
I 5 HOH 91  2091 2091 HOH HOH A . 
I 5 HOH 92  2092 2092 HOH HOH A . 
I 5 HOH 93  2093 2093 HOH HOH A . 
I 5 HOH 94  2094 2094 HOH HOH A . 
I 5 HOH 95  2095 2095 HOH HOH A . 
I 5 HOH 96  2096 2096 HOH HOH A . 
I 5 HOH 97  2097 2097 HOH HOH A . 
I 5 HOH 98  2098 2098 HOH HOH A . 
I 5 HOH 99  2099 2099 HOH HOH A . 
I 5 HOH 100 2100 2100 HOH HOH A . 
I 5 HOH 101 2101 2101 HOH HOH A . 
I 5 HOH 102 2102 2102 HOH HOH A . 
I 5 HOH 103 2103 2103 HOH HOH A . 
I 5 HOH 104 2104 2104 HOH HOH A . 
I 5 HOH 105 2105 2105 HOH HOH A . 
I 5 HOH 106 2106 2106 HOH HOH A . 
I 5 HOH 107 2107 2107 HOH HOH A . 
I 5 HOH 108 2108 2108 HOH HOH A . 
I 5 HOH 109 2109 2109 HOH HOH A . 
I 5 HOH 110 2110 2110 HOH HOH A . 
I 5 HOH 111 2111 2111 HOH HOH A . 
I 5 HOH 112 2112 2112 HOH HOH A . 
I 5 HOH 113 2113 2113 HOH HOH A . 
I 5 HOH 114 2114 2114 HOH HOH A . 
I 5 HOH 115 2115 2115 HOH HOH A . 
I 5 HOH 116 2116 2116 HOH HOH A . 
I 5 HOH 117 2117 2117 HOH HOH A . 
I 5 HOH 118 2118 2118 HOH HOH A . 
I 5 HOH 119 2119 2119 HOH HOH A . 
I 5 HOH 120 2120 2120 HOH HOH A . 
I 5 HOH 121 2121 2121 HOH HOH A . 
I 5 HOH 122 2122 2122 HOH HOH A . 
I 5 HOH 123 2123 2123 HOH HOH A . 
I 5 HOH 124 2124 2124 HOH HOH A . 
I 5 HOH 125 2125 2125 HOH HOH A . 
I 5 HOH 126 2126 2126 HOH HOH A . 
I 5 HOH 127 2127 2127 HOH HOH A . 
I 5 HOH 128 2128 2128 HOH HOH A . 
I 5 HOH 129 2129 2129 HOH HOH A . 
I 5 HOH 130 2130 2130 HOH HOH A . 
I 5 HOH 131 2131 2131 HOH HOH A . 
I 5 HOH 132 2132 2132 HOH HOH A . 
I 5 HOH 133 2133 2133 HOH HOH A . 
I 5 HOH 134 2134 2134 HOH HOH A . 
I 5 HOH 135 2135 2135 HOH HOH A . 
I 5 HOH 136 2136 2136 HOH HOH A . 
I 5 HOH 137 2137 2137 HOH HOH A . 
I 5 HOH 138 2138 2138 HOH HOH A . 
I 5 HOH 139 2139 2139 HOH HOH A . 
I 5 HOH 140 2140 2140 HOH HOH A . 
I 5 HOH 141 2141 2141 HOH HOH A . 
I 5 HOH 142 2142 2142 HOH HOH A . 
I 5 HOH 143 2143 2143 HOH HOH A . 
I 5 HOH 144 2144 2144 HOH HOH A . 
I 5 HOH 145 2145 2145 HOH HOH A . 
I 5 HOH 146 2146 2146 HOH HOH A . 
I 5 HOH 147 2147 2147 HOH HOH A . 
I 5 HOH 148 2148 2148 HOH HOH A . 
I 5 HOH 149 2149 2149 HOH HOH A . 
I 5 HOH 150 2150 2150 HOH HOH A . 
I 5 HOH 151 2151 2151 HOH HOH A . 
I 5 HOH 152 2152 2152 HOH HOH A . 
I 5 HOH 153 2153 2153 HOH HOH A . 
I 5 HOH 154 2154 2154 HOH HOH A . 
I 5 HOH 155 2155 2155 HOH HOH A . 
I 5 HOH 156 2156 2156 HOH HOH A . 
I 5 HOH 157 2157 2157 HOH HOH A . 
I 5 HOH 158 2158 2158 HOH HOH A . 
I 5 HOH 159 2159 2159 HOH HOH A . 
I 5 HOH 160 2160 2160 HOH HOH A . 
I 5 HOH 161 2161 2161 HOH HOH A . 
I 5 HOH 162 2162 2162 HOH HOH A . 
I 5 HOH 163 2163 2163 HOH HOH A . 
I 5 HOH 164 2164 2164 HOH HOH A . 
I 5 HOH 165 2165 2165 HOH HOH A . 
I 5 HOH 166 2166 2166 HOH HOH A . 
I 5 HOH 167 2167 2167 HOH HOH A . 
I 5 HOH 168 2168 2168 HOH HOH A . 
I 5 HOH 169 2169 2169 HOH HOH A . 
I 5 HOH 170 2170 2170 HOH HOH A . 
I 5 HOH 171 2171 2171 HOH HOH A . 
I 5 HOH 172 2172 2172 HOH HOH A . 
I 5 HOH 173 2173 2173 HOH HOH A . 
I 5 HOH 174 2174 2174 HOH HOH A . 
I 5 HOH 175 2175 2175 HOH HOH A . 
I 5 HOH 176 2176 2176 HOH HOH A . 
I 5 HOH 177 2177 2177 HOH HOH A . 
I 5 HOH 178 2178 2178 HOH HOH A . 
I 5 HOH 179 2179 2179 HOH HOH A . 
I 5 HOH 180 2180 2180 HOH HOH A . 
I 5 HOH 181 2181 2181 HOH HOH A . 
I 5 HOH 182 2182 2182 HOH HOH A . 
I 5 HOH 183 2183 2183 HOH HOH A . 
I 5 HOH 184 2184 2184 HOH HOH A . 
I 5 HOH 185 2185 2185 HOH HOH A . 
I 5 HOH 186 2186 2186 HOH HOH A . 
I 5 HOH 187 2187 2187 HOH HOH A . 
I 5 HOH 188 2188 2188 HOH HOH A . 
I 5 HOH 189 2189 2189 HOH HOH A . 
I 5 HOH 190 2190 2190 HOH HOH A . 
I 5 HOH 191 2191 2191 HOH HOH A . 
I 5 HOH 192 2192 2192 HOH HOH A . 
I 5 HOH 193 2193 2193 HOH HOH A . 
I 5 HOH 194 2194 2194 HOH HOH A . 
I 5 HOH 195 2195 2195 HOH HOH A . 
I 5 HOH 196 2196 2196 HOH HOH A . 
I 5 HOH 197 2197 2197 HOH HOH A . 
I 5 HOH 198 2198 2198 HOH HOH A . 
I 5 HOH 199 2199 2199 HOH HOH A . 
I 5 HOH 200 2200 2200 HOH HOH A . 
I 5 HOH 201 2201 2201 HOH HOH A . 
I 5 HOH 202 2202 2202 HOH HOH A . 
I 5 HOH 203 2203 2203 HOH HOH A . 
I 5 HOH 204 2204 2204 HOH HOH A . 
I 5 HOH 205 2205 2205 HOH HOH A . 
I 5 HOH 206 2206 2206 HOH HOH A . 
I 5 HOH 207 2207 2207 HOH HOH A . 
I 5 HOH 208 2208 2208 HOH HOH A . 
I 5 HOH 209 2209 2209 HOH HOH A . 
I 5 HOH 210 2210 2210 HOH HOH A . 
I 5 HOH 211 2211 2211 HOH HOH A . 
I 5 HOH 212 2212 2212 HOH HOH A . 
I 5 HOH 213 2213 2213 HOH HOH A . 
# 
loop_
_pdbx_unobs_or_zero_occ_atoms.id 
_pdbx_unobs_or_zero_occ_atoms.PDB_model_num 
_pdbx_unobs_or_zero_occ_atoms.polymer_flag 
_pdbx_unobs_or_zero_occ_atoms.occupancy_flag 
_pdbx_unobs_or_zero_occ_atoms.auth_asym_id 
_pdbx_unobs_or_zero_occ_atoms.auth_comp_id 
_pdbx_unobs_or_zero_occ_atoms.auth_seq_id 
_pdbx_unobs_or_zero_occ_atoms.PDB_ins_code 
_pdbx_unobs_or_zero_occ_atoms.auth_atom_id 
_pdbx_unobs_or_zero_occ_atoms.label_alt_id 
_pdbx_unobs_or_zero_occ_atoms.label_asym_id 
_pdbx_unobs_or_zero_occ_atoms.label_comp_id 
_pdbx_unobs_or_zero_occ_atoms.label_seq_id 
_pdbx_unobs_or_zero_occ_atoms.label_atom_id 
1 1 Y 1 A GLU 33 ? CG  ? A GLU 33 CG  
2 1 Y 1 A GLU 33 ? CD  ? A GLU 33 CD  
3 1 Y 1 A GLU 33 ? OE1 ? A GLU 33 OE1 
4 1 Y 1 A GLU 33 ? OE2 ? A GLU 33 OE2 
# 
loop_
_software.name 
_software.classification 
_software.version 
_software.citation_id 
_software.pdbx_ordinal 
CNS   refinement       1.1 ? 1 
DENZO 'data reduction' .   ? 2 
SCALA 'data scaling'   .   ? 3 
SOLVE phasing          .   ? 4 
# 
_cell.entry_id           2BL1 
_cell.length_a           79.990 
_cell.length_b           79.990 
_cell.length_c           61.730 
_cell.angle_alpha        90.00 
_cell.angle_beta         90.00 
_cell.angle_gamma        90.00 
_cell.Z_PDB              8 
_cell.pdbx_unique_axis   ? 
# 
_symmetry.entry_id                         2BL1 
_symmetry.space_group_name_H-M             'P 43 21 2' 
_symmetry.pdbx_full_space_group_name_H-M   ? 
_symmetry.cell_setting                     ? 
_symmetry.Int_Tables_number                96 
# 
_exptl.entry_id          2BL1 
_exptl.method            'X-RAY DIFFRACTION' 
_exptl.crystals_number   1 
# 
_exptl_crystal.id                    1 
_exptl_crystal.density_meas          ? 
_exptl_crystal.density_Matthews      2.23 
_exptl_crystal.density_percent_sol   44.39 
_exptl_crystal.description           NONE 
# 
_exptl_crystal_grow.crystal_id      1 
_exptl_crystal_grow.method          'VAPOR DIFFUSION, HANGING DROP' 
_exptl_crystal_grow.temp            ? 
_exptl_crystal_grow.temp_details    ? 
_exptl_crystal_grow.pH              7.3 
_exptl_crystal_grow.pdbx_pH_range   ? 
_exptl_crystal_grow.pdbx_details    
;PROTEIN WAS CRYSTALLISED USING HANGING DROP VAPOUR DIFFUSION. RESERVOIR SOLUTION CONTAINED 1ML OF 0.1M HEPES AT PH7.3, 23-27% PEG 8000 AND 0.1% AZIDE. DROP SIZE WAS 1 MICROLITRE, TO WHICH 1 MICROLITRE OF PROTEIN SOLUTION AT 10 MG/ML WAS ADDED.
;
# 
_diffrn.id                     1 
_diffrn.ambient_temp           100 
_diffrn.ambient_temp_details   ? 
_diffrn.crystal_id             1 
# 
_diffrn_detector.diffrn_id              1 
_diffrn_detector.detector               CCD 
_diffrn_detector.type                   'ADSC CCD' 
_diffrn_detector.pdbx_collection_date   2004-03-23 
_diffrn_detector.details                ? 
# 
_diffrn_radiation.diffrn_id                        1 
_diffrn_radiation.wavelength_id                    1 
_diffrn_radiation.pdbx_monochromatic_or_laue_m_l   M 
_diffrn_radiation.monochromator                    ? 
_diffrn_radiation.pdbx_diffrn_protocol             'SINGLE WAVELENGTH' 
_diffrn_radiation.pdbx_scattering_type             x-ray 
# 
_diffrn_radiation_wavelength.id           1 
_diffrn_radiation_wavelength.wavelength   0.975 
_diffrn_radiation_wavelength.wt           1.0 
# 
_diffrn_source.diffrn_id                   1 
_diffrn_source.source                      SYNCHROTRON 
_diffrn_source.type                        'SRS BEAMLINE PX14.2' 
_diffrn_source.pdbx_synchrotron_site       SRS 
_diffrn_source.pdbx_synchrotron_beamline   PX14.2 
_diffrn_source.pdbx_wavelength             0.975 
_diffrn_source.pdbx_wavelength_list        ? 
# 
_reflns.pdbx_diffrn_id               1 
_reflns.pdbx_ordinal                 1 
_reflns.entry_id                     2BL1 
_reflns.observed_criterion_sigma_I   0.0 
_reflns.observed_criterion_sigma_F   ? 
_reflns.d_resolution_low             70.00 
_reflns.d_resolution_high            2.00 
_reflns.number_obs                   13388 
_reflns.number_all                   ? 
_reflns.percent_possible_obs         96.1 
_reflns.pdbx_Rmerge_I_obs            0.10 
_reflns.pdbx_Rsym_value              ? 
_reflns.pdbx_netI_over_sigmaI        4.60 
_reflns.B_iso_Wilson_estimate        21.11 
_reflns.pdbx_redundancy              12.8 
# 
_reflns_shell.pdbx_diffrn_id         1 
_reflns_shell.pdbx_ordinal           1 
_reflns_shell.d_res_high             2.00 
_reflns_shell.d_res_low              2.05 
_reflns_shell.percent_possible_all   96.1 
_reflns_shell.Rmerge_I_obs           0.28 
_reflns_shell.pdbx_Rsym_value        ? 
_reflns_shell.meanI_over_sigI_obs    2.60 
_reflns_shell.pdbx_redundancy        12.7 
# 
_refine.pdbx_refine_id                           'X-RAY DIFFRACTION' 
_refine.entry_id                                 2BL1 
_refine.pdbx_diffrn_id                           1 
_refine.pdbx_TLS_residual_ADP_flag               ? 
_refine.ls_number_reflns_obs                     13388 
_refine.ls_number_reflns_all                     ? 
_refine.pdbx_ls_sigma_I                          ? 
_refine.pdbx_ls_sigma_F                          0 
_refine.pdbx_data_cutoff_high_absF               ? 
_refine.pdbx_data_cutoff_low_absF                ? 
_refine.pdbx_data_cutoff_high_rms_absF           ? 
_refine.ls_d_res_low                             6 
_refine.ls_d_res_high                            2 
_refine.ls_percent_reflns_obs                    96.1 
_refine.ls_R_factor_obs                          0.1974 
_refine.ls_R_factor_all                          ? 
_refine.ls_R_factor_R_work                       0.1974 
_refine.ls_R_factor_R_free                       0.2294 
_refine.ls_R_factor_R_free_error                 ? 
_refine.ls_R_factor_R_free_error_details         ? 
_refine.ls_percent_reflns_R_free                 4.92 
_refine.ls_number_reflns_R_free                  659 
_refine.ls_number_parameters                     ? 
_refine.ls_number_restraints                     ? 
_refine.occupancy_min                            ? 
_refine.occupancy_max                            ? 
_refine.correlation_coeff_Fo_to_Fc               ? 
_refine.correlation_coeff_Fo_to_Fc_free          ? 
_refine.B_iso_mean                               24.04 
_refine.aniso_B[1][1]                            ? 
_refine.aniso_B[2][2]                            ? 
_refine.aniso_B[3][3]                            ? 
_refine.aniso_B[1][2]                            ? 
_refine.aniso_B[1][3]                            ? 
_refine.aniso_B[2][3]                            ? 
_refine.solvent_model_details                    ? 
_refine.solvent_model_param_ksol                 0.345 
_refine.solvent_model_param_bsol                 61.36 
_refine.pdbx_solvent_vdw_probe_radii             ? 
_refine.pdbx_solvent_ion_probe_radii             ? 
_refine.pdbx_solvent_shrinkage_radii             ? 
_refine.pdbx_ls_cross_valid_method               THROUGHOUT 
_refine.details                                  'RESIDUES A 1 AND A 2 WERE DISORDERED AND THEREFORE NOT MODELLED' 
_refine.pdbx_starting_model                      NONE 
_refine.pdbx_method_to_determine_struct          SAD 
_refine.pdbx_isotropic_thermal_model             ? 
_refine.pdbx_stereochemistry_target_values       'MAXIMUM LIKELIHOOD' 
_refine.pdbx_stereochem_target_val_spec_case     ? 
_refine.pdbx_R_Free_selection_details            RANDOM 
_refine.pdbx_overall_ESU_R                       ? 
_refine.pdbx_overall_ESU_R_Free                  ? 
_refine.overall_SU_ML                            ? 
_refine.pdbx_overall_phase_error                 ? 
_refine.overall_SU_B                             ? 
_refine.overall_SU_R_Cruickshank_DPI             ? 
_refine.pdbx_overall_SU_R_free_Cruickshank_DPI   ? 
_refine.pdbx_overall_SU_R_Blow_DPI               ? 
_refine.pdbx_overall_SU_R_free_Blow_DPI          ? 
# 
_refine_analyze.pdbx_refine_id                  'X-RAY DIFFRACTION' 
_refine_analyze.entry_id                        2BL1 
_refine_analyze.Luzzati_coordinate_error_obs    0.22 
_refine_analyze.Luzzati_sigma_a_obs             0.18 
_refine_analyze.Luzzati_d_res_low_obs           6 
_refine_analyze.Luzzati_coordinate_error_free   ? 
_refine_analyze.Luzzati_sigma_a_free            ? 
_refine_analyze.Luzzati_d_res_low_free          ? 
_refine_analyze.number_disordered_residues      ? 
_refine_analyze.occupancy_sum_hydrogen          ? 
_refine_analyze.occupancy_sum_non_hydrogen      ? 
# 
_refine_hist.pdbx_refine_id                   'X-RAY DIFFRACTION' 
_refine_hist.cycle_id                         LAST 
_refine_hist.pdbx_number_atoms_protein        1303 
_refine_hist.pdbx_number_atoms_nucleic_acid   0 
_refine_hist.pdbx_number_atoms_ligand         35 
_refine_hist.number_atoms_solvent             213 
_refine_hist.number_atoms_total               1551 
_refine_hist.d_res_high                       2 
_refine_hist.d_res_low                        6 
# 
loop_
_refine_ls_restr.type 
_refine_ls_restr.dev_ideal 
_refine_ls_restr.dev_ideal_target 
_refine_ls_restr.weight 
_refine_ls_restr.number 
_refine_ls_restr.pdbx_refine_id 
_refine_ls_restr.pdbx_restraint_function 
c_bond_d                0.019 ? ? ? 'X-RAY DIFFRACTION' ? 
c_bond_d_na             ?     ? ? ? 'X-RAY DIFFRACTION' ? 
c_bond_d_prot           ?     ? ? ? 'X-RAY DIFFRACTION' ? 
c_angle_d               ?     ? ? ? 'X-RAY DIFFRACTION' ? 
c_angle_d_na            ?     ? ? ? 'X-RAY DIFFRACTION' ? 
c_angle_d_prot          ?     ? ? ? 'X-RAY DIFFRACTION' ? 
c_angle_deg             1.41  ? ? ? 'X-RAY DIFFRACTION' ? 
c_angle_deg_na          ?     ? ? ? 'X-RAY DIFFRACTION' ? 
c_angle_deg_prot        ?     ? ? ? 'X-RAY DIFFRACTION' ? 
c_dihedral_angle_d      24.68 ? ? ? 'X-RAY DIFFRACTION' ? 
c_dihedral_angle_d_na   ?     ? ? ? 'X-RAY DIFFRACTION' ? 
c_dihedral_angle_d_prot ?     ? ? ? 'X-RAY DIFFRACTION' ? 
c_improper_angle_d      1.06  ? ? ? 'X-RAY DIFFRACTION' ? 
c_improper_angle_d_na   ?     ? ? ? 'X-RAY DIFFRACTION' ? 
c_improper_angle_d_prot ?     ? ? ? 'X-RAY DIFFRACTION' ? 
c_mcbond_it             ?     ? ? ? 'X-RAY DIFFRACTION' ? 
c_mcangle_it            ?     ? ? ? 'X-RAY DIFFRACTION' ? 
c_scbond_it             ?     ? ? ? 'X-RAY DIFFRACTION' ? 
c_scangle_it            ?     ? ? ? 'X-RAY DIFFRACTION' ? 
# 
_refine_ls_shell.pdbx_refine_id                   'X-RAY DIFFRACTION' 
_refine_ls_shell.pdbx_total_number_of_bins_used   13 
_refine_ls_shell.d_res_high                       2.0 
_refine_ls_shell.d_res_low                        2.05 
_refine_ls_shell.number_reflns_R_work             954 
_refine_ls_shell.R_factor_R_work                  0.2656 
_refine_ls_shell.percent_reflns_obs               ? 
_refine_ls_shell.R_factor_R_free                  0.2509 
_refine_ls_shell.R_factor_R_free_error            ? 
_refine_ls_shell.percent_reflns_R_free            ? 
_refine_ls_shell.number_reflns_R_free             57 
_refine_ls_shell.number_reflns_all                ? 
_refine_ls_shell.R_factor_all                     ? 
# 
_struct.entry_id                  2BL1 
_struct.title                     
'Crystal structure of a putative phosphinothricin Acetyltransferase (PA4866) from Pseudomonas aeruginosa PAC1' 
_struct.pdbx_model_details        ? 
_struct.pdbx_CASP_flag            ? 
_struct.pdbx_model_type_details   ? 
# 
_struct_keywords.entry_id        2BL1 
_struct_keywords.pdbx_keywords   TRANSFERASE 
_struct_keywords.text            
'GNAT, N-ACETYLTRANSFERASE, HYPOTHETICAL PROTEIN, PHOSPHINOTHRICIN, GCN5 FAMILY, PSEUDOMONAS AERUGINOSA, TRANSFERASE' 
# 
loop_
_struct_asym.id 
_struct_asym.pdbx_blank_PDB_chainid_flag 
_struct_asym.pdbx_modified 
_struct_asym.entity_id 
_struct_asym.details 
A N N 1 ? 
B N N 2 ? 
C N N 2 ? 
D N N 3 ? 
E N N 3 ? 
F N N 3 ? 
G N N 3 ? 
H N N 4 ? 
I N N 5 ? 
# 
_struct_ref.id                         1 
_struct_ref.db_name                    UNP 
_struct_ref.db_code                    Q9HUU7_PSEAE 
_struct_ref.entity_id                  1 
_struct_ref.pdbx_seq_one_letter_code   ? 
_struct_ref.pdbx_align_begin           ? 
_struct_ref.pdbx_db_accession          Q9HUU7 
_struct_ref.pdbx_db_isoform            ? 
# 
_struct_ref_seq.align_id                      1 
_struct_ref_seq.ref_id                        1 
_struct_ref_seq.pdbx_PDB_id_code              2BL1 
_struct_ref_seq.pdbx_strand_id                A 
_struct_ref_seq.seq_align_beg                 1 
_struct_ref_seq.pdbx_seq_align_beg_ins_code   ? 
_struct_ref_seq.seq_align_end                 172 
_struct_ref_seq.pdbx_seq_align_end_ins_code   ? 
_struct_ref_seq.pdbx_db_accession             Q9HUU7 
_struct_ref_seq.db_align_beg                  1 
_struct_ref_seq.pdbx_db_align_beg_ins_code    ? 
_struct_ref_seq.db_align_end                  172 
_struct_ref_seq.pdbx_db_align_end_ins_code    ? 
_struct_ref_seq.pdbx_auth_seq_align_beg       1 
_struct_ref_seq.pdbx_auth_seq_align_end       172 
# 
_struct_ref_seq_dif.align_id                     1 
_struct_ref_seq_dif.pdbx_pdb_id_code             2BL1 
_struct_ref_seq_dif.mon_id                       ALA 
_struct_ref_seq_dif.pdbx_pdb_strand_id           A 
_struct_ref_seq_dif.seq_num                      47 
_struct_ref_seq_dif.pdbx_pdb_ins_code            ? 
_struct_ref_seq_dif.pdbx_seq_db_name             UNP 
_struct_ref_seq_dif.pdbx_seq_db_accession_code   Q9HUU7 
_struct_ref_seq_dif.db_mon_id                    THR 
_struct_ref_seq_dif.pdbx_seq_db_seq_num          47 
_struct_ref_seq_dif.details                      variant 
_struct_ref_seq_dif.pdbx_auth_seq_num            47 
_struct_ref_seq_dif.pdbx_ordinal                 1 
# 
_pdbx_struct_assembly.id                   1 
_pdbx_struct_assembly.details              author_and_software_defined_assembly 
_pdbx_struct_assembly.method_details       PQS 
_pdbx_struct_assembly.oligomeric_details   monomeric 
_pdbx_struct_assembly.oligomeric_count     1 
# 
_pdbx_struct_assembly_gen.assembly_id       1 
_pdbx_struct_assembly_gen.oper_expression   1 
_pdbx_struct_assembly_gen.asym_id_list      A,B,C,D,E,F,G,H,I 
# 
_pdbx_struct_oper_list.id                   1 
_pdbx_struct_oper_list.type                 'identity operation' 
_pdbx_struct_oper_list.name                 1_555 
_pdbx_struct_oper_list.symmetry_operation   x,y,z 
_pdbx_struct_oper_list.matrix[1][1]         1.0000000000 
_pdbx_struct_oper_list.matrix[1][2]         0.0000000000 
_pdbx_struct_oper_list.matrix[1][3]         0.0000000000 
_pdbx_struct_oper_list.vector[1]            0.0000000000 
_pdbx_struct_oper_list.matrix[2][1]         0.0000000000 
_pdbx_struct_oper_list.matrix[2][2]         1.0000000000 
_pdbx_struct_oper_list.matrix[2][3]         0.0000000000 
_pdbx_struct_oper_list.vector[2]            0.0000000000 
_pdbx_struct_oper_list.matrix[3][1]         0.0000000000 
_pdbx_struct_oper_list.matrix[3][2]         0.0000000000 
_pdbx_struct_oper_list.matrix[3][3]         1.0000000000 
_pdbx_struct_oper_list.vector[3]            0.0000000000 
# 
_struct_biol.id   1 
# 
loop_
_struct_conf.conf_type_id 
_struct_conf.id 
_struct_conf.pdbx_PDB_helix_id 
_struct_conf.beg_label_comp_id 
_struct_conf.beg_label_asym_id 
_struct_conf.beg_label_seq_id 
_struct_conf.pdbx_beg_PDB_ins_code 
_struct_conf.end_label_comp_id 
_struct_conf.end_label_asym_id 
_struct_conf.end_label_seq_id 
_struct_conf.pdbx_end_PDB_ins_code 
_struct_conf.beg_auth_comp_id 
_struct_conf.beg_auth_asym_id 
_struct_conf.beg_auth_seq_id 
_struct_conf.end_auth_comp_id 
_struct_conf.end_auth_asym_id 
_struct_conf.end_auth_seq_id 
_struct_conf.pdbx_PDB_helix_class 
_struct_conf.details 
_struct_conf.pdbx_PDB_helix_length 
HELX_P HELX_P1 1 GLY A 9   ? ALA A 11  ? GLY A 9   ALA A 11  5 ? 3  
HELX_P HELX_P2 2 ASP A 12  ? THR A 27  ? ASP A 12  THR A 27  1 ? 16 
HELX_P HELX_P3 3 ASP A 37  ? GLY A 52  ? ASP A 37  GLY A 52  1 ? 16 
HELX_P HELX_P4 4 PHE A 77  ? ARG A 81  ? PHE A 77  ARG A 81  5 ? 5  
HELX_P HELX_P5 5 GLY A 98  ? GLN A 114 ? GLY A 98  GLN A 114 1 ? 17 
HELX_P HELX_P6 6 ASN A 127 ? LEU A 137 ? ASN A 127 LEU A 137 1 ? 11 
# 
_struct_conf_type.id          HELX_P 
_struct_conf_type.criteria    ? 
_struct_conf_type.reference   ? 
# 
loop_
_struct_conn.id 
_struct_conn.conn_type_id 
_struct_conn.pdbx_leaving_atom_flag 
_struct_conn.pdbx_PDB_id 
_struct_conn.ptnr1_label_asym_id 
_struct_conn.ptnr1_label_comp_id 
_struct_conn.ptnr1_label_seq_id 
_struct_conn.ptnr1_label_atom_id 
_struct_conn.pdbx_ptnr1_label_alt_id 
_struct_conn.pdbx_ptnr1_PDB_ins_code 
_struct_conn.pdbx_ptnr1_standard_comp_id 
_struct_conn.ptnr1_symmetry 
_struct_conn.ptnr2_label_asym_id 
_struct_conn.ptnr2_label_comp_id 
_struct_conn.ptnr2_label_seq_id 
_struct_conn.ptnr2_label_atom_id 
_struct_conn.pdbx_ptnr2_label_alt_id 
_struct_conn.pdbx_ptnr2_PDB_ins_code 
_struct_conn.ptnr1_auth_asym_id 
_struct_conn.ptnr1_auth_comp_id 
_struct_conn.ptnr1_auth_seq_id 
_struct_conn.ptnr2_auth_asym_id 
_struct_conn.ptnr2_auth_comp_id 
_struct_conn.ptnr2_auth_seq_id 
_struct_conn.ptnr2_symmetry 
_struct_conn.pdbx_ptnr3_label_atom_id 
_struct_conn.pdbx_ptnr3_label_seq_id 
_struct_conn.pdbx_ptnr3_label_comp_id 
_struct_conn.pdbx_ptnr3_label_asym_id 
_struct_conn.pdbx_ptnr3_label_alt_id 
_struct_conn.pdbx_ptnr3_PDB_ins_code 
_struct_conn.details 
_struct_conn.pdbx_dist_value 
_struct_conn.pdbx_value_order 
_struct_conn.pdbx_role 
covale1 covale both ? A VAL 118 C ? ? ? 1_555 A MSE 119 N ? ? A VAL 118 A MSE 119 1_555 ? ? ? ? ? ? ? 1.332 ? ? 
covale2 covale both ? A MSE 119 C ? ? ? 1_555 A VAL 120 N ? ? A MSE 119 A VAL 120 1_555 ? ? ? ? ? ? ? 1.328 ? ? 
covale3 covale both ? A GLN 144 C ? ? ? 1_555 A MSE 145 N ? ? A GLN 144 A MSE 145 1_555 ? ? ? ? ? ? ? 1.327 ? ? 
covale4 covale both ? A MSE 145 C ? ? ? 1_555 A PRO 146 N ? ? A MSE 145 A PRO 146 1_555 ? ? ? ? ? ? ? 1.336 ? ? 
covale5 covale both ? A PHE 160 C ? ? ? 1_555 A MSE 161 N ? ? A PHE 160 A MSE 161 1_555 ? ? ? ? ? ? ? 1.324 ? ? 
covale6 covale both ? A MSE 161 C ? ? ? 1_555 A GLN 162 N ? ? A MSE 161 A GLN 162 1_555 ? ? ? ? ? ? ? 1.329 ? ? 
# 
_struct_conn_type.id          covale 
_struct_conn_type.criteria    ? 
_struct_conn_type.reference   ? 
# 
loop_
_pdbx_modification_feature.ordinal 
_pdbx_modification_feature.label_comp_id 
_pdbx_modification_feature.label_asym_id 
_pdbx_modification_feature.label_seq_id 
_pdbx_modification_feature.label_alt_id 
_pdbx_modification_feature.modified_residue_label_comp_id 
_pdbx_modification_feature.modified_residue_label_asym_id 
_pdbx_modification_feature.modified_residue_label_seq_id 
_pdbx_modification_feature.modified_residue_label_alt_id 
_pdbx_modification_feature.auth_comp_id 
_pdbx_modification_feature.auth_asym_id 
_pdbx_modification_feature.auth_seq_id 
_pdbx_modification_feature.PDB_ins_code 
_pdbx_modification_feature.symmetry 
_pdbx_modification_feature.modified_residue_auth_comp_id 
_pdbx_modification_feature.modified_residue_auth_asym_id 
_pdbx_modification_feature.modified_residue_auth_seq_id 
_pdbx_modification_feature.modified_residue_PDB_ins_code 
_pdbx_modification_feature.modified_residue_symmetry 
_pdbx_modification_feature.comp_id_linking_atom 
_pdbx_modification_feature.modified_residue_id_linking_atom 
_pdbx_modification_feature.modified_residue_id 
_pdbx_modification_feature.ref_pcm_id 
_pdbx_modification_feature.ref_comp_id 
_pdbx_modification_feature.type 
_pdbx_modification_feature.category 
1 MSE A 119 ? . . . . MSE A 119 ? 1_555 . . . . . . . MET 1 MSE Selenomethionine 'Named protein modification' 
2 MSE A 145 ? . . . . MSE A 145 ? 1_555 . . . . . . . MET 1 MSE Selenomethionine 'Named protein modification' 
3 MSE A 161 ? . . . . MSE A 161 ? 1_555 . . . . . . . MET 1 MSE Selenomethionine 'Named protein modification' 
# 
_struct_sheet.id               AA 
_struct_sheet.type             ? 
_struct_sheet.number_strands   7 
_struct_sheet.details          ? 
# 
loop_
_struct_sheet_order.sheet_id 
_struct_sheet_order.range_id_1 
_struct_sheet_order.range_id_2 
_struct_sheet_order.offset 
_struct_sheet_order.sense 
AA 1 2 ? anti-parallel 
AA 2 3 ? anti-parallel 
AA 3 4 ? anti-parallel 
AA 4 5 ? parallel      
AA 5 6 ? anti-parallel 
AA 6 7 ? anti-parallel 
# 
loop_
_struct_sheet_range.sheet_id 
_struct_sheet_range.id 
_struct_sheet_range.beg_label_comp_id 
_struct_sheet_range.beg_label_asym_id 
_struct_sheet_range.beg_label_seq_id 
_struct_sheet_range.pdbx_beg_PDB_ins_code 
_struct_sheet_range.end_label_comp_id 
_struct_sheet_range.end_label_asym_id 
_struct_sheet_range.end_label_seq_id 
_struct_sheet_range.pdbx_end_PDB_ins_code 
_struct_sheet_range.beg_auth_comp_id 
_struct_sheet_range.beg_auth_asym_id 
_struct_sheet_range.beg_auth_seq_id 
_struct_sheet_range.end_auth_comp_id 
_struct_sheet_range.end_auth_asym_id 
_struct_sheet_range.end_auth_seq_id 
AA 1 SER A 4   ? ASP A 7   ? SER A 4   ASP A 7   
AA 2 ILE A 55  ? SER A 59  ? ILE A 55  SER A 59  
AA 3 GLY A 67  ? ASP A 73  ? GLY A 67  ASP A 73  
AA 4 THR A 83  ? VAL A 90  ? THR A 83  VAL A 90  
AA 5 VAL A 118 ? GLU A 124 ? VAL A 118 GLU A 124 
AA 6 ARG A 154 ? ASN A 164 ? ARG A 154 ASN A 164 
AA 7 GLU A 140 ? LYS A 151 ? GLU A 140 LYS A 151 
# 
loop_
_pdbx_struct_sheet_hbond.sheet_id 
_pdbx_struct_sheet_hbond.range_id_1 
_pdbx_struct_sheet_hbond.range_id_2 
_pdbx_struct_sheet_hbond.range_1_label_atom_id 
_pdbx_struct_sheet_hbond.range_1_label_comp_id 
_pdbx_struct_sheet_hbond.range_1_label_asym_id 
_pdbx_struct_sheet_hbond.range_1_label_seq_id 
_pdbx_struct_sheet_hbond.range_1_PDB_ins_code 
_pdbx_struct_sheet_hbond.range_1_auth_atom_id 
_pdbx_struct_sheet_hbond.range_1_auth_comp_id 
_pdbx_struct_sheet_hbond.range_1_auth_asym_id 
_pdbx_struct_sheet_hbond.range_1_auth_seq_id 
_pdbx_struct_sheet_hbond.range_2_label_atom_id 
_pdbx_struct_sheet_hbond.range_2_label_comp_id 
_pdbx_struct_sheet_hbond.range_2_label_asym_id 
_pdbx_struct_sheet_hbond.range_2_label_seq_id 
_pdbx_struct_sheet_hbond.range_2_PDB_ins_code 
_pdbx_struct_sheet_hbond.range_2_auth_atom_id 
_pdbx_struct_sheet_hbond.range_2_auth_comp_id 
_pdbx_struct_sheet_hbond.range_2_auth_asym_id 
_pdbx_struct_sheet_hbond.range_2_auth_seq_id 
AA 1 2 N ARG A 6   ? N ARG A 6   O VAL A 57  ? O VAL A 57  
AA 2 3 N ALA A 58  ? N ALA A 58  O GLY A 67  ? O GLY A 67  
AA 3 4 N GLY A 72  ? N GLY A 72  O GLU A 85  ? O GLU A 85  
AA 4 5 N VAL A 84  ? N VAL A 84  O VAL A 118 ? O VAL A 118 
AA 5 6 N ILE A 123 ? N ILE A 123 O THR A 159 ? O THR A 159 
AA 6 7 N GLN A 162 ? N GLN A 162 O GLU A 140 ? O GLU A 140 
# 
loop_
_struct_site.id 
_struct_site.pdbx_evidence_code 
_struct_site.pdbx_auth_asym_id 
_struct_site.pdbx_auth_comp_id 
_struct_site.pdbx_auth_seq_id 
_struct_site.pdbx_auth_ins_code 
_struct_site.pdbx_num_residues 
_struct_site.details 
AC1 Software ? ? ? ? 5 'BINDING SITE FOR RESIDUE AZI A1173' 
AC2 Software ? ? ? ? 4 'BINDING SITE FOR RESIDUE AZI A1174' 
AC3 Software ? ? ? ? 6 'BINDING SITE FOR RESIDUE GOL A1175' 
AC4 Software ? ? ? ? 9 'BINDING SITE FOR RESIDUE GOL A1176' 
AC5 Software ? ? ? ? 8 'BINDING SITE FOR RESIDUE GOL A1177' 
AC6 Software ? ? ? ? 3 'BINDING SITE FOR RESIDUE GOL A1178' 
AC7 Software ? ? ? ? 7 'BINDING SITE FOR RESIDUE SO4 A1179' 
# 
loop_
_struct_site_gen.id 
_struct_site_gen.site_id 
_struct_site_gen.pdbx_num_res 
_struct_site_gen.label_comp_id 
_struct_site_gen.label_asym_id 
_struct_site_gen.label_seq_id 
_struct_site_gen.pdbx_auth_ins_code 
_struct_site_gen.auth_comp_id 
_struct_site_gen.auth_asym_id 
_struct_site_gen.auth_seq_id 
_struct_site_gen.label_atom_id 
_struct_site_gen.label_alt_id 
_struct_site_gen.symmetry 
_struct_site_gen.details 
1  AC1 5 GLY A 115 ? GLY A 115  . ? 1_555 ? 
2  AC1 5 HIS A 117 ? HIS A 117  . ? 1_555 ? 
3  AC1 5 TRP A 155 ? TRP A 155  . ? 1_555 ? 
4  AC1 5 ASP A 166 ? ASP A 166  . ? 1_555 ? 
5  AC1 5 HOH I .   ? HOH A 2205 . ? 1_555 ? 
6  AC2 4 GLN A 147 ? GLN A 147  . ? 1_555 ? 
7  AC2 4 TRP A 155 ? TRP A 155  . ? 1_555 ? 
8  AC2 4 ASP A 157 ? ASP A 157  . ? 1_555 ? 
9  AC2 4 HOH I .   ? HOH A 2206 . ? 1_555 ? 
10 AC3 6 TRP A 31  ? TRP A 31   . ? 1_555 ? 
11 AC3 6 ARG A 75  ? ARG A 75   . ? 1_555 ? 
12 AC3 6 PHE A 77  ? PHE A 77   . ? 1_555 ? 
13 AC3 6 PHE A 80  ? PHE A 80   . ? 1_555 ? 
14 AC3 6 ALA A 122 ? ALA A 122  . ? 1_555 ? 
15 AC3 6 HOH I .   ? HOH A 2207 . ? 1_555 ? 
16 AC4 9 SER A 87  ? SER A 87   . ? 1_555 ? 
17 AC4 9 VAL A 88  ? VAL A 88   . ? 1_555 ? 
18 AC4 9 ALA A 122 ? ALA A 122  . ? 1_555 ? 
19 AC4 9 ILE A 123 ? ILE A 123  . ? 1_555 ? 
20 AC4 9 HOH I .   ? HOH A 2062 . ? 1_555 ? 
21 AC4 9 HOH I .   ? HOH A 2125 . ? 1_555 ? 
22 AC4 9 HOH I .   ? HOH A 2126 . ? 1_555 ? 
23 AC4 9 HOH I .   ? HOH A 2167 . ? 1_555 ? 
24 AC4 9 HOH I .   ? HOH A 2208 . ? 1_555 ? 
25 AC5 8 ARG A 48  ? ARG A 48   . ? 1_555 ? 
26 AC5 8 SER A 70  ? SER A 70   . ? 1_555 ? 
27 AC5 8 TYR A 71  ? TYR A 71   . ? 1_555 ? 
28 AC5 8 GLY A 72  ? GLY A 72   . ? 1_555 ? 
29 AC5 8 GLU A 85  ? GLU A 85   . ? 1_555 ? 
30 AC5 8 HIS A 86  ? HIS A 86   . ? 1_555 ? 
31 AC5 8 SER A 87  ? SER A 87   . ? 1_555 ? 
32 AC5 8 HOH I .   ? HOH A 2210 . ? 1_555 ? 
33 AC6 3 ARG A 6   ? ARG A 6    . ? 1_555 ? 
34 AC6 3 ASP A 7   ? ASP A 7    . ? 1_555 ? 
35 AC6 3 GLY A 96  ? GLY A 96   . ? 1_555 ? 
36 AC7 7 ARG A 95  ? ARG A 95   . ? 1_555 ? 
37 AC7 7 GLY A 96  ? GLY A 96   . ? 1_555 ? 
38 AC7 7 GLY A 100 ? GLY A 100  . ? 1_555 ? 
39 AC7 7 HOH I .   ? HOH A 2134 . ? 1_555 ? 
40 AC7 7 HOH I .   ? HOH A 2211 . ? 1_555 ? 
41 AC7 7 HOH I .   ? HOH A 2212 . ? 1_555 ? 
42 AC7 7 HOH I .   ? HOH A 2213 . ? 1_555 ? 
# 
_pdbx_entry_details.entry_id                   2BL1 
_pdbx_entry_details.compound_details           ? 
_pdbx_entry_details.source_details             ? 
_pdbx_entry_details.nonpolymer_details         ? 
_pdbx_entry_details.sequence_details           
;IN STRAIN PAC1, RESIDUE 47 IS ALA, AS OPPOSED TO THR IN
STRAIN PAO1 : SEQUENCE DISCREPANCY BETWEEN PAC1 AND PAO1.
RESIDUE 33 IS MODELLED AS ALA DUE TO DISORDER
;
_pdbx_entry_details.has_ligand_of_interest     ? 
_pdbx_entry_details.has_protein_modification   Y 
# 
loop_
_pdbx_validate_close_contact.id 
_pdbx_validate_close_contact.PDB_model_num 
_pdbx_validate_close_contact.auth_atom_id_1 
_pdbx_validate_close_contact.auth_asym_id_1 
_pdbx_validate_close_contact.auth_comp_id_1 
_pdbx_validate_close_contact.auth_seq_id_1 
_pdbx_validate_close_contact.PDB_ins_code_1 
_pdbx_validate_close_contact.label_alt_id_1 
_pdbx_validate_close_contact.auth_atom_id_2 
_pdbx_validate_close_contact.auth_asym_id_2 
_pdbx_validate_close_contact.auth_comp_id_2 
_pdbx_validate_close_contact.auth_seq_id_2 
_pdbx_validate_close_contact.PDB_ins_code_2 
_pdbx_validate_close_contact.label_alt_id_2 
_pdbx_validate_close_contact.dist 
1 1 O  A HOH 2092 ? ? O A HOH 2166 ? ? 2.03 
2 1 NE A ARG 136  ? B O A HOH 2174 ? ? 2.06 
3 1 O  A HOH 2125 ? ? O A HOH 2126 ? ? 2.14 
# 
loop_
_pdbx_validate_torsion.id 
_pdbx_validate_torsion.PDB_model_num 
_pdbx_validate_torsion.auth_comp_id 
_pdbx_validate_torsion.auth_asym_id 
_pdbx_validate_torsion.auth_seq_id 
_pdbx_validate_torsion.PDB_ins_code 
_pdbx_validate_torsion.label_alt_id 
_pdbx_validate_torsion.phi 
_pdbx_validate_torsion.psi 
1 1 TRP A 31  ? ? -92.62  46.32 
2 1 ASP A 166 ? ? -155.04 81.35 
# 
loop_
_pdbx_struct_mod_residue.id 
_pdbx_struct_mod_residue.label_asym_id 
_pdbx_struct_mod_residue.label_comp_id 
_pdbx_struct_mod_residue.label_seq_id 
_pdbx_struct_mod_residue.auth_asym_id 
_pdbx_struct_mod_residue.auth_comp_id 
_pdbx_struct_mod_residue.auth_seq_id 
_pdbx_struct_mod_residue.PDB_ins_code 
_pdbx_struct_mod_residue.parent_comp_id 
_pdbx_struct_mod_residue.details 
1 A MSE 119 A MSE 119 ? MET SELENOMETHIONINE 
2 A MSE 145 A MSE 145 ? MET SELENOMETHIONINE 
3 A MSE 161 A MSE 161 ? MET SELENOMETHIONINE 
# 
loop_
_pdbx_distant_solvent_atoms.id 
_pdbx_distant_solvent_atoms.PDB_model_num 
_pdbx_distant_solvent_atoms.auth_atom_id 
_pdbx_distant_solvent_atoms.label_alt_id 
_pdbx_distant_solvent_atoms.auth_asym_id 
_pdbx_distant_solvent_atoms.auth_comp_id 
_pdbx_distant_solvent_atoms.auth_seq_id 
_pdbx_distant_solvent_atoms.PDB_ins_code 
_pdbx_distant_solvent_atoms.neighbor_macromolecule_distance 
_pdbx_distant_solvent_atoms.neighbor_ligand_distance 
1 1 O ? A HOH 2012 ? 6.24 . 
2 1 O ? A HOH 2019 ? 9.61 . 
3 1 O ? A HOH 2028 ? 6.16 . 
# 
loop_
_pdbx_unobs_or_zero_occ_residues.id 
_pdbx_unobs_or_zero_occ_residues.PDB_model_num 
_pdbx_unobs_or_zero_occ_residues.polymer_flag 
_pdbx_unobs_or_zero_occ_residues.occupancy_flag 
_pdbx_unobs_or_zero_occ_residues.auth_asym_id 
_pdbx_unobs_or_zero_occ_residues.auth_comp_id 
_pdbx_unobs_or_zero_occ_residues.auth_seq_id 
_pdbx_unobs_or_zero_occ_residues.PDB_ins_code 
_pdbx_unobs_or_zero_occ_residues.label_asym_id 
_pdbx_unobs_or_zero_occ_residues.label_comp_id 
_pdbx_unobs_or_zero_occ_residues.label_seq_id 
1 1 Y 1 A MSE 1 ? A MSE 1 
2 1 Y 1 A SER 2 ? A SER 2 
# 
loop_
_chem_comp_atom.comp_id 
_chem_comp_atom.atom_id 
_chem_comp_atom.type_symbol 
_chem_comp_atom.pdbx_aromatic_flag 
_chem_comp_atom.pdbx_stereo_config 
_chem_comp_atom.pdbx_ordinal 
ALA N    N  N N 1   
ALA CA   C  N S 2   
ALA C    C  N N 3   
ALA O    O  N N 4   
ALA CB   C  N N 5   
ALA OXT  O  N N 6   
ALA H    H  N N 7   
ALA H2   H  N N 8   
ALA HA   H  N N 9   
ALA HB1  H  N N 10  
ALA HB2  H  N N 11  
ALA HB3  H  N N 12  
ALA HXT  H  N N 13  
ARG N    N  N N 14  
ARG CA   C  N S 15  
ARG C    C  N N 16  
ARG O    O  N N 17  
ARG CB   C  N N 18  
ARG CG   C  N N 19  
ARG CD   C  N N 20  
ARG NE   N  N N 21  
ARG CZ   C  N N 22  
ARG NH1  N  N N 23  
ARG NH2  N  N N 24  
ARG OXT  O  N N 25  
ARG H    H  N N 26  
ARG H2   H  N N 27  
ARG HA   H  N N 28  
ARG HB2  H  N N 29  
ARG HB3  H  N N 30  
ARG HG2  H  N N 31  
ARG HG3  H  N N 32  
ARG HD2  H  N N 33  
ARG HD3  H  N N 34  
ARG HE   H  N N 35  
ARG HH11 H  N N 36  
ARG HH12 H  N N 37  
ARG HH21 H  N N 38  
ARG HH22 H  N N 39  
ARG HXT  H  N N 40  
ASN N    N  N N 41  
ASN CA   C  N S 42  
ASN C    C  N N 43  
ASN O    O  N N 44  
ASN CB   C  N N 45  
ASN CG   C  N N 46  
ASN OD1  O  N N 47  
ASN ND2  N  N N 48  
ASN OXT  O  N N 49  
ASN H    H  N N 50  
ASN H2   H  N N 51  
ASN HA   H  N N 52  
ASN HB2  H  N N 53  
ASN HB3  H  N N 54  
ASN HD21 H  N N 55  
ASN HD22 H  N N 56  
ASN HXT  H  N N 57  
ASP N    N  N N 58  
ASP CA   C  N S 59  
ASP C    C  N N 60  
ASP O    O  N N 61  
ASP CB   C  N N 62  
ASP CG   C  N N 63  
ASP OD1  O  N N 64  
ASP OD2  O  N N 65  
ASP OXT  O  N N 66  
ASP H    H  N N 67  
ASP H2   H  N N 68  
ASP HA   H  N N 69  
ASP HB2  H  N N 70  
ASP HB3  H  N N 71  
ASP HD2  H  N N 72  
ASP HXT  H  N N 73  
AZI N1   N  N N 74  
AZI N2   N  N N 75  
AZI N3   N  N N 76  
GLN N    N  N N 77  
GLN CA   C  N S 78  
GLN C    C  N N 79  
GLN O    O  N N 80  
GLN CB   C  N N 81  
GLN CG   C  N N 82  
GLN CD   C  N N 83  
GLN OE1  O  N N 84  
GLN NE2  N  N N 85  
GLN OXT  O  N N 86  
GLN H    H  N N 87  
GLN H2   H  N N 88  
GLN HA   H  N N 89  
GLN HB2  H  N N 90  
GLN HB3  H  N N 91  
GLN HG2  H  N N 92  
GLN HG3  H  N N 93  
GLN HE21 H  N N 94  
GLN HE22 H  N N 95  
GLN HXT  H  N N 96  
GLU N    N  N N 97  
GLU CA   C  N S 98  
GLU C    C  N N 99  
GLU O    O  N N 100 
GLU CB   C  N N 101 
GLU CG   C  N N 102 
GLU CD   C  N N 103 
GLU OE1  O  N N 104 
GLU OE2  O  N N 105 
GLU OXT  O  N N 106 
GLU H    H  N N 107 
GLU H2   H  N N 108 
GLU HA   H  N N 109 
GLU HB2  H  N N 110 
GLU HB3  H  N N 111 
GLU HG2  H  N N 112 
GLU HG3  H  N N 113 
GLU HE2  H  N N 114 
GLU HXT  H  N N 115 
GLY N    N  N N 116 
GLY CA   C  N N 117 
GLY C    C  N N 118 
GLY O    O  N N 119 
GLY OXT  O  N N 120 
GLY H    H  N N 121 
GLY H2   H  N N 122 
GLY HA2  H  N N 123 
GLY HA3  H  N N 124 
GLY HXT  H  N N 125 
GOL C1   C  N N 126 
GOL O1   O  N N 127 
GOL C2   C  N N 128 
GOL O2   O  N N 129 
GOL C3   C  N N 130 
GOL O3   O  N N 131 
GOL H11  H  N N 132 
GOL H12  H  N N 133 
GOL HO1  H  N N 134 
GOL H2   H  N N 135 
GOL HO2  H  N N 136 
GOL H31  H  N N 137 
GOL H32  H  N N 138 
GOL HO3  H  N N 139 
HIS N    N  N N 140 
HIS CA   C  N S 141 
HIS C    C  N N 142 
HIS O    O  N N 143 
HIS CB   C  N N 144 
HIS CG   C  Y N 145 
HIS ND1  N  Y N 146 
HIS CD2  C  Y N 147 
HIS CE1  C  Y N 148 
HIS NE2  N  Y N 149 
HIS OXT  O  N N 150 
HIS H    H  N N 151 
HIS H2   H  N N 152 
HIS HA   H  N N 153 
HIS HB2  H  N N 154 
HIS HB3  H  N N 155 
HIS HD1  H  N N 156 
HIS HD2  H  N N 157 
HIS HE1  H  N N 158 
HIS HE2  H  N N 159 
HIS HXT  H  N N 160 
HOH O    O  N N 161 
HOH H1   H  N N 162 
HOH H2   H  N N 163 
ILE N    N  N N 164 
ILE CA   C  N S 165 
ILE C    C  N N 166 
ILE O    O  N N 167 
ILE CB   C  N S 168 
ILE CG1  C  N N 169 
ILE CG2  C  N N 170 
ILE CD1  C  N N 171 
ILE OXT  O  N N 172 
ILE H    H  N N 173 
ILE H2   H  N N 174 
ILE HA   H  N N 175 
ILE HB   H  N N 176 
ILE HG12 H  N N 177 
ILE HG13 H  N N 178 
ILE HG21 H  N N 179 
ILE HG22 H  N N 180 
ILE HG23 H  N N 181 
ILE HD11 H  N N 182 
ILE HD12 H  N N 183 
ILE HD13 H  N N 184 
ILE HXT  H  N N 185 
LEU N    N  N N 186 
LEU CA   C  N S 187 
LEU C    C  N N 188 
LEU O    O  N N 189 
LEU CB   C  N N 190 
LEU CG   C  N N 191 
LEU CD1  C  N N 192 
LEU CD2  C  N N 193 
LEU OXT  O  N N 194 
LEU H    H  N N 195 
LEU H2   H  N N 196 
LEU HA   H  N N 197 
LEU HB2  H  N N 198 
LEU HB3  H  N N 199 
LEU HG   H  N N 200 
LEU HD11 H  N N 201 
LEU HD12 H  N N 202 
LEU HD13 H  N N 203 
LEU HD21 H  N N 204 
LEU HD22 H  N N 205 
LEU HD23 H  N N 206 
LEU HXT  H  N N 207 
LYS N    N  N N 208 
LYS CA   C  N S 209 
LYS C    C  N N 210 
LYS O    O  N N 211 
LYS CB   C  N N 212 
LYS CG   C  N N 213 
LYS CD   C  N N 214 
LYS CE   C  N N 215 
LYS NZ   N  N N 216 
LYS OXT  O  N N 217 
LYS H    H  N N 218 
LYS H2   H  N N 219 
LYS HA   H  N N 220 
LYS HB2  H  N N 221 
LYS HB3  H  N N 222 
LYS HG2  H  N N 223 
LYS HG3  H  N N 224 
LYS HD2  H  N N 225 
LYS HD3  H  N N 226 
LYS HE2  H  N N 227 
LYS HE3  H  N N 228 
LYS HZ1  H  N N 229 
LYS HZ2  H  N N 230 
LYS HZ3  H  N N 231 
LYS HXT  H  N N 232 
MSE N    N  N N 233 
MSE CA   C  N S 234 
MSE C    C  N N 235 
MSE O    O  N N 236 
MSE OXT  O  N N 237 
MSE CB   C  N N 238 
MSE CG   C  N N 239 
MSE SE   SE N N 240 
MSE CE   C  N N 241 
MSE H    H  N N 242 
MSE H2   H  N N 243 
MSE HA   H  N N 244 
MSE HXT  H  N N 245 
MSE HB2  H  N N 246 
MSE HB3  H  N N 247 
MSE HG2  H  N N 248 
MSE HG3  H  N N 249 
MSE HE1  H  N N 250 
MSE HE2  H  N N 251 
MSE HE3  H  N N 252 
PHE N    N  N N 253 
PHE CA   C  N S 254 
PHE C    C  N N 255 
PHE O    O  N N 256 
PHE CB   C  N N 257 
PHE CG   C  Y N 258 
PHE CD1  C  Y N 259 
PHE CD2  C  Y N 260 
PHE CE1  C  Y N 261 
PHE CE2  C  Y N 262 
PHE CZ   C  Y N 263 
PHE OXT  O  N N 264 
PHE H    H  N N 265 
PHE H2   H  N N 266 
PHE HA   H  N N 267 
PHE HB2  H  N N 268 
PHE HB3  H  N N 269 
PHE HD1  H  N N 270 
PHE HD2  H  N N 271 
PHE HE1  H  N N 272 
PHE HE2  H  N N 273 
PHE HZ   H  N N 274 
PHE HXT  H  N N 275 
PRO N    N  N N 276 
PRO CA   C  N S 277 
PRO C    C  N N 278 
PRO O    O  N N 279 
PRO CB   C  N N 280 
PRO CG   C  N N 281 
PRO CD   C  N N 282 
PRO OXT  O  N N 283 
PRO H    H  N N 284 
PRO HA   H  N N 285 
PRO HB2  H  N N 286 
PRO HB3  H  N N 287 
PRO HG2  H  N N 288 
PRO HG3  H  N N 289 
PRO HD2  H  N N 290 
PRO HD3  H  N N 291 
PRO HXT  H  N N 292 
SER N    N  N N 293 
SER CA   C  N S 294 
SER C    C  N N 295 
SER O    O  N N 296 
SER CB   C  N N 297 
SER OG   O  N N 298 
SER OXT  O  N N 299 
SER H    H  N N 300 
SER H2   H  N N 301 
SER HA   H  N N 302 
SER HB2  H  N N 303 
SER HB3  H  N N 304 
SER HG   H  N N 305 
SER HXT  H  N N 306 
SO4 S    S  N N 307 
SO4 O1   O  N N 308 
SO4 O2   O  N N 309 
SO4 O3   O  N N 310 
SO4 O4   O  N N 311 
THR N    N  N N 312 
THR CA   C  N S 313 
THR C    C  N N 314 
THR O    O  N N 315 
THR CB   C  N R 316 
THR OG1  O  N N 317 
THR CG2  C  N N 318 
THR OXT  O  N N 319 
THR H    H  N N 320 
THR H2   H  N N 321 
THR HA   H  N N 322 
THR HB   H  N N 323 
THR HG1  H  N N 324 
THR HG21 H  N N 325 
THR HG22 H  N N 326 
THR HG23 H  N N 327 
THR HXT  H  N N 328 
TRP N    N  N N 329 
TRP CA   C  N S 330 
TRP C    C  N N 331 
TRP O    O  N N 332 
TRP CB   C  N N 333 
TRP CG   C  Y N 334 
TRP CD1  C  Y N 335 
TRP CD2  C  Y N 336 
TRP NE1  N  Y N 337 
TRP CE2  C  Y N 338 
TRP CE3  C  Y N 339 
TRP CZ2  C  Y N 340 
TRP CZ3  C  Y N 341 
TRP CH2  C  Y N 342 
TRP OXT  O  N N 343 
TRP H    H  N N 344 
TRP H2   H  N N 345 
TRP HA   H  N N 346 
TRP HB2  H  N N 347 
TRP HB3  H  N N 348 
TRP HD1  H  N N 349 
TRP HE1  H  N N 350 
TRP HE3  H  N N 351 
TRP HZ2  H  N N 352 
TRP HZ3  H  N N 353 
TRP HH2  H  N N 354 
TRP HXT  H  N N 355 
TYR N    N  N N 356 
TYR CA   C  N S 357 
TYR C    C  N N 358 
TYR O    O  N N 359 
TYR CB   C  N N 360 
TYR CG   C  Y N 361 
TYR CD1  C  Y N 362 
TYR CD2  C  Y N 363 
TYR CE1  C  Y N 364 
TYR CE2  C  Y N 365 
TYR CZ   C  Y N 366 
TYR OH   O  N N 367 
TYR OXT  O  N N 368 
TYR H    H  N N 369 
TYR H2   H  N N 370 
TYR HA   H  N N 371 
TYR HB2  H  N N 372 
TYR HB3  H  N N 373 
TYR HD1  H  N N 374 
TYR HD2  H  N N 375 
TYR HE1  H  N N 376 
TYR HE2  H  N N 377 
TYR HH   H  N N 378 
TYR HXT  H  N N 379 
VAL N    N  N N 380 
VAL CA   C  N S 381 
VAL C    C  N N 382 
VAL O    O  N N 383 
VAL CB   C  N N 384 
VAL CG1  C  N N 385 
VAL CG2  C  N N 386 
VAL OXT  O  N N 387 
VAL H    H  N N 388 
VAL H2   H  N N 389 
VAL HA   H  N N 390 
VAL HB   H  N N 391 
VAL HG11 H  N N 392 
VAL HG12 H  N N 393 
VAL HG13 H  N N 394 
VAL HG21 H  N N 395 
VAL HG22 H  N N 396 
VAL HG23 H  N N 397 
VAL HXT  H  N N 398 
# 
loop_
_chem_comp_bond.comp_id 
_chem_comp_bond.atom_id_1 
_chem_comp_bond.atom_id_2 
_chem_comp_bond.value_order 
_chem_comp_bond.pdbx_aromatic_flag 
_chem_comp_bond.pdbx_stereo_config 
_chem_comp_bond.pdbx_ordinal 
ALA N   CA   sing N N 1   
ALA N   H    sing N N 2   
ALA N   H2   sing N N 3   
ALA CA  C    sing N N 4   
ALA CA  CB   sing N N 5   
ALA CA  HA   sing N N 6   
ALA C   O    doub N N 7   
ALA C   OXT  sing N N 8   
ALA CB  HB1  sing N N 9   
ALA CB  HB2  sing N N 10  
ALA CB  HB3  sing N N 11  
ALA OXT HXT  sing N N 12  
ARG N   CA   sing N N 13  
ARG N   H    sing N N 14  
ARG N   H2   sing N N 15  
ARG CA  C    sing N N 16  
ARG CA  CB   sing N N 17  
ARG CA  HA   sing N N 18  
ARG C   O    doub N N 19  
ARG C   OXT  sing N N 20  
ARG CB  CG   sing N N 21  
ARG CB  HB2  sing N N 22  
ARG CB  HB3  sing N N 23  
ARG CG  CD   sing N N 24  
ARG CG  HG2  sing N N 25  
ARG CG  HG3  sing N N 26  
ARG CD  NE   sing N N 27  
ARG CD  HD2  sing N N 28  
ARG CD  HD3  sing N N 29  
ARG NE  CZ   sing N N 30  
ARG NE  HE   sing N N 31  
ARG CZ  NH1  sing N N 32  
ARG CZ  NH2  doub N N 33  
ARG NH1 HH11 sing N N 34  
ARG NH1 HH12 sing N N 35  
ARG NH2 HH21 sing N N 36  
ARG NH2 HH22 sing N N 37  
ARG OXT HXT  sing N N 38  
ASN N   CA   sing N N 39  
ASN N   H    sing N N 40  
ASN N   H2   sing N N 41  
ASN CA  C    sing N N 42  
ASN CA  CB   sing N N 43  
ASN CA  HA   sing N N 44  
ASN C   O    doub N N 45  
ASN C   OXT  sing N N 46  
ASN CB  CG   sing N N 47  
ASN CB  HB2  sing N N 48  
ASN CB  HB3  sing N N 49  
ASN CG  OD1  doub N N 50  
ASN CG  ND2  sing N N 51  
ASN ND2 HD21 sing N N 52  
ASN ND2 HD22 sing N N 53  
ASN OXT HXT  sing N N 54  
ASP N   CA   sing N N 55  
ASP N   H    sing N N 56  
ASP N   H2   sing N N 57  
ASP CA  C    sing N N 58  
ASP CA  CB   sing N N 59  
ASP CA  HA   sing N N 60  
ASP C   O    doub N N 61  
ASP C   OXT  sing N N 62  
ASP CB  CG   sing N N 63  
ASP CB  HB2  sing N N 64  
ASP CB  HB3  sing N N 65  
ASP CG  OD1  doub N N 66  
ASP CG  OD2  sing N N 67  
ASP OD2 HD2  sing N N 68  
ASP OXT HXT  sing N N 69  
AZI N1  N2   doub N N 70  
AZI N2  N3   doub N N 71  
GLN N   CA   sing N N 72  
GLN N   H    sing N N 73  
GLN N   H2   sing N N 74  
GLN CA  C    sing N N 75  
GLN CA  CB   sing N N 76  
GLN CA  HA   sing N N 77  
GLN C   O    doub N N 78  
GLN C   OXT  sing N N 79  
GLN CB  CG   sing N N 80  
GLN CB  HB2  sing N N 81  
GLN CB  HB3  sing N N 82  
GLN CG  CD   sing N N 83  
GLN CG  HG2  sing N N 84  
GLN CG  HG3  sing N N 85  
GLN CD  OE1  doub N N 86  
GLN CD  NE2  sing N N 87  
GLN NE2 HE21 sing N N 88  
GLN NE2 HE22 sing N N 89  
GLN OXT HXT  sing N N 90  
GLU N   CA   sing N N 91  
GLU N   H    sing N N 92  
GLU N   H2   sing N N 93  
GLU CA  C    sing N N 94  
GLU CA  CB   sing N N 95  
GLU CA  HA   sing N N 96  
GLU C   O    doub N N 97  
GLU C   OXT  sing N N 98  
GLU CB  CG   sing N N 99  
GLU CB  HB2  sing N N 100 
GLU CB  HB3  sing N N 101 
GLU CG  CD   sing N N 102 
GLU CG  HG2  sing N N 103 
GLU CG  HG3  sing N N 104 
GLU CD  OE1  doub N N 105 
GLU CD  OE2  sing N N 106 
GLU OE2 HE2  sing N N 107 
GLU OXT HXT  sing N N 108 
GLY N   CA   sing N N 109 
GLY N   H    sing N N 110 
GLY N   H2   sing N N 111 
GLY CA  C    sing N N 112 
GLY CA  HA2  sing N N 113 
GLY CA  HA3  sing N N 114 
GLY C   O    doub N N 115 
GLY C   OXT  sing N N 116 
GLY OXT HXT  sing N N 117 
GOL C1  O1   sing N N 118 
GOL C1  C2   sing N N 119 
GOL C1  H11  sing N N 120 
GOL C1  H12  sing N N 121 
GOL O1  HO1  sing N N 122 
GOL C2  O2   sing N N 123 
GOL C2  C3   sing N N 124 
GOL C2  H2   sing N N 125 
GOL O2  HO2  sing N N 126 
GOL C3  O3   sing N N 127 
GOL C3  H31  sing N N 128 
GOL C3  H32  sing N N 129 
GOL O3  HO3  sing N N 130 
HIS N   CA   sing N N 131 
HIS N   H    sing N N 132 
HIS N   H2   sing N N 133 
HIS CA  C    sing N N 134 
HIS CA  CB   sing N N 135 
HIS CA  HA   sing N N 136 
HIS C   O    doub N N 137 
HIS C   OXT  sing N N 138 
HIS CB  CG   sing N N 139 
HIS CB  HB2  sing N N 140 
HIS CB  HB3  sing N N 141 
HIS CG  ND1  sing Y N 142 
HIS CG  CD2  doub Y N 143 
HIS ND1 CE1  doub Y N 144 
HIS ND1 HD1  sing N N 145 
HIS CD2 NE2  sing Y N 146 
HIS CD2 HD2  sing N N 147 
HIS CE1 NE2  sing Y N 148 
HIS CE1 HE1  sing N N 149 
HIS NE2 HE2  sing N N 150 
HIS OXT HXT  sing N N 151 
HOH O   H1   sing N N 152 
HOH O   H2   sing N N 153 
ILE N   CA   sing N N 154 
ILE N   H    sing N N 155 
ILE N   H2   sing N N 156 
ILE CA  C    sing N N 157 
ILE CA  CB   sing N N 158 
ILE CA  HA   sing N N 159 
ILE C   O    doub N N 160 
ILE C   OXT  sing N N 161 
ILE CB  CG1  sing N N 162 
ILE CB  CG2  sing N N 163 
ILE CB  HB   sing N N 164 
ILE CG1 CD1  sing N N 165 
ILE CG1 HG12 sing N N 166 
ILE CG1 HG13 sing N N 167 
ILE CG2 HG21 sing N N 168 
ILE CG2 HG22 sing N N 169 
ILE CG2 HG23 sing N N 170 
ILE CD1 HD11 sing N N 171 
ILE CD1 HD12 sing N N 172 
ILE CD1 HD13 sing N N 173 
ILE OXT HXT  sing N N 174 
LEU N   CA   sing N N 175 
LEU N   H    sing N N 176 
LEU N   H2   sing N N 177 
LEU CA  C    sing N N 178 
LEU CA  CB   sing N N 179 
LEU CA  HA   sing N N 180 
LEU C   O    doub N N 181 
LEU C   OXT  sing N N 182 
LEU CB  CG   sing N N 183 
LEU CB  HB2  sing N N 184 
LEU CB  HB3  sing N N 185 
LEU CG  CD1  sing N N 186 
LEU CG  CD2  sing N N 187 
LEU CG  HG   sing N N 188 
LEU CD1 HD11 sing N N 189 
LEU CD1 HD12 sing N N 190 
LEU CD1 HD13 sing N N 191 
LEU CD2 HD21 sing N N 192 
LEU CD2 HD22 sing N N 193 
LEU CD2 HD23 sing N N 194 
LEU OXT HXT  sing N N 195 
LYS N   CA   sing N N 196 
LYS N   H    sing N N 197 
LYS N   H2   sing N N 198 
LYS CA  C    sing N N 199 
LYS CA  CB   sing N N 200 
LYS CA  HA   sing N N 201 
LYS C   O    doub N N 202 
LYS C   OXT  sing N N 203 
LYS CB  CG   sing N N 204 
LYS CB  HB2  sing N N 205 
LYS CB  HB3  sing N N 206 
LYS CG  CD   sing N N 207 
LYS CG  HG2  sing N N 208 
LYS CG  HG3  sing N N 209 
LYS CD  CE   sing N N 210 
LYS CD  HD2  sing N N 211 
LYS CD  HD3  sing N N 212 
LYS CE  NZ   sing N N 213 
LYS CE  HE2  sing N N 214 
LYS CE  HE3  sing N N 215 
LYS NZ  HZ1  sing N N 216 
LYS NZ  HZ2  sing N N 217 
LYS NZ  HZ3  sing N N 218 
LYS OXT HXT  sing N N 219 
MSE N   CA   sing N N 220 
MSE N   H    sing N N 221 
MSE N   H2   sing N N 222 
MSE CA  C    sing N N 223 
MSE CA  CB   sing N N 224 
MSE CA  HA   sing N N 225 
MSE C   O    doub N N 226 
MSE C   OXT  sing N N 227 
MSE OXT HXT  sing N N 228 
MSE CB  CG   sing N N 229 
MSE CB  HB2  sing N N 230 
MSE CB  HB3  sing N N 231 
MSE CG  SE   sing N N 232 
MSE CG  HG2  sing N N 233 
MSE CG  HG3  sing N N 234 
MSE SE  CE   sing N N 235 
MSE CE  HE1  sing N N 236 
MSE CE  HE2  sing N N 237 
MSE CE  HE3  sing N N 238 
PHE N   CA   sing N N 239 
PHE N   H    sing N N 240 
PHE N   H2   sing N N 241 
PHE CA  C    sing N N 242 
PHE CA  CB   sing N N 243 
PHE CA  HA   sing N N 244 
PHE C   O    doub N N 245 
PHE C   OXT  sing N N 246 
PHE CB  CG   sing N N 247 
PHE CB  HB2  sing N N 248 
PHE CB  HB3  sing N N 249 
PHE CG  CD1  doub Y N 250 
PHE CG  CD2  sing Y N 251 
PHE CD1 CE1  sing Y N 252 
PHE CD1 HD1  sing N N 253 
PHE CD2 CE2  doub Y N 254 
PHE CD2 HD2  sing N N 255 
PHE CE1 CZ   doub Y N 256 
PHE CE1 HE1  sing N N 257 
PHE CE2 CZ   sing Y N 258 
PHE CE2 HE2  sing N N 259 
PHE CZ  HZ   sing N N 260 
PHE OXT HXT  sing N N 261 
PRO N   CA   sing N N 262 
PRO N   CD   sing N N 263 
PRO N   H    sing N N 264 
PRO CA  C    sing N N 265 
PRO CA  CB   sing N N 266 
PRO CA  HA   sing N N 267 
PRO C   O    doub N N 268 
PRO C   OXT  sing N N 269 
PRO CB  CG   sing N N 270 
PRO CB  HB2  sing N N 271 
PRO CB  HB3  sing N N 272 
PRO CG  CD   sing N N 273 
PRO CG  HG2  sing N N 274 
PRO CG  HG3  sing N N 275 
PRO CD  HD2  sing N N 276 
PRO CD  HD3  sing N N 277 
PRO OXT HXT  sing N N 278 
SER N   CA   sing N N 279 
SER N   H    sing N N 280 
SER N   H2   sing N N 281 
SER CA  C    sing N N 282 
SER CA  CB   sing N N 283 
SER CA  HA   sing N N 284 
SER C   O    doub N N 285 
SER C   OXT  sing N N 286 
SER CB  OG   sing N N 287 
SER CB  HB2  sing N N 288 
SER CB  HB3  sing N N 289 
SER OG  HG   sing N N 290 
SER OXT HXT  sing N N 291 
SO4 S   O1   doub N N 292 
SO4 S   O2   doub N N 293 
SO4 S   O3   sing N N 294 
SO4 S   O4   sing N N 295 
THR N   CA   sing N N 296 
THR N   H    sing N N 297 
THR N   H2   sing N N 298 
THR CA  C    sing N N 299 
THR CA  CB   sing N N 300 
THR CA  HA   sing N N 301 
THR C   O    doub N N 302 
THR C   OXT  sing N N 303 
THR CB  OG1  sing N N 304 
THR CB  CG2  sing N N 305 
THR CB  HB   sing N N 306 
THR OG1 HG1  sing N N 307 
THR CG2 HG21 sing N N 308 
THR CG2 HG22 sing N N 309 
THR CG2 HG23 sing N N 310 
THR OXT HXT  sing N N 311 
TRP N   CA   sing N N 312 
TRP N   H    sing N N 313 
TRP N   H2   sing N N 314 
TRP CA  C    sing N N 315 
TRP CA  CB   sing N N 316 
TRP CA  HA   sing N N 317 
TRP C   O    doub N N 318 
TRP C   OXT  sing N N 319 
TRP CB  CG   sing N N 320 
TRP CB  HB2  sing N N 321 
TRP CB  HB3  sing N N 322 
TRP CG  CD1  doub Y N 323 
TRP CG  CD2  sing Y N 324 
TRP CD1 NE1  sing Y N 325 
TRP CD1 HD1  sing N N 326 
TRP CD2 CE2  doub Y N 327 
TRP CD2 CE3  sing Y N 328 
TRP NE1 CE2  sing Y N 329 
TRP NE1 HE1  sing N N 330 
TRP CE2 CZ2  sing Y N 331 
TRP CE3 CZ3  doub Y N 332 
TRP CE3 HE3  sing N N 333 
TRP CZ2 CH2  doub Y N 334 
TRP CZ2 HZ2  sing N N 335 
TRP CZ3 CH2  sing Y N 336 
TRP CZ3 HZ3  sing N N 337 
TRP CH2 HH2  sing N N 338 
TRP OXT HXT  sing N N 339 
TYR N   CA   sing N N 340 
TYR N   H    sing N N 341 
TYR N   H2   sing N N 342 
TYR CA  C    sing N N 343 
TYR CA  CB   sing N N 344 
TYR CA  HA   sing N N 345 
TYR C   O    doub N N 346 
TYR C   OXT  sing N N 347 
TYR CB  CG   sing N N 348 
TYR CB  HB2  sing N N 349 
TYR CB  HB3  sing N N 350 
TYR CG  CD1  doub Y N 351 
TYR CG  CD2  sing Y N 352 
TYR CD1 CE1  sing Y N 353 
TYR CD1 HD1  sing N N 354 
TYR CD2 CE2  doub Y N 355 
TYR CD2 HD2  sing N N 356 
TYR CE1 CZ   doub Y N 357 
TYR CE1 HE1  sing N N 358 
TYR CE2 CZ   sing Y N 359 
TYR CE2 HE2  sing N N 360 
TYR CZ  OH   sing N N 361 
TYR OH  HH   sing N N 362 
TYR OXT HXT  sing N N 363 
VAL N   CA   sing N N 364 
VAL N   H    sing N N 365 
VAL N   H2   sing N N 366 
VAL CA  C    sing N N 367 
VAL CA  CB   sing N N 368 
VAL CA  HA   sing N N 369 
VAL C   O    doub N N 370 
VAL C   OXT  sing N N 371 
VAL CB  CG1  sing N N 372 
VAL CB  CG2  sing N N 373 
VAL CB  HB   sing N N 374 
VAL CG1 HG11 sing N N 375 
VAL CG1 HG12 sing N N 376 
VAL CG1 HG13 sing N N 377 
VAL CG2 HG21 sing N N 378 
VAL CG2 HG22 sing N N 379 
VAL CG2 HG23 sing N N 380 
VAL OXT HXT  sing N N 381 
# 
_atom_sites.entry_id                    2BL1 
_atom_sites.fract_transf_matrix[1][1]   0.00573777 
_atom_sites.fract_transf_matrix[1][2]   -0.01026077 
_atom_sites.fract_transf_matrix[1][3]   0.00425377 
_atom_sites.fract_transf_matrix[2][1]   0.00722821 
_atom_sites.fract_transf_matrix[2][2]   0.00708452 
_atom_sites.fract_transf_matrix[2][3]   0.00733910 
_atom_sites.fract_transf_matrix[3][1]   -0.01092861 
_atom_sites.fract_transf_matrix[3][2]   -0.00117773 
_atom_sites.fract_transf_matrix[3][3]   0.01190036 
_atom_sites.fract_transf_vector[1]      0.382835 
_atom_sites.fract_transf_vector[2]      0.205748 
_atom_sites.fract_transf_vector[3]      0.835901 
# 
loop_
_atom_type.symbol 
C  
N  
O  
S  
SE 
# 
loop_
_atom_site.group_PDB 
_atom_site.id 
_atom_site.type_symbol 
_atom_site.label_atom_id 
_atom_site.label_alt_id 
_atom_site.label_comp_id 
_atom_site.label_asym_id 
_atom_site.label_entity_id 
_atom_site.label_seq_id 
_atom_site.pdbx_PDB_ins_code 
_atom_site.Cartn_x 
_atom_site.Cartn_y 
_atom_site.Cartn_z 
_atom_site.occupancy 
_atom_site.B_iso_or_equiv 
_atom_site.pdbx_formal_charge 
_atom_site.auth_seq_id 
_atom_site.auth_comp_id 
_atom_site.auth_asym_id 
_atom_site.auth_atom_id 
_atom_site.pdbx_PDB_model_num 
ATOM   1    N  N   . ALA A 1 3   ? 5.776   -13.312 -11.669 1.00 31.88 ? 3    ALA A N   1 
ATOM   2    C  CA  . ALA A 1 3   ? 6.530   -12.998 -10.419 1.00 31.12 ? 3    ALA A CA  1 
ATOM   3    C  C   . ALA A 1 3   ? 5.870   -13.676 -9.221  1.00 30.53 ? 3    ALA A C   1 
ATOM   4    O  O   . ALA A 1 3   ? 4.647   -13.807 -9.176  1.00 31.97 ? 3    ALA A O   1 
ATOM   5    C  CB  . ALA A 1 3   ? 6.579   -11.481 -10.200 1.00 29.49 ? 3    ALA A CB  1 
ATOM   6    N  N   . SER A 1 4   ? 6.679   -14.114 -8.262  1.00 27.71 ? 4    SER A N   1 
ATOM   7    C  CA  . SER A 1 4   ? 6.147   -14.756 -7.072  1.00 25.54 ? 4    SER A CA  1 
ATOM   8    C  C   . SER A 1 4   ? 5.949   -13.668 -6.024  1.00 23.09 ? 4    SER A C   1 
ATOM   9    O  O   . SER A 1 4   ? 6.670   -12.668 -6.017  1.00 21.21 ? 4    SER A O   1 
ATOM   10   C  CB  . SER A 1 4   ? 7.125   -15.803 -6.534  1.00 26.82 ? 4    SER A CB  1 
ATOM   11   O  OG  . SER A 1 4   ? 8.086   -15.205 -5.679  1.00 30.40 ? 4    SER A OG  1 
ATOM   12   N  N   . ILE A 1 5   ? 4.965   -13.863 -5.152  1.00 20.06 ? 5    ILE A N   1 
ATOM   13   C  CA  . ILE A 1 5   ? 4.682   -12.910 -4.082  1.00 19.51 ? 5    ILE A CA  1 
ATOM   14   C  C   . ILE A 1 5   ? 4.648   -13.630 -2.738  1.00 18.80 ? 5    ILE A C   1 
ATOM   15   O  O   . ILE A 1 5   ? 3.980   -14.650 -2.582  1.00 17.82 ? 5    ILE A O   1 
ATOM   16   C  CB  . ILE A 1 5   ? 3.332   -12.203 -4.310  1.00 19.98 ? 5    ILE A CB  1 
ATOM   17   C  CG1 . ILE A 1 5   ? 3.395   -11.399 -5.611  1.00 19.87 ? 5    ILE A CG1 1 
ATOM   18   C  CG2 . ILE A 1 5   ? 2.993   -11.301 -3.119  1.00 17.10 ? 5    ILE A CG2 1 
ATOM   19   C  CD1 . ILE A 1 5   ? 2.083   -10.808 -6.017  1.00 20.99 ? 5    ILE A CD1 1 
ATOM   20   N  N   . ARG A 1 6   ? 5.381   -13.105 -1.767  1.00 19.50 ? 6    ARG A N   1 
ATOM   21   C  CA  . ARG A 1 6   ? 5.402   -13.718 -0.448  1.00 19.71 ? 6    ARG A CA  1 
ATOM   22   C  C   . ARG A 1 6   ? 5.907   -12.747 0.612   1.00 17.83 ? 6    ARG A C   1 
ATOM   23   O  O   . ARG A 1 6   ? 6.429   -11.684 0.282   1.00 17.10 ? 6    ARG A O   1 
ATOM   24   C  CB  . ARG A 1 6   ? 6.252   -14.989 -0.489  1.00 24.44 ? 6    ARG A CB  1 
ATOM   25   C  CG  . ARG A 1 6   ? 7.585   -14.818 -1.175  1.00 27.99 ? 6    ARG A CG  1 
ATOM   26   C  CD  . ARG A 1 6   ? 8.510   -13.954 -0.342  1.00 34.58 ? 6    ARG A CD  1 
ATOM   27   N  NE  . ARG A 1 6   ? 9.784   -13.672 -1.000  1.00 37.93 ? 6    ARG A NE  1 
ATOM   28   C  CZ  . ARG A 1 6   ? 10.794  -13.044 -0.410  1.00 38.32 ? 6    ARG A CZ  1 
ATOM   29   N  NH1 . ARG A 1 6   ? 10.677  -12.640 0.846   1.00 35.57 ? 6    ARG A NH1 1 
ATOM   30   N  NH2 . ARG A 1 6   ? 11.915  -12.811 -1.080  1.00 41.90 ? 6    ARG A NH2 1 
ATOM   31   N  N   . ASP A 1 7   ? 5.736   -13.106 1.882   1.00 15.99 ? 7    ASP A N   1 
ATOM   32   C  CA  . ASP A 1 7   ? 6.168   -12.249 2.982   1.00 15.09 ? 7    ASP A CA  1 
ATOM   33   C  C   . ASP A 1 7   ? 7.632   -11.881 2.852   1.00 14.77 ? 7    ASP A C   1 
ATOM   34   O  O   . ASP A 1 7   ? 8.430   -12.674 2.366   1.00 15.68 ? 7    ASP A O   1 
ATOM   35   C  CB  . ASP A 1 7   ? 5.920   -12.944 4.326   1.00 15.06 ? 7    ASP A CB  1 
ATOM   36   C  CG  . ASP A 1 7   ? 4.440   -13.124 4.615   1.00 15.92 ? 7    ASP A CG  1 
ATOM   37   O  OD1 . ASP A 1 7   ? 3.844   -12.266 5.303   1.00 15.98 ? 7    ASP A OD1 1 
ATOM   38   O  OD2 . ASP A 1 7   ? 3.868   -14.119 4.126   1.00 17.95 ? 7    ASP A OD2 1 
ATOM   39   N  N   . ALA A 1 8   ? 7.975   -10.670 3.278   1.00 14.21 ? 8    ALA A N   1 
ATOM   40   C  CA  . ALA A 1 8   ? 9.349   -10.184 3.219   1.00 13.99 ? 8    ALA A CA  1 
ATOM   41   C  C   . ALA A 1 8   ? 10.198  -10.766 4.350   1.00 14.55 ? 8    ALA A C   1 
ATOM   42   O  O   . ALA A 1 8   ? 9.682   -11.108 5.410   1.00 13.37 ? 8    ALA A O   1 
ATOM   43   C  CB  . ALA A 1 8   ? 9.360   -8.652  3.303   1.00 12.42 ? 8    ALA A CB  1 
ATOM   44   N  N   . GLY A 1 9   ? 11.499  -10.882 4.104   1.00 14.48 ? 9    GLY A N   1 
ATOM   45   C  CA  . GLY A 1 9   ? 12.418  -11.377 5.109   1.00 15.05 ? 9    GLY A CA  1 
ATOM   46   C  C   . GLY A 1 9   ? 13.344  -10.217 5.417   1.00 16.03 ? 9    GLY A C   1 
ATOM   47   O  O   . GLY A 1 9   ? 13.314  -9.220  4.701   1.00 14.84 ? 9    GLY A O   1 
ATOM   48   N  N   . VAL A 1 10  ? 14.162  -10.313 6.463   1.00 18.19 ? 10   VAL A N   1 
ATOM   49   C  CA  . VAL A 1 10  ? 15.056  -9.203  6.774   1.00 19.90 ? 10   VAL A CA  1 
ATOM   50   C  C   . VAL A 1 10  ? 16.017  -8.926  5.616   1.00 19.62 ? 10   VAL A C   1 
ATOM   51   O  O   . VAL A 1 10  ? 16.401  -7.783  5.391   1.00 20.40 ? 10   VAL A O   1 
ATOM   52   C  CB  . VAL A 1 10  ? 15.880  -9.443  8.079   1.00 20.40 ? 10   VAL A CB  1 
ATOM   53   C  CG1 . VAL A 1 10  ? 14.949  -9.581  9.274   1.00 21.21 ? 10   VAL A CG1 1 
ATOM   54   C  CG2 . VAL A 1 10  ? 16.748  -10.669 7.936   1.00 21.98 ? 10   VAL A CG2 1 
ATOM   55   N  N   . ALA A 1 11  ? 16.389  -9.959  4.868   1.00 19.91 ? 11   ALA A N   1 
ATOM   56   C  CA  . ALA A 1 11  ? 17.305  -9.782  3.744   1.00 19.85 ? 11   ALA A CA  1 
ATOM   57   C  C   . ALA A 1 11  ? 16.719  -8.945  2.598   1.00 19.87 ? 11   ALA A C   1 
ATOM   58   O  O   . ALA A 1 11  ? 17.467  -8.457  1.742   1.00 19.70 ? 11   ALA A O   1 
ATOM   59   C  CB  . ALA A 1 11  ? 17.752  -11.140 3.225   1.00 22.21 ? 11   ALA A CB  1 
ATOM   60   N  N   . ASP A 1 12  ? 15.395  -8.777  2.577   1.00 18.36 ? 12   ASP A N   1 
ATOM   61   C  CA  . ASP A 1 12  ? 14.740  -7.982  1.536   1.00 17.44 ? 12   ASP A CA  1 
ATOM   62   C  C   . ASP A 1 12  ? 14.700  -6.490  1.880   1.00 17.16 ? 12   ASP A C   1 
ATOM   63   O  O   . ASP A 1 12  ? 14.337  -5.668  1.041   1.00 16.87 ? 12   ASP A O   1 
ATOM   64   C  CB  . ASP A 1 12  ? 13.288  -8.444  1.310   1.00 17.06 ? 12   ASP A CB  1 
ATOM   65   C  CG  . ASP A 1 12  ? 13.197  -9.868  0.804   1.00 18.65 ? 12   ASP A CG  1 
ATOM   66   O  OD1 . ASP A 1 12  ? 13.839  -10.202 -0.222  1.00 16.11 ? 12   ASP A OD1 1 
ATOM   67   O  OD2 . ASP A 1 12  ? 12.486  -10.660 1.452   1.00 17.92 ? 12   ASP A OD2 1 
ATOM   68   N  N   . LEU A 1 13  ? 15.112  -6.130  3.105   1.00 16.96 ? 13   LEU A N   1 
ATOM   69   C  CA  . LEU A 1 13  ? 15.049  -4.745  3.525   1.00 17.31 ? 13   LEU A CA  1 
ATOM   70   C  C   . LEU A 1 13  ? 15.977  -3.788  2.728   1.00 18.43 ? 13   LEU A C   1 
ATOM   71   O  O   . LEU A 1 13  ? 15.578  -2.620  2.466   1.00 17.68 ? 13   LEU A O   1 
ATOM   72   C  CB  . LEU A 1 13  ? 15.374  -4.632  5.035   1.00 17.72 ? 13   LEU A CB  1 
ATOM   73   C  CG  . LEU A 1 13  ? 14.280  -5.154  5.986   1.00 19.36 ? 13   LEU A CG  1 
ATOM   74   C  CD1 . LEU A 1 13  ? 14.740  -4.879  7.423   1.00 18.74 ? 13   LEU A CD1 1 
ATOM   75   C  CD2 . LEU A 1 13  ? 12.906  -4.503  5.693   1.00 17.66 ? 13   LEU A CD2 1 
ATOM   76   N  N   . PRO A 1 14  ? 17.146  -4.177  2.323   1.00 18.59 ? 14   PRO A N   1 
ATOM   77   C  CA  . PRO A 1 14  ? 17.838  -3.105  1.584   1.00 18.24 ? 14   PRO A CA  1 
ATOM   78   C  C   . PRO A 1 14  ? 17.206  -2.826  0.206   1.00 17.41 ? 14   PRO A C   1 
ATOM   79   O  O   . PRO A 1 14  ? 17.293  -1.719  -0.306  1.00 19.64 ? 14   PRO A O   1 
ATOM   80   C  CB  . PRO A 1 14  ? 19.259  -3.600  1.521   1.00 18.49 ? 14   PRO A CB  1 
ATOM   81   C  CG  . PRO A 1 14  ? 19.194  -5.008  2.047   1.00 19.80 ? 14   PRO A CG  1 
ATOM   82   C  CD  . PRO A 1 14  ? 18.074  -5.157  2.941   1.00 19.43 ? 14   PRO A CD  1 
ATOM   83   N  N   . GLY A 1 15  ? 16.592  -3.855  -0.364  1.00 17.90 ? 15   GLY A N   1 
ATOM   84   C  CA  . GLY A 1 15  ? 15.938  -3.697  -1.664  1.00 15.79 ? 15   GLY A CA  1 
ATOM   85   C  C   . GLY A 1 15  ? 14.693  -2.848  -1.486  1.00 16.98 ? 15   GLY A C   1 
ATOM   86   O  O   . GLY A 1 15  ? 14.362  -2.008  -2.322  1.00 16.10 ? 15   GLY A O   1 
ATOM   87   N  N   . ILE A 1 16  ? 14.003  -3.051  -0.372  1.00 17.12 ? 16   ILE A N   1 
ATOM   88   C  CA  . ILE A 1 16  ? 12.798  -2.283  -0.068  1.00 16.85 ? 16   ILE A CA  1 
ATOM   89   C  C   . ILE A 1 16  ? 13.164  -0.810  0.190   1.00 17.56 ? 16   ILE A C   1 
ATOM   90   O  O   . ILE A 1 16  ? 12.466  0.102   -0.269  1.00 16.31 ? 16   ILE A O   1 
ATOM   91   C  CB  . ILE A 1 16  ? 12.064  -2.894  1.167   1.00 16.45 ? 16   ILE A CB  1 
ATOM   92   C  CG1 . ILE A 1 16  ? 11.439  -4.236  0.768   1.00 15.73 ? 16   ILE A CG1 1 
ATOM   93   C  CG2 . ILE A 1 16  ? 11.003  -1.934  1.700   1.00 15.84 ? 16   ILE A CG2 1 
ATOM   94   C  CD1 . ILE A 1 16  ? 10.788  -4.986  1.912   1.00 16.03 ? 16   ILE A CD1 1 
ATOM   95   N  N   . LEU A 1 17  ? 14.270  -0.588  0.905   1.00 18.55 ? 17   LEU A N   1 
ATOM   96   C  CA  . LEU A 1 17  ? 14.757  0.753   1.233   1.00 18.65 ? 17   LEU A CA  1 
ATOM   97   C  C   . LEU A 1 17  ? 14.992  1.586   -0.017  1.00 18.68 ? 17   LEU A C   1 
ATOM   98   O  O   . LEU A 1 17  ? 14.571  2.745   -0.099  1.00 17.78 ? 17   LEU A O   1 
ATOM   99   C  CB  . LEU A 1 17  ? 16.069  0.659   2.014   1.00 19.62 ? 17   LEU A CB  1 
ATOM   100  C  CG  . LEU A 1 17  ? 16.741  1.985   2.396   1.00 22.01 ? 17   LEU A CG  1 
ATOM   101  C  CD1 . LEU A 1 17  ? 15.848  2.763   3.364   1.00 19.80 ? 17   LEU A CD1 1 
ATOM   102  C  CD2 . LEU A 1 17  ? 18.097  1.713   3.032   1.00 20.79 ? 17   LEU A CD2 1 
ATOM   103  N  N   . ALA A 1 18  ? 15.683  0.984   -0.979  1.00 18.82 ? 18   ALA A N   1 
ATOM   104  C  CA  . ALA A 1 18  ? 15.999  1.632   -2.244  1.00 17.98 ? 18   ALA A CA  1 
ATOM   105  C  C   . ALA A 1 18  ? 14.741  2.117   -2.962  1.00 17.99 ? 18   ALA A C   1 
ATOM   106  O  O   . ALA A 1 18  ? 14.678  3.259   -3.413  1.00 18.08 ? 18   ALA A O   1 
ATOM   107  C  CB  . ALA A 1 18  ? 16.771  0.662   -3.136  1.00 18.77 ? 18   ALA A CB  1 
ATOM   108  N  N   . ILE A 1 19  ? 13.747  1.239   -3.071  1.00 17.20 ? 19   ILE A N   1 
ATOM   109  C  CA  . ILE A 1 19  ? 12.484  1.558   -3.726  1.00 17.11 ? 19   ILE A CA  1 
ATOM   110  C  C   . ILE A 1 19  ? 11.755  2.706   -3.025  1.00 18.83 ? 19   ILE A C   1 
ATOM   111  O  O   . ILE A 1 19  ? 11.219  3.610   -3.668  1.00 18.52 ? 19   ILE A O   1 
ATOM   112  C  CB  . ILE A 1 19  ? 11.560  0.326   -3.734  1.00 17.40 ? 19   ILE A CB  1 
ATOM   113  C  CG1 . ILE A 1 19  ? 12.150  -0.759  -4.633  1.00 15.85 ? 19   ILE A CG1 1 
ATOM   114  C  CG2 . ILE A 1 19  ? 10.165  0.723   -4.186  1.00 18.01 ? 19   ILE A CG2 1 
ATOM   115  C  CD1 . ILE A 1 19  ? 11.445  -2.092  -4.526  1.00 13.10 ? 19   ILE A CD1 1 
ATOM   116  N  N   . TYR A 1 20  ? 11.749  2.658   -1.699  1.00 19.94 ? 20   TYR A N   1 
ATOM   117  C  CA  . TYR A 1 20  ? 11.084  3.662   -0.877  1.00 21.51 ? 20   TYR A CA  1 
ATOM   118  C  C   . TYR A 1 20  ? 11.673  5.071   -0.966  1.00 21.16 ? 20   TYR A C   1 
ATOM   119  O  O   . TYR A 1 20  ? 10.954  6.037   -1.227  1.00 19.81 ? 20   TYR A O   1 
ATOM   120  C  CB  . TYR A 1 20  ? 11.102  3.214   0.586   1.00 22.74 ? 20   TYR A CB  1 
ATOM   121  C  CG  . TYR A 1 20  ? 10.396  4.170   1.518   1.00 24.92 ? 20   TYR A CG  1 
ATOM   122  C  CD1 . TYR A 1 20  ? 9.011   4.124   1.670   1.00 25.84 ? 20   TYR A CD1 1 
ATOM   123  C  CD2 . TYR A 1 20  ? 11.107  5.147   2.221   1.00 25.70 ? 20   TYR A CD2 1 
ATOM   124  C  CE1 . TYR A 1 20  ? 8.344   5.026   2.502   1.00 26.61 ? 20   TYR A CE1 1 
ATOM   125  C  CE2 . TYR A 1 20  ? 10.450  6.058   3.054   1.00 26.88 ? 20   TYR A CE2 1 
ATOM   126  C  CZ  . TYR A 1 20  ? 9.067   5.990   3.188   1.00 28.17 ? 20   TYR A CZ  1 
ATOM   127  O  OH  . TYR A 1 20  ? 8.401   6.876   4.008   1.00 30.44 ? 20   TYR A OH  1 
ATOM   128  N  N   . ASN A 1 21  ? 12.973  5.192   -0.713  1.00 22.32 ? 21   ASN A N   1 
ATOM   129  C  CA  . ASN A 1 21  ? 13.623  6.499   -0.753  1.00 24.07 ? 21   ASN A CA  1 
ATOM   130  C  C   . ASN A 1 21  ? 13.438  7.124   -2.123  1.00 25.38 ? 21   ASN A C   1 
ATOM   131  O  O   . ASN A 1 21  ? 13.319  8.342   -2.279  1.00 26.37 ? 21   ASN A O   1 
ATOM   132  C  CB  . ASN A 1 21  ? 15.114  6.363   -0.439  1.00 22.91 ? 21   ASN A CB  1 
ATOM   133  C  CG  . ASN A 1 21  ? 15.380  6.193   1.042   1.00 24.27 ? 21   ASN A CG  1 
ATOM   134  O  OD1 . ASN A 1 21  ? 14.667  6.753   1.874   1.00 24.53 ? 21   ASN A OD1 1 
ATOM   135  N  ND2 . ASN A 1 21  ? 16.419  5.437   1.381   1.00 22.35 ? 21   ASN A ND2 1 
ATOM   136  N  N   . ASP A 1 22  ? 13.404  6.253   -3.114  1.00 28.04 ? 22   ASP A N   1 
ATOM   137  C  CA  . ASP A 1 22  ? 13.236  6.639   -4.498  1.00 30.59 ? 22   ASP A CA  1 
ATOM   138  C  C   . ASP A 1 22  ? 11.852  7.251   -4.727  1.00 30.47 ? 22   ASP A C   1 
ATOM   139  O  O   . ASP A 1 22  ? 11.708  8.258   -5.429  1.00 29.93 ? 22   ASP A O   1 
ATOM   140  C  CB  . ASP A 1 22  ? 13.414  5.396   -5.355  1.00 34.50 ? 22   ASP A CB  1 
ATOM   141  C  CG  . ASP A 1 22  ? 13.774  5.717   -6.772  1.00 39.51 ? 22   ASP A CG  1 
ATOM   142  O  OD1 . ASP A 1 22  ? 12.896  6.211   -7.524  1.00 39.92 ? 22   ASP A OD1 1 
ATOM   143  O  OD2 . ASP A 1 22  ? 14.948  5.472   -7.126  1.00 43.40 ? 22   ASP A OD2 1 
ATOM   144  N  N   . ALA A 1 23  ? 10.835  6.634   -4.133  1.00 30.00 ? 23   ALA A N   1 
ATOM   145  C  CA  . ALA A 1 23  ? 9.473   7.119   -4.275  1.00 29.61 ? 23   ALA A CA  1 
ATOM   146  C  C   . ALA A 1 23  ? 9.302   8.498   -3.639  1.00 29.27 ? 23   ALA A C   1 
ATOM   147  O  O   . ALA A 1 23  ? 8.722   9.384   -4.251  1.00 29.93 ? 23   ALA A O   1 
ATOM   148  C  CB  . ALA A 1 23  ? 8.476   6.118   -3.650  1.00 28.44 ? 23   ALA A CB  1 
ATOM   149  N  N   . VAL A 1 24  ? 9.838   8.700   -2.438  1.00 29.56 ? 24   VAL A N   1 
ATOM   150  C  CA  . VAL A 1 24  ? 9.652   9.977   -1.753  1.00 30.87 ? 24   VAL A CA  1 
ATOM   151  C  C   . VAL A 1 24  ? 10.307  11.212  -2.367  1.00 31.98 ? 24   VAL A C   1 
ATOM   152  O  O   . VAL A 1 24  ? 9.881   12.335  -2.093  1.00 31.16 ? 24   VAL A O   1 
ATOM   153  C  CB  . VAL A 1 24  ? 10.082  9.897   -0.268  1.00 30.33 ? 24   VAL A CB  1 
ATOM   154  C  CG1 . VAL A 1 24  ? 9.935   8.488   0.237   1.00 29.25 ? 24   VAL A CG1 1 
ATOM   155  C  CG2 . VAL A 1 24  ? 11.490  10.409  -0.091  1.00 30.53 ? 24   VAL A CG2 1 
ATOM   156  N  N   . GLY A 1 25  ? 11.328  11.020  -3.196  1.00 33.27 ? 25   GLY A N   1 
ATOM   157  C  CA  . GLY A 1 25  ? 11.985  12.170  -3.797  1.00 36.30 ? 25   GLY A CA  1 
ATOM   158  C  C   . GLY A 1 25  ? 11.611  12.480  -5.239  1.00 37.97 ? 25   GLY A C   1 
ATOM   159  O  O   . GLY A 1 25  ? 11.930  13.554  -5.772  1.00 39.49 ? 25   GLY A O   1 
ATOM   160  N  N   . ASN A 1 26  ? 10.897  11.563  -5.873  1.00 38.14 ? 26   ASN A N   1 
ATOM   161  C  CA  . ASN A 1 26  ? 10.564  11.757  -7.266  1.00 39.49 ? 26   ASN A CA  1 
ATOM   162  C  C   . ASN A 1 26  ? 9.119   11.516  -7.645  1.00 39.38 ? 26   ASN A C   1 
ATOM   163  O  O   . ASN A 1 26  ? 8.758   11.655  -8.810  1.00 39.82 ? 26   ASN A O   1 
ATOM   164  C  CB  . ASN A 1 26  ? 11.470  10.852  -8.096  1.00 42.06 ? 26   ASN A CB  1 
ATOM   165  C  CG  . ASN A 1 26  ? 12.953  11.131  -7.862  1.00 44.79 ? 26   ASN A CG  1 
ATOM   166  O  OD1 . ASN A 1 26  ? 13.465  11.029  -6.738  1.00 47.26 ? 26   ASN A OD1 1 
ATOM   167  N  ND2 . ASN A 1 26  ? 13.650  11.486  -8.930  1.00 46.27 ? 26   ASN A ND2 1 
ATOM   168  N  N   . THR A 1 27  ? 8.284   11.169  -6.676  1.00 39.48 ? 27   THR A N   1 
ATOM   169  C  CA  . THR A 1 27  ? 6.888   10.898  -6.989  1.00 40.08 ? 27   THR A CA  1 
ATOM   170  C  C   . THR A 1 27  ? 5.905   11.543  -6.028  1.00 39.74 ? 27   THR A C   1 
ATOM   171  O  O   . THR A 1 27  ? 6.292   12.130  -5.015  1.00 38.64 ? 27   THR A O   1 
ATOM   172  C  CB  . THR A 1 27  ? 6.603   9.379   -6.984  1.00 42.02 ? 27   THR A CB  1 
ATOM   173  O  OG1 . THR A 1 27  ? 5.349   9.125   -7.630  1.00 45.53 ? 27   THR A OG1 1 
ATOM   174  C  CG2 . THR A 1 27  ? 6.514   8.852   -5.556  1.00 41.70 ? 27   THR A CG2 1 
ATOM   175  N  N   . THR A 1 28  ? 4.623   11.430  -6.370  1.00 40.07 ? 28   THR A N   1 
ATOM   176  C  CA  . THR A 1 28  ? 3.535   11.947  -5.542  1.00 40.39 ? 28   THR A CA  1 
ATOM   177  C  C   . THR A 1 28  ? 2.834   10.723  -4.966  1.00 39.52 ? 28   THR A C   1 
ATOM   178  O  O   . THR A 1 28  ? 1.763   10.830  -4.375  1.00 38.40 ? 28   THR A O   1 
ATOM   179  C  CB  . THR A 1 28  ? 2.478   12.737  -6.352  1.00 40.03 ? 28   THR A CB  1 
ATOM   180  O  OG1 . THR A 1 28  ? 1.770   11.840  -7.221  1.00 42.01 ? 28   THR A OG1 1 
ATOM   181  C  CG2 . THR A 1 28  ? 3.136   13.834  -7.172  1.00 40.18 ? 28   THR A CG2 1 
ATOM   182  N  N   . ALA A 1 29  ? 3.443   9.556   -5.165  1.00 39.72 ? 29   ALA A N   1 
ATOM   183  C  CA  . ALA A 1 29  ? 2.894   8.296   -4.671  1.00 39.62 ? 29   ALA A CA  1 
ATOM   184  C  C   . ALA A 1 29  ? 2.977   8.237   -3.141  1.00 38.86 ? 29   ALA A C   1 
ATOM   185  O  O   . ALA A 1 29  ? 2.104   7.676   -2.470  1.00 37.86 ? 29   ALA A O   1 
ATOM   186  C  CB  . ALA A 1 29  ? 3.657   7.127   -5.290  1.00 39.15 ? 29   ALA A CB  1 
ATOM   187  N  N   . ILE A 1 30  ? 4.040   8.828   -2.604  1.00 38.05 ? 30   ILE A N   1 
ATOM   188  C  CA  . ILE A 1 30  ? 4.271   8.882   -1.165  1.00 37.50 ? 30   ILE A CA  1 
ATOM   189  C  C   . ILE A 1 30  ? 4.402   10.359  -0.798  1.00 37.30 ? 30   ILE A C   1 
ATOM   190  O  O   . ILE A 1 30  ? 5.191   11.086  -1.412  1.00 36.52 ? 30   ILE A O   1 
ATOM   191  C  CB  . ILE A 1 30  ? 5.570   8.106   -0.787  1.00 37.65 ? 30   ILE A CB  1 
ATOM   192  C  CG1 . ILE A 1 30  ? 6.019   8.469   0.630   1.00 37.89 ? 30   ILE A CG1 1 
ATOM   193  C  CG2 . ILE A 1 30  ? 6.666   8.394   -1.794  1.00 36.22 ? 30   ILE A CG2 1 
ATOM   194  C  CD1 . ILE A 1 30  ? 5.086   7.978   1.716   1.00 39.99 ? 30   ILE A CD1 1 
ATOM   195  N  N   . TRP A 1 31  ? 3.628   10.812  0.188   1.00 36.43 ? 31   TRP A N   1 
ATOM   196  C  CA  . TRP A 1 31  ? 3.692   12.217  0.569   1.00 36.82 ? 31   TRP A CA  1 
ATOM   197  C  C   . TRP A 1 31  ? 4.649   12.594  1.688   1.00 37.67 ? 31   TRP A C   1 
ATOM   198  O  O   . TRP A 1 31  ? 4.315   13.351  2.600   1.00 37.19 ? 31   TRP A O   1 
ATOM   199  C  CB  . TRP A 1 31  ? 2.288   12.767  0.833   1.00 36.73 ? 31   TRP A CB  1 
ATOM   200  C  CG  . TRP A 1 31  ? 1.542   12.962  -0.453  1.00 36.71 ? 31   TRP A CG  1 
ATOM   201  C  CD1 . TRP A 1 31  ? 1.953   12.558  -1.693  1.00 37.38 ? 31   TRP A CD1 1 
ATOM   202  C  CD2 . TRP A 1 31  ? 0.198   13.457  -0.618  1.00 36.79 ? 31   TRP A CD2 1 
ATOM   203  N  NE1 . TRP A 1 31  ? 0.950   12.752  -2.615  1.00 38.02 ? 31   TRP A NE1 1 
ATOM   204  C  CE2 . TRP A 1 31  ? -0.133  13.293  -1.989  1.00 37.11 ? 31   TRP A CE2 1 
ATOM   205  C  CE3 . TRP A 1 31  ? -0.757  13.992  0.254   1.00 35.74 ? 31   TRP A CE3 1 
ATOM   206  C  CZ2 . TRP A 1 31  ? -1.387  13.663  -2.502  1.00 36.72 ? 31   TRP A CZ2 1 
ATOM   207  C  CZ3 . TRP A 1 31  ? -2.007  14.354  -0.265  1.00 36.22 ? 31   TRP A CZ3 1 
ATOM   208  C  CH2 . TRP A 1 31  ? -2.306  14.180  -1.629  1.00 36.46 ? 31   TRP A CH2 1 
ATOM   209  N  N   . ASN A 1 32  ? 5.861   12.060  1.576   1.00 38.64 ? 32   ASN A N   1 
ATOM   210  C  CA  . ASN A 1 32  ? 6.959   12.331  2.493   1.00 38.35 ? 32   ASN A CA  1 
ATOM   211  C  C   . ASN A 1 32  ? 8.060   12.811  1.564   1.00 36.99 ? 32   ASN A C   1 
ATOM   212  O  O   . ASN A 1 32  ? 8.120   12.399  0.407   1.00 37.23 ? 32   ASN A O   1 
ATOM   213  C  CB  . ASN A 1 32  ? 7.420   11.056  3.208   1.00 40.70 ? 32   ASN A CB  1 
ATOM   214  C  CG  . ASN A 1 32  ? 6.497   10.654  4.349   1.00 42.15 ? 32   ASN A CG  1 
ATOM   215  O  OD1 . ASN A 1 32  ? 6.345   11.390  5.325   1.00 43.29 ? 32   ASN A OD1 1 
ATOM   216  N  ND2 . ASN A 1 32  ? 5.882   9.477   4.232   1.00 42.05 ? 32   ASN A ND2 1 
ATOM   217  N  N   . GLU A 1 33  ? 8.925   13.682  2.051   1.00 36.28 ? 33   GLU A N   1 
ATOM   218  C  CA  . GLU A 1 33  ? 10.001  14.179  1.215   1.00 35.54 ? 33   GLU A CA  1 
ATOM   219  C  C   . GLU A 1 33  ? 11.355  13.787  1.781   1.00 34.78 ? 33   GLU A C   1 
ATOM   220  O  O   . GLU A 1 33  ? 12.369  13.924  1.104   1.00 35.68 ? 33   GLU A O   1 
ATOM   221  C  CB  . GLU A 1 33  ? 9.903   15.691  1.084   1.00 35.75 ? 33   GLU A CB  1 
ATOM   222  N  N   . THR A 1 34  ? 11.363  13.282  3.015   1.00 33.40 ? 34   THR A N   1 
ATOM   223  C  CA  . THR A 1 34  ? 12.602  12.888  3.687   1.00 32.29 ? 34   THR A CA  1 
ATOM   224  C  C   . THR A 1 34  ? 12.927  11.402  3.560   1.00 31.38 ? 34   THR A C   1 
ATOM   225  O  O   . THR A 1 34  ? 12.080  10.549  3.834   1.00 31.29 ? 34   THR A O   1 
ATOM   226  C  CB  . THR A 1 34  ? 12.550  13.215  5.188   1.00 32.46 ? 34   THR A CB  1 
ATOM   227  O  OG1 . THR A 1 34  ? 12.092  14.557  5.369   1.00 35.24 ? 34   THR A OG1 1 
ATOM   228  C  CG2 . THR A 1 34  ? 13.928  13.089  5.807   1.00 31.96 ? 34   THR A CG2 1 
ATOM   229  N  N   . PRO A 1 35  ? 14.166  11.073  3.144   1.00 30.25 ? 35   PRO A N   1 
ATOM   230  C  CA  . PRO A 1 35  ? 14.573  9.674   2.995   1.00 28.19 ? 35   PRO A CA  1 
ATOM   231  C  C   . PRO A 1 35  ? 14.856  9.084   4.371   1.00 27.00 ? 35   PRO A C   1 
ATOM   232  O  O   . PRO A 1 35  ? 15.183  9.817   5.300   1.00 25.97 ? 35   PRO A O   1 
ATOM   233  C  CB  . PRO A 1 35  ? 15.844  9.760   2.153   1.00 29.10 ? 35   PRO A CB  1 
ATOM   234  C  CG  . PRO A 1 35  ? 15.767  11.115  1.498   1.00 30.07 ? 35   PRO A CG  1 
ATOM   235  C  CD  . PRO A 1 35  ? 15.197  11.967  2.593   1.00 30.78 ? 35   PRO A CD  1 
ATOM   236  N  N   . VAL A 1 36  ? 14.742  7.763   4.489   1.00 25.17 ? 36   VAL A N   1 
ATOM   237  C  CA  . VAL A 1 36  ? 14.976  7.074   5.751   1.00 24.42 ? 36   VAL A CA  1 
ATOM   238  C  C   . VAL A 1 36  ? 16.165  6.133   5.586   1.00 24.60 ? 36   VAL A C   1 
ATOM   239  O  O   . VAL A 1 36  ? 16.677  5.964   4.480   1.00 25.03 ? 36   VAL A O   1 
ATOM   240  C  CB  . VAL A 1 36  ? 13.732  6.250   6.158   1.00 24.44 ? 36   VAL A CB  1 
ATOM   241  C  CG1 . VAL A 1 36  ? 12.481  7.105   6.048   1.00 24.61 ? 36   VAL A CG1 1 
ATOM   242  C  CG2 . VAL A 1 36  ? 13.596  5.027   5.268   1.00 23.96 ? 36   VAL A CG2 1 
ATOM   243  N  N   . ASP A 1 37  ? 16.617  5.526   6.679   1.00 25.44 ? 37   ASP A N   1 
ATOM   244  C  CA  . ASP A 1 37  ? 17.732  4.586   6.598   1.00 26.03 ? 37   ASP A CA  1 
ATOM   245  C  C   . ASP A 1 37  ? 17.262  3.160   6.891   1.00 24.54 ? 37   ASP A C   1 
ATOM   246  O  O   . ASP A 1 37  ? 16.082  2.931   7.157   1.00 23.16 ? 37   ASP A O   1 
ATOM   247  C  CB  . ASP A 1 37  ? 18.879  4.998   7.544   1.00 27.78 ? 37   ASP A CB  1 
ATOM   248  C  CG  . ASP A 1 37  ? 18.460  5.056   9.007   1.00 30.46 ? 37   ASP A CG  1 
ATOM   249  O  OD1 . ASP A 1 37  ? 19.302  5.456   9.840   1.00 31.69 ? 37   ASP A OD1 1 
ATOM   250  O  OD2 . ASP A 1 37  ? 17.307  4.706   9.333   1.00 31.39 ? 37   ASP A OD2 1 
ATOM   251  N  N   . LEU A 1 38  ? 18.185  2.207   6.835   1.00 23.59 ? 38   LEU A N   1 
ATOM   252  C  CA  . LEU A 1 38  ? 17.856  0.804   7.059   1.00 23.17 ? 38   LEU A CA  1 
ATOM   253  C  C   . LEU A 1 38  ? 17.265  0.505   8.435   1.00 23.04 ? 38   LEU A C   1 
ATOM   254  O  O   . LEU A 1 38  ? 16.331  -0.292  8.555   1.00 22.04 ? 38   LEU A O   1 
ATOM   255  C  CB  . LEU A 1 38  ? 19.099  -0.056  6.822   1.00 23.82 ? 38   LEU A CB  1 
ATOM   256  C  CG  . LEU A 1 38  ? 18.889  -1.569  6.812   1.00 24.78 ? 38   LEU A CG  1 
ATOM   257  C  CD1 . LEU A 1 38  ? 17.843  -1.910  5.776   1.00 24.30 ? 38   LEU A CD1 1 
ATOM   258  C  CD2 . LEU A 1 38  ? 20.207  -2.286  6.511   1.00 25.19 ? 38   LEU A CD2 1 
ATOM   259  N  N   . ALA A 1 39  ? 17.811  1.137   9.469   1.00 23.08 ? 39   ALA A N   1 
ATOM   260  C  CA  . ALA A 1 39  ? 17.324  0.933   10.832  1.00 23.39 ? 39   ALA A CA  1 
ATOM   261  C  C   . ALA A 1 39  ? 15.847  1.292   10.905  1.00 22.48 ? 39   ALA A C   1 
ATOM   262  O  O   . ALA A 1 39  ? 15.073  0.656   11.618  1.00 23.11 ? 39   ALA A O   1 
ATOM   263  C  CB  . ALA A 1 39  ? 18.122  1.800   11.819  1.00 24.01 ? 39   ALA A CB  1 
ATOM   264  N  N   . ASN A 1 40  ? 15.469  2.322   10.162  1.00 21.54 ? 40   ASN A N   1 
ATOM   265  C  CA  . ASN A 1 40  ? 14.093  2.792   10.115  1.00 21.71 ? 40   ASN A CA  1 
ATOM   266  C  C   . ASN A 1 40  ? 13.158  1.722   9.548   1.00 21.05 ? 40   ASN A C   1 
ATOM   267  O  O   . ASN A 1 40  ? 12.074  1.482   10.090  1.00 19.34 ? 40   ASN A O   1 
ATOM   268  C  CB  . ASN A 1 40  ? 14.033  4.081   9.275   1.00 22.00 ? 40   ASN A CB  1 
ATOM   269  C  CG  . ASN A 1 40  ? 12.618  4.574   9.047   1.00 21.92 ? 40   ASN A CG  1 
ATOM   270  O  OD1 . ASN A 1 40  ? 11.897  4.054   8.191   1.00 21.87 ? 40   ASN A OD1 1 
ATOM   271  N  ND2 . ASN A 1 40  ? 12.210  5.583   9.817   1.00 21.25 ? 40   ASN A ND2 1 
ATOM   272  N  N   . ARG A 1 41  ? 13.583  1.078   8.459   1.00 19.90 ? 41   ARG A N   1 
ATOM   273  C  CA  . ARG A 1 41  ? 12.781  0.030   7.831   1.00 18.36 ? 41   ARG A CA  1 
ATOM   274  C  C   . ARG A 1 41  ? 12.759  -1.239  8.678   1.00 18.62 ? 41   ARG A C   1 
ATOM   275  O  O   . ARG A 1 41  ? 11.779  -1.981  8.644   1.00 19.18 ? 41   ARG A O   1 
ATOM   276  C  CB  . ARG A 1 41  ? 13.309  -0.304  6.433   1.00 17.97 ? 41   ARG A CB  1 
ATOM   277  C  CG  . ARG A 1 41  ? 13.151  0.802   5.398   1.00 18.99 ? 41   ARG A CG  1 
ATOM   278  C  CD  . ARG A 1 41  ? 11.689  1.115   5.084   1.00 19.45 ? 41   ARG A CD  1 
ATOM   279  N  NE  . ARG A 1 41  ? 11.081  2.065   6.017   1.00 20.35 ? 41   ARG A NE  1 
ATOM   280  C  CZ  . ARG A 1 41  ? 9.798   2.421   5.978   1.00 21.47 ? 41   ARG A CZ  1 
ATOM   281  N  NH1 . ARG A 1 41  ? 9.317   3.292   6.856   1.00 19.06 ? 41   ARG A NH1 1 
ATOM   282  N  NH2 . ARG A 1 41  ? 8.992   1.894   5.059   1.00 21.26 ? 41   ARG A NH2 1 
ATOM   283  N  N   . GLN A 1 42  ? 13.836  -1.496  9.422   1.00 18.30 ? 42   GLN A N   1 
ATOM   284  C  CA  . GLN A 1 42  ? 13.900  -2.676  10.287  1.00 19.07 ? 42   GLN A CA  1 
ATOM   285  C  C   . GLN A 1 42  ? 12.884  -2.519  11.419  1.00 20.35 ? 42   GLN A C   1 
ATOM   286  O  O   . GLN A 1 42  ? 12.261  -3.488  11.850  1.00 21.57 ? 42   GLN A O   1 
ATOM   287  C  CB  . GLN A 1 42  ? 15.303  -2.839  10.877  1.00 20.16 ? 42   GLN A CB  1 
ATOM   288  C  CG  . GLN A 1 42  ? 15.436  -3.998  11.864  1.00 22.71 ? 42   GLN A CG  1 
ATOM   289  C  CD  . GLN A 1 42  ? 15.330  -5.364  11.204  1.00 24.69 ? 42   GLN A CD  1 
ATOM   290  O  OE1 . GLN A 1 42  ? 16.102  -5.689  10.299  1.00 26.67 ? 42   GLN A OE1 1 
ATOM   291  N  NE2 . GLN A 1 42  ? 14.380  -6.176  11.661  1.00 23.39 ? 42   GLN A NE2 1 
ATOM   292  N  N   . ALA A 1 43  ? 12.723  -1.291  11.897  1.00 19.92 ? 43   ALA A N   1 
ATOM   293  C  CA  . ALA A 1 43  ? 11.774  -1.000  12.964  1.00 20.17 ? 43   ALA A CA  1 
ATOM   294  C  C   . ALA A 1 43  ? 10.343  -1.168  12.433  1.00 19.64 ? 43   ALA A C   1 
ATOM   295  O  O   . ALA A 1 43  ? 9.467   -1.700  13.114  1.00 20.27 ? 43   ALA A O   1 
ATOM   296  C  CB  . ALA A 1 43  ? 11.994  0.421   13.466  1.00 20.50 ? 43   ALA A CB  1 
ATOM   297  N  N   . TRP A 1 44  ? 10.125  -0.698  11.211  1.00 18.52 ? 44   TRP A N   1 
ATOM   298  C  CA  . TRP A 1 44  ? 8.835   -0.792  10.531  1.00 18.72 ? 44   TRP A CA  1 
ATOM   299  C  C   . TRP A 1 44  ? 8.496   -2.274  10.301  1.00 18.34 ? 44   TRP A C   1 
ATOM   300  O  O   . TRP A 1 44  ? 7.355   -2.703  10.461  1.00 18.06 ? 44   TRP A O   1 
ATOM   301  C  CB  . TRP A 1 44  ? 8.949   -0.020  9.210   1.00 18.33 ? 44   TRP A CB  1 
ATOM   302  C  CG  . TRP A 1 44  ? 7.916   -0.302  8.175   1.00 19.75 ? 44   TRP A CG  1 
ATOM   303  C  CD1 . TRP A 1 44  ? 6.618   0.131   8.152   1.00 18.50 ? 44   TRP A CD1 1 
ATOM   304  C  CD2 . TRP A 1 44  ? 8.110   -1.063  6.981   1.00 18.55 ? 44   TRP A CD2 1 
ATOM   305  N  NE1 . TRP A 1 44  ? 5.994   -0.316  7.010   1.00 19.46 ? 44   TRP A NE1 1 
ATOM   306  C  CE2 . TRP A 1 44  ? 6.887   -1.052  6.275   1.00 19.88 ? 44   TRP A CE2 1 
ATOM   307  C  CE3 . TRP A 1 44  ? 9.203   -1.754  6.437   1.00 19.70 ? 44   TRP A CE3 1 
ATOM   308  C  CZ2 . TRP A 1 44  ? 6.727   -1.712  5.046   1.00 19.51 ? 44   TRP A CZ2 1 
ATOM   309  C  CZ3 . TRP A 1 44  ? 9.044   -2.409  5.217   1.00 19.56 ? 44   TRP A CZ3 1 
ATOM   310  C  CH2 . TRP A 1 44  ? 7.814   -2.381  4.537   1.00 19.51 ? 44   TRP A CH2 1 
ATOM   311  N  N   . PHE A 1 45  ? 9.514   -3.048  9.935   1.00 18.32 ? 45   PHE A N   1 
ATOM   312  C  CA  . PHE A 1 45  ? 9.395   -4.483  9.692   1.00 16.68 ? 45   PHE A CA  1 
ATOM   313  C  C   . PHE A 1 45  ? 8.936   -5.207  10.967  1.00 16.57 ? 45   PHE A C   1 
ATOM   314  O  O   . PHE A 1 45  ? 8.063   -6.068  10.925  1.00 15.03 ? 45   PHE A O   1 
ATOM   315  C  CB  . PHE A 1 45  ? 10.767  -5.021  9.250   1.00 16.78 ? 45   PHE A CB  1 
ATOM   316  C  CG  . PHE A 1 45  ? 10.793  -6.500  8.965   1.00 16.19 ? 45   PHE A CG  1 
ATOM   317  C  CD1 . PHE A 1 45  ? 10.524  -6.983  7.689   1.00 16.73 ? 45   PHE A CD1 1 
ATOM   318  C  CD2 . PHE A 1 45  ? 11.095  -7.413  9.975   1.00 18.04 ? 45   PHE A CD2 1 
ATOM   319  C  CE1 . PHE A 1 45  ? 10.542  -8.354  7.424   1.00 15.33 ? 45   PHE A CE1 1 
ATOM   320  C  CE2 . PHE A 1 45  ? 11.114  -8.786  9.721   1.00 17.83 ? 45   PHE A CE2 1 
ATOM   321  C  CZ  . PHE A 1 45  ? 10.841  -9.257  8.440   1.00 16.50 ? 45   PHE A CZ  1 
ATOM   322  N  N   . ASP A 1 46  ? 9.532   -4.849  12.102  1.00 18.26 ? 46   ASP A N   1 
ATOM   323  C  CA  . ASP A 1 46  ? 9.194   -5.489  13.373  1.00 18.85 ? 46   ASP A CA  1 
ATOM   324  C  C   . ASP A 1 46  ? 7.829   -5.071  13.885  1.00 18.44 ? 46   ASP A C   1 
ATOM   325  O  O   . ASP A 1 46  ? 7.080   -5.897  14.413  1.00 20.34 ? 46   ASP A O   1 
ATOM   326  C  CB  . ASP A 1 46  ? 10.266  -5.192  14.429  1.00 20.43 ? 46   ASP A CB  1 
ATOM   327  C  CG  . ASP A 1 46  ? 11.602  -5.846  14.104  1.00 22.60 ? 46   ASP A CG  1 
ATOM   328  O  OD1 . ASP A 1 46  ? 11.595  -7.026  13.694  1.00 22.38 ? 46   ASP A OD1 1 
ATOM   329  O  OD2 . ASP A 1 46  ? 12.656  -5.192  14.266  1.00 23.26 ? 46   ASP A OD2 1 
ATOM   330  N  N   . ALA A 1 47  ? 7.505   -3.792  13.721  1.00 17.27 ? 47   ALA A N   1 
ATOM   331  C  CA  . ALA A 1 47  ? 6.216   -3.267  14.152  1.00 16.65 ? 47   ALA A CA  1 
ATOM   332  C  C   . ALA A 1 47  ? 5.080   -3.976  13.415  1.00 17.13 ? 47   ALA A C   1 
ATOM   333  O  O   . ALA A 1 47  ? 4.094   -4.378  14.029  1.00 17.43 ? 47   ALA A O   1 
ATOM   334  C  CB  . ALA A 1 47  ? 6.147   -1.768  13.898  1.00 17.20 ? 47   ALA A CB  1 
ATOM   335  N  N   . ARG A 1 48  ? 5.208   -4.120  12.098  1.00 15.57 ? 48   ARG A N   1 
ATOM   336  C  CA  . ARG A 1 48  ? 4.181   -4.806  11.321  1.00 16.59 ? 48   ARG A CA  1 
ATOM   337  C  C   . ARG A 1 48  ? 3.997   -6.242  11.835  1.00 15.67 ? 48   ARG A C   1 
ATOM   338  O  O   . ARG A 1 48  ? 2.878   -6.756  11.875  1.00 14.22 ? 48   ARG A O   1 
ATOM   339  C  CB  . ARG A 1 48  ? 4.561   -4.813  9.836   1.00 16.18 ? 48   ARG A CB  1 
ATOM   340  C  CG  . ARG A 1 48  ? 4.384   -3.465  9.149   1.00 17.98 ? 48   ARG A CG  1 
ATOM   341  C  CD  . ARG A 1 48  ? 2.938   -3.253  8.726   1.00 21.84 ? 48   ARG A CD  1 
ATOM   342  N  NE  . ARG A 1 48  ? 2.713   -1.932  8.141   1.00 25.57 ? 48   ARG A NE  1 
ATOM   343  C  CZ  . ARG A 1 48  ? 2.574   -0.823  8.855   1.00 28.69 ? 48   ARG A CZ  1 
ATOM   344  N  NH1 . ARG A 1 48  ? 2.629   -0.876  10.182  1.00 31.80 ? 48   ARG A NH1 1 
ATOM   345  N  NH2 . ARG A 1 48  ? 2.393   0.340   8.244   1.00 29.51 ? 48   ARG A NH2 1 
ATOM   346  N  N   . ALA A 1 49  ? 5.100   -6.867  12.239  1.00 16.21 ? 49   ALA A N   1 
ATOM   347  C  CA  . ALA A 1 49  ? 5.092   -8.237  12.753  1.00 18.01 ? 49   ALA A CA  1 
ATOM   348  C  C   . ALA A 1 49  ? 4.287   -8.385  14.045  1.00 17.76 ? 49   ALA A C   1 
ATOM   349  O  O   . ALA A 1 49  ? 3.586   -9.376  14.234  1.00 17.08 ? 49   ALA A O   1 
ATOM   350  C  CB  . ALA A 1 49  ? 6.534   -8.723  12.973  1.00 18.35 ? 49   ALA A CB  1 
ATOM   351  N  N   . ARG A 1 50  ? 4.392   -7.400  14.931  1.00 19.55 ? 50   ARG A N   1 
ATOM   352  C  CA  . ARG A 1 50  ? 3.664   -7.430  16.199  1.00 21.42 ? 50   ARG A CA  1 
ATOM   353  C  C   . ARG A 1 50  ? 2.176   -7.177  16.003  1.00 21.38 ? 50   ARG A C   1 
ATOM   354  O  O   . ARG A 1 50  ? 1.355   -7.575  16.832  1.00 21.69 ? 50   ARG A O   1 
ATOM   355  C  CB  . ARG A 1 50  ? 4.211   -6.371  17.150  1.00 23.47 ? 50   ARG A CB  1 
ATOM   356  C  CG  . ARG A 1 50  ? 5.654   -6.578  17.547  1.00 27.81 ? 50   ARG A CG  1 
ATOM   357  C  CD  . ARG A 1 50  ? 6.059   -5.578  18.617  1.00 30.80 ? 50   ARG A CD  1 
ATOM   358  N  NE  . ARG A 1 50  ? 6.397   -4.267  18.067  1.00 34.54 ? 50   ARG A NE  1 
ATOM   359  C  CZ  . ARG A 1 50  ? 7.614   -3.938  17.643  1.00 34.77 ? 50   ARG A CZ  1 
ATOM   360  N  NH1 . ARG A 1 50  ? 8.594   -4.831  17.711  1.00 34.74 ? 50   ARG A NH1 1 
ATOM   361  N  NH2 . ARG A 1 50  ? 7.853   -2.722  17.167  1.00 34.48 ? 50   ARG A NH2 1 
ATOM   362  N  N   . GLN A 1 51  ? 1.845   -6.492  14.913  1.00 19.70 ? 51   GLN A N   1 
ATOM   363  C  CA  . GLN A 1 51  ? 0.464   -6.162  14.599  1.00 18.26 ? 51   GLN A CA  1 
ATOM   364  C  C   . GLN A 1 51  ? -0.182  -7.261  13.776  1.00 16.29 ? 51   GLN A C   1 
ATOM   365  O  O   . GLN A 1 51  ? -1.398  -7.287  13.622  1.00 15.76 ? 51   GLN A O   1 
ATOM   366  C  CB  . GLN A 1 51  ? 0.399   -4.855  13.811  1.00 21.84 ? 51   GLN A CB  1 
ATOM   367  C  CG  . GLN A 1 51  ? 1.034   -3.665  14.494  1.00 24.67 ? 51   GLN A CG  1 
ATOM   368  C  CD  . GLN A 1 51  ? 0.763   -2.370  13.748  1.00 28.05 ? 51   GLN A CD  1 
ATOM   369  O  OE1 . GLN A 1 51  ? 1.189   -2.186  12.603  1.00 29.04 ? 51   GLN A OE1 1 
ATOM   370  N  NE2 . GLN A 1 51  ? 0.039   -1.467  14.396  1.00 30.80 ? 51   GLN A NE2 1 
ATOM   371  N  N   . GLY A 1 52  ? 0.640   -8.161  13.241  1.00 14.62 ? 52   GLY A N   1 
ATOM   372  C  CA  . GLY A 1 52  ? 0.123   -9.240  12.417  1.00 11.14 ? 52   GLY A CA  1 
ATOM   373  C  C   . GLY A 1 52  ? -0.174  -8.789  10.996  1.00 10.90 ? 52   GLY A C   1 
ATOM   374  O  O   . GLY A 1 52  ? -0.833  -9.501  10.242  1.00 11.66 ? 52   GLY A O   1 
ATOM   375  N  N   . TYR A 1 53  ? 0.307   -7.602  10.633  1.00 10.93 ? 53   TYR A N   1 
ATOM   376  C  CA  . TYR A 1 53  ? 0.097   -7.047  9.293   1.00 12.23 ? 53   TYR A CA  1 
ATOM   377  C  C   . TYR A 1 53  ? 1.192   -7.538  8.359   1.00 12.44 ? 53   TYR A C   1 
ATOM   378  O  O   . TYR A 1 53  ? 2.363   -7.563  8.727   1.00 12.21 ? 53   TYR A O   1 
ATOM   379  C  CB  . TYR A 1 53  ? 0.125   -5.525  9.339   1.00 12.16 ? 53   TYR A CB  1 
ATOM   380  C  CG  . TYR A 1 53  ? -1.074  -4.899  10.026  1.00 15.48 ? 53   TYR A CG  1 
ATOM   381  C  CD1 . TYR A 1 53  ? -0.930  -3.727  10.763  1.00 16.03 ? 53   TYR A CD1 1 
ATOM   382  C  CD2 . TYR A 1 53  ? -2.356  -5.450  9.903   1.00 16.45 ? 53   TYR A CD2 1 
ATOM   383  C  CE1 . TYR A 1 53  ? -2.019  -3.110  11.361  1.00 16.37 ? 53   TYR A CE1 1 
ATOM   384  C  CE2 . TYR A 1 53  ? -3.466  -4.833  10.503  1.00 16.23 ? 53   TYR A CE2 1 
ATOM   385  C  CZ  . TYR A 1 53  ? -3.279  -3.657  11.232  1.00 16.35 ? 53   TYR A CZ  1 
ATOM   386  O  OH  . TYR A 1 53  ? -4.334  -3.002  11.835  1.00 16.31 ? 53   TYR A OH  1 
ATOM   387  N  N   . PRO A 1 54  ? 0.826   -7.909  7.126   1.00 12.43 ? 54   PRO A N   1 
ATOM   388  C  CA  . PRO A 1 54  ? 1.808   -8.406  6.160   1.00 11.99 ? 54   PRO A CA  1 
ATOM   389  C  C   . PRO A 1 54  ? 2.606   -7.354  5.392   1.00 12.19 ? 54   PRO A C   1 
ATOM   390  O  O   . PRO A 1 54  ? 2.172   -6.211  5.221   1.00 11.30 ? 54   PRO A O   1 
ATOM   391  C  CB  . PRO A 1 54  ? 0.946   -9.233  5.224   1.00 12.32 ? 54   PRO A CB  1 
ATOM   392  C  CG  . PRO A 1 54  ? -0.289  -8.341  5.099   1.00 11.47 ? 54   PRO A CG  1 
ATOM   393  C  CD  . PRO A 1 54  ? -0.529  -7.906  6.543   1.00 11.81 ? 54   PRO A CD  1 
ATOM   394  N  N   . ILE A 1 55  ? 3.789   -7.770  4.947   1.00 11.35 ? 55   ILE A N   1 
ATOM   395  C  CA  . ILE A 1 55  ? 4.666   -6.959  4.120   1.00 11.12 ? 55   ILE A CA  1 
ATOM   396  C  C   . ILE A 1 55  ? 5.008   -7.934  3.006   1.00 11.15 ? 55   ILE A C   1 
ATOM   397  O  O   . ILE A 1 55  ? 5.748   -8.900  3.225   1.00 12.10 ? 55   ILE A O   1 
ATOM   398  C  CB  . ILE A 1 55  ? 5.946   -6.550  4.849   1.00 12.57 ? 55   ILE A CB  1 
ATOM   399  C  CG1 . ILE A 1 55  ? 5.596   -5.637  6.026   1.00 11.30 ? 55   ILE A CG1 1 
ATOM   400  C  CG2 . ILE A 1 55  ? 6.886   -5.839  3.867   1.00 10.34 ? 55   ILE A CG2 1 
ATOM   401  C  CD1 . ILE A 1 55  ? 6.801   -5.126  6.788   1.00 11.75 ? 55   ILE A CD1 1 
ATOM   402  N  N   . LEU A 1 56  ? 4.446   -7.703  1.823   1.00 10.08 ? 56   LEU A N   1 
ATOM   403  C  CA  . LEU A 1 56  ? 4.664   -8.590  0.689   1.00 10.58 ? 56   LEU A CA  1 
ATOM   404  C  C   . LEU A 1 56  ? 5.702   -8.069  -0.286  1.00 11.29 ? 56   LEU A C   1 
ATOM   405  O  O   . LEU A 1 56  ? 5.829   -6.872  -0.500  1.00 11.05 ? 56   LEU A O   1 
ATOM   406  C  CB  . LEU A 1 56  ? 3.347   -8.846  -0.041  1.00 10.17 ? 56   LEU A CB  1 
ATOM   407  C  CG  . LEU A 1 56  ? 2.200   -9.382  0.829   1.00 8.07  ? 56   LEU A CG  1 
ATOM   408  C  CD1 . LEU A 1 56  ? 0.996   -9.664  -0.049  1.00 7.06  ? 56   LEU A CD1 1 
ATOM   409  C  CD2 . LEU A 1 56  ? 2.639   -10.646 1.567   1.00 5.78  ? 56   LEU A CD2 1 
ATOM   410  N  N   . VAL A 1 57  ? 6.432   -9.006  -0.878  1.00 13.78 ? 57   VAL A N   1 
ATOM   411  C  CA  . VAL A 1 57  ? 7.500   -8.712  -1.820  1.00 14.55 ? 57   VAL A CA  1 
ATOM   412  C  C   . VAL A 1 57  ? 7.323   -9.475  -3.146  1.00 14.87 ? 57   VAL A C   1 
ATOM   413  O  O   . VAL A 1 57  ? 7.071   -10.685 -3.148  1.00 15.39 ? 57   VAL A O   1 
ATOM   414  C  CB  . VAL A 1 57  ? 8.854   -9.073  -1.157  1.00 14.80 ? 57   VAL A CB  1 
ATOM   415  C  CG1 . VAL A 1 57  ? 9.867   -9.506  -2.191  1.00 17.89 ? 57   VAL A CG1 1 
ATOM   416  C  CG2 . VAL A 1 57  ? 9.367   -7.885  -0.365  1.00 13.90 ? 57   VAL A CG2 1 
ATOM   417  N  N   . ALA A 1 58  ? 7.416   -8.757  -4.264  1.00 15.23 ? 58   ALA A N   1 
ATOM   418  C  CA  . ALA A 1 58  ? 7.315   -9.380  -5.589  1.00 16.26 ? 58   ALA A CA  1 
ATOM   419  C  C   . ALA A 1 58  ? 8.743   -9.677  -6.067  1.00 17.65 ? 58   ALA A C   1 
ATOM   420  O  O   . ALA A 1 58  ? 9.614   -8.805  -6.048  1.00 17.13 ? 58   ALA A O   1 
ATOM   421  C  CB  . ALA A 1 58  ? 6.608   -8.453  -6.580  1.00 14.10 ? 58   ALA A CB  1 
ATOM   422  N  N   . SER A 1 59  ? 8.982   -10.913 -6.484  1.00 19.37 ? 59   SER A N   1 
ATOM   423  C  CA  . SER A 1 59  ? 10.306  -11.309 -6.951  1.00 22.33 ? 59   SER A CA  1 
ATOM   424  C  C   . SER A 1 59  ? 10.242  -12.399 -8.028  1.00 23.44 ? 59   SER A C   1 
ATOM   425  O  O   . SER A 1 59  ? 9.180   -12.700 -8.577  1.00 23.33 ? 59   SER A O   1 
ATOM   426  C  CB  . SER A 1 59  ? 11.133  -11.804 -5.762  1.00 22.55 ? 59   SER A CB  1 
ATOM   427  O  OG  . SER A 1 59  ? 12.470  -12.074 -6.137  1.00 26.58 ? 59   SER A OG  1 
ATOM   428  N  N   . ASP A 1 60  ? 11.397  -12.966 -8.345  1.00 25.78 ? 60   ASP A N   1 
ATOM   429  C  CA  . ASP A 1 60  ? 11.477  -14.047 -9.319  1.00 26.85 ? 60   ASP A CA  1 
ATOM   430  C  C   . ASP A 1 60  ? 12.725  -14.872 -9.035  1.00 26.52 ? 60   ASP A C   1 
ATOM   431  O  O   . ASP A 1 60  ? 13.312  -14.751 -7.960  1.00 25.96 ? 60   ASP A O   1 
ATOM   432  C  CB  . ASP A 1 60  ? 11.491  -13.516 -10.765 1.00 28.50 ? 60   ASP A CB  1 
ATOM   433  C  CG  . ASP A 1 60  ? 12.682  -12.618 -11.065 1.00 30.54 ? 60   ASP A CG  1 
ATOM   434  O  OD1 . ASP A 1 60  ? 13.665  -12.625 -10.293 1.00 31.90 ? 60   ASP A OD1 1 
ATOM   435  O  OD2 . ASP A 1 60  ? 12.633  -11.910 -12.095 1.00 30.65 ? 60   ASP A OD2 1 
ATOM   436  N  N   . ALA A 1 61  ? 13.128  -15.699 -9.997  1.00 26.46 ? 61   ALA A N   1 
ATOM   437  C  CA  . ALA A 1 61  ? 14.286  -16.572 -9.835  1.00 25.32 ? 61   ALA A CA  1 
ATOM   438  C  C   . ALA A 1 61  ? 15.522  -15.867 -9.303  1.00 26.40 ? 61   ALA A C   1 
ATOM   439  O  O   . ALA A 1 61  ? 16.216  -16.405 -8.432  1.00 27.11 ? 61   ALA A O   1 
ATOM   440  C  CB  . ALA A 1 61  ? 14.605  -17.253 -11.154 1.00 25.44 ? 61   ALA A CB  1 
ATOM   441  N  N   . ALA A 1 62  ? 15.796  -14.670 -9.825  1.00 25.52 ? 62   ALA A N   1 
ATOM   442  C  CA  . ALA A 1 62  ? 16.959  -13.887 -9.404  1.00 24.95 ? 62   ALA A CA  1 
ATOM   443  C  C   . ALA A 1 62  ? 16.905  -13.516 -7.918  1.00 25.78 ? 62   ALA A C   1 
ATOM   444  O  O   . ALA A 1 62  ? 17.943  -13.306 -7.288  1.00 25.50 ? 62   ALA A O   1 
ATOM   445  C  CB  . ALA A 1 62  ? 17.082  -12.632 -10.258 1.00 24.20 ? 62   ALA A CB  1 
ATOM   446  N  N   . GLY A 1 63  ? 15.696  -13.418 -7.367  1.00 25.68 ? 63   GLY A N   1 
ATOM   447  C  CA  . GLY A 1 63  ? 15.546  -13.111 -5.952  1.00 25.41 ? 63   GLY A CA  1 
ATOM   448  C  C   . GLY A 1 63  ? 15.618  -11.657 -5.520  1.00 25.10 ? 63   GLY A C   1 
ATOM   449  O  O   . GLY A 1 63  ? 15.728  -11.370 -4.326  1.00 26.23 ? 63   GLY A O   1 
ATOM   450  N  N   . GLU A 1 64  ? 15.561  -10.734 -6.471  1.00 23.52 ? 64   GLU A N   1 
ATOM   451  C  CA  . GLU A 1 64  ? 15.617  -9.312  -6.143  1.00 23.16 ? 64   GLU A CA  1 
ATOM   452  C  C   . GLU A 1 64  ? 14.217  -8.749  -5.889  1.00 20.82 ? 64   GLU A C   1 
ATOM   453  O  O   . GLU A 1 64  ? 13.234  -9.275  -6.404  1.00 20.94 ? 64   GLU A O   1 
ATOM   454  C  CB  . GLU A 1 64  ? 16.279  -8.540  -7.287  1.00 26.44 ? 64   GLU A CB  1 
ATOM   455  C  CG  . GLU A 1 64  ? 17.795  -8.587  -7.273  1.00 32.05 ? 64   GLU A CG  1 
ATOM   456  C  CD  . GLU A 1 64  ? 18.414  -7.949  -8.506  1.00 35.92 ? 64   GLU A CD  1 
ATOM   457  O  OE1 . GLU A 1 64  ? 17.814  -7.008  -9.072  1.00 37.09 ? 64   GLU A OE1 1 
ATOM   458  O  OE2 . GLU A 1 64  ? 19.518  -8.382  -8.902  1.00 40.38 ? 64   GLU A OE2 1 
ATOM   459  N  N   . VAL A 1 65  ? 14.126  -7.680  -5.100  1.00 17.84 ? 65   VAL A N   1 
ATOM   460  C  CA  . VAL A 1 65  ? 12.833  -7.063  -4.808  1.00 16.21 ? 65   VAL A CA  1 
ATOM   461  C  C   . VAL A 1 65  ? 12.391  -6.210  -5.998  1.00 15.11 ? 65   VAL A C   1 
ATOM   462  O  O   . VAL A 1 65  ? 12.939  -5.131  -6.241  1.00 17.24 ? 65   VAL A O   1 
ATOM   463  C  CB  . VAL A 1 65  ? 12.905  -6.166  -3.542  1.00 15.04 ? 65   VAL A CB  1 
ATOM   464  C  CG1 . VAL A 1 65  ? 11.546  -5.561  -3.253  1.00 13.05 ? 65   VAL A CG1 1 
ATOM   465  C  CG2 . VAL A 1 65  ? 13.381  -6.980  -2.351  1.00 17.69 ? 65   VAL A CG2 1 
ATOM   466  N  N   . LEU A 1 66  ? 11.399  -6.692  -6.739  1.00 14.11 ? 66   LEU A N   1 
ATOM   467  C  CA  . LEU A 1 66  ? 10.903  -5.973  -7.908  1.00 13.81 ? 66   LEU A CA  1 
ATOM   468  C  C   . LEU A 1 66  ? 9.763   -5.038  -7.519  1.00 14.39 ? 66   LEU A C   1 
ATOM   469  O  O   . LEU A 1 66  ? 9.359   -4.168  -8.297  1.00 13.77 ? 66   LEU A O   1 
ATOM   470  C  CB  . LEU A 1 66  ? 10.423  -6.964  -8.967  1.00 14.35 ? 66   LEU A CB  1 
ATOM   471  C  CG  . LEU A 1 66  ? 11.403  -8.101  -9.275  1.00 16.26 ? 66   LEU A CG  1 
ATOM   472  C  CD1 . LEU A 1 66  ? 10.791  -9.070  -10.287 1.00 15.93 ? 66   LEU A CD1 1 
ATOM   473  C  CD2 . LEU A 1 66  ? 12.707  -7.515  -9.800  1.00 16.10 ? 66   LEU A CD2 1 
ATOM   474  N  N   . GLY A 1 67  ? 9.255   -5.225  -6.306  1.00 13.62 ? 67   GLY A N   1 
ATOM   475  C  CA  . GLY A 1 67  ? 8.174   -4.396  -5.804  1.00 12.50 ? 67   GLY A CA  1 
ATOM   476  C  C   . GLY A 1 67  ? 7.762   -4.893  -4.430  1.00 11.93 ? 67   GLY A C   1 
ATOM   477  O  O   . GLY A 1 67  ? 8.116   -6.015  -4.063  1.00 10.25 ? 67   GLY A O   1 
ATOM   478  N  N   . TYR A 1 68  ? 7.057   -4.064  -3.657  1.00 11.69 ? 68   TYR A N   1 
ATOM   479  C  CA  . TYR A 1 68  ? 6.592   -4.485  -2.333  1.00 11.64 ? 68   TYR A CA  1 
ATOM   480  C  C   . TYR A 1 68  ? 5.295   -3.779  -1.965  1.00 11.84 ? 68   TYR A C   1 
ATOM   481  O  O   . TYR A 1 68  ? 4.946   -2.757  -2.552  1.00 12.44 ? 68   TYR A O   1 
ATOM   482  C  CB  . TYR A 1 68  ? 7.667   -4.244  -1.259  1.00 11.94 ? 68   TYR A CB  1 
ATOM   483  C  CG  . TYR A 1 68  ? 7.778   -2.824  -0.724  1.00 13.36 ? 68   TYR A CG  1 
ATOM   484  C  CD1 . TYR A 1 68  ? 7.035   -2.415  0.386   1.00 11.80 ? 68   TYR A CD1 1 
ATOM   485  C  CD2 . TYR A 1 68  ? 8.651   -1.903  -1.309  1.00 11.61 ? 68   TYR A CD2 1 
ATOM   486  C  CE1 . TYR A 1 68  ? 7.161   -1.129  0.901   1.00 11.72 ? 68   TYR A CE1 1 
ATOM   487  C  CE2 . TYR A 1 68  ? 8.784   -0.613  -0.804  1.00 13.39 ? 68   TYR A CE2 1 
ATOM   488  C  CZ  . TYR A 1 68  ? 8.041   -0.233  0.302   1.00 13.79 ? 68   TYR A CZ  1 
ATOM   489  O  OH  . TYR A 1 68  ? 8.183   1.043   0.807   1.00 15.27 ? 68   TYR A OH  1 
ATOM   490  N  N   . ALA A 1 69  ? 4.573   -4.343  -1.002  1.00 12.94 ? 69   ALA A N   1 
ATOM   491  C  CA  . ALA A 1 69  ? 3.299   -3.777  -0.562  1.00 12.13 ? 69   ALA A CA  1 
ATOM   492  C  C   . ALA A 1 69  ? 2.980   -4.200  0.865   1.00 11.22 ? 69   ALA A C   1 
ATOM   493  O  O   . ALA A 1 69  ? 3.496   -5.207  1.358   1.00 12.22 ? 69   ALA A O   1 
ATOM   494  C  CB  . ALA A 1 69  ? 2.178   -4.216  -1.504  1.00 10.40 ? 69   ALA A CB  1 
ATOM   495  N  N   . SER A 1 70  ? 2.123   -3.428  1.525   1.00 11.22 ? 70   SER A N   1 
ATOM   496  C  CA  . SER A 1 70  ? 1.752   -3.723  2.902   1.00 11.33 ? 70   SER A CA  1 
ATOM   497  C  C   . SER A 1 70  ? 0.519   -2.912  3.283   1.00 12.48 ? 70   SER A C   1 
ATOM   498  O  O   . SER A 1 70  ? 0.041   -2.075  2.507   1.00 11.33 ? 70   SER A O   1 
ATOM   499  C  CB  . SER A 1 70  ? 2.919   -3.349  3.831   1.00 12.03 ? 70   SER A CB  1 
ATOM   500  O  OG  . SER A 1 70  ? 2.652   -3.625  5.193   1.00 14.33 ? 70   SER A OG  1 
ATOM   501  N  N   . TYR A 1 71  ? -0.014  -3.189  4.467   1.00 11.78 ? 71   TYR A N   1 
ATOM   502  C  CA  . TYR A 1 71  ? -1.132  -2.419  4.986   1.00 11.95 ? 71   TYR A CA  1 
ATOM   503  C  C   . TYR A 1 71  ? -1.010  -2.347  6.506   1.00 12.78 ? 71   TYR A C   1 
ATOM   504  O  O   . TYR A 1 71  ? -0.353  -3.189  7.129   1.00 13.35 ? 71   TYR A O   1 
ATOM   505  C  CB  . TYR A 1 71  ? -2.506  -2.972  4.531   1.00 11.07 ? 71   TYR A CB  1 
ATOM   506  C  CG  . TYR A 1 71  ? -2.863  -4.395  4.912   1.00 10.71 ? 71   TYR A CG  1 
ATOM   507  C  CD1 . TYR A 1 71  ? -2.992  -5.377  3.934   1.00 11.24 ? 71   TYR A CD1 1 
ATOM   508  C  CD2 . TYR A 1 71  ? -3.115  -4.753  6.242   1.00 10.49 ? 71   TYR A CD2 1 
ATOM   509  C  CE1 . TYR A 1 71  ? -3.363  -6.679  4.262   1.00 10.36 ? 71   TYR A CE1 1 
ATOM   510  C  CE2 . TYR A 1 71  ? -3.485  -6.053  6.580   1.00 9.92  ? 71   TYR A CE2 1 
ATOM   511  C  CZ  . TYR A 1 71  ? -3.606  -7.008  5.582   1.00 12.14 ? 71   TYR A CZ  1 
ATOM   512  O  OH  . TYR A 1 71  ? -3.956  -8.297  5.895   1.00 13.81 ? 71   TYR A OH  1 
ATOM   513  N  N   . GLY A 1 72  ? -1.604  -1.307  7.087   1.00 13.51 ? 72   GLY A N   1 
ATOM   514  C  CA  . GLY A 1 72  ? -1.566  -1.117  8.529   1.00 15.74 ? 72   GLY A CA  1 
ATOM   515  C  C   . GLY A 1 72  ? -2.781  -0.312  8.951   1.00 15.96 ? 72   GLY A C   1 
ATOM   516  O  O   . GLY A 1 72  ? -3.701  -0.116  8.153   1.00 15.94 ? 72   GLY A O   1 
ATOM   517  N  N   . ASP A 1 73  ? -2.793  0.163   10.191  1.00 16.08 ? 73   ASP A N   1 
ATOM   518  C  CA  . ASP A 1 73  ? -3.917  0.954   10.688  1.00 16.76 ? 73   ASP A CA  1 
ATOM   519  C  C   . ASP A 1 73  ? -4.282  2.115   9.778   1.00 16.65 ? 73   ASP A C   1 
ATOM   520  O  O   . ASP A 1 73  ? -3.407  2.827   9.287   1.00 16.54 ? 73   ASP A O   1 
ATOM   521  C  CB  . ASP A 1 73  ? -3.607  1.552   12.059  1.00 16.63 ? 73   ASP A CB  1 
ATOM   522  C  CG  . ASP A 1 73  ? -3.373  0.512   13.116  1.00 17.07 ? 73   ASP A CG  1 
ATOM   523  O  OD1 . ASP A 1 73  ? -3.810  -0.646  12.963  1.00 18.06 ? 73   ASP A OD1 1 
ATOM   524  O  OD2 . ASP A 1 73  ? -2.754  0.874   14.126  1.00 22.18 ? 73   ASP A OD2 1 
ATOM   525  N  N   . TRP A 1 74  ? -5.578  2.316   9.566   1.00 17.26 ? 74   TRP A N   1 
ATOM   526  C  CA  . TRP A 1 74  ? -6.030  3.443   8.763   1.00 18.78 ? 74   TRP A CA  1 
ATOM   527  C  C   . TRP A 1 74  ? -6.044  4.644   9.716   1.00 20.35 ? 74   TRP A C   1 
ATOM   528  O  O   . TRP A 1 74  ? -5.489  5.699   9.413   1.00 20.61 ? 74   TRP A O   1 
ATOM   529  C  CB  . TRP A 1 74  ? -7.431  3.184   8.196   1.00 17.21 ? 74   TRP A CB  1 
ATOM   530  C  CG  . TRP A 1 74  ? -8.029  4.374   7.487   1.00 17.85 ? 74   TRP A CG  1 
ATOM   531  C  CD1 . TRP A 1 74  ? -7.421  5.167   6.549   1.00 18.03 ? 74   TRP A CD1 1 
ATOM   532  C  CD2 . TRP A 1 74  ? -9.341  4.918   7.682   1.00 16.80 ? 74   TRP A CD2 1 
ATOM   533  N  NE1 . TRP A 1 74  ? -8.275  6.176   6.152   1.00 16.99 ? 74   TRP A NE1 1 
ATOM   534  C  CE2 . TRP A 1 74  ? -9.458  6.047   6.832   1.00 17.73 ? 74   TRP A CE2 1 
ATOM   535  C  CE3 . TRP A 1 74  ? -10.431 4.563   8.492   1.00 15.66 ? 74   TRP A CE3 1 
ATOM   536  C  CZ2 . TRP A 1 74  ? -10.626 6.827   6.776   1.00 17.20 ? 74   TRP A CZ2 1 
ATOM   537  C  CZ3 . TRP A 1 74  ? -11.590 5.336   8.434   1.00 15.24 ? 74   TRP A CZ3 1 
ATOM   538  C  CH2 . TRP A 1 74  ? -11.677 6.457   7.580   1.00 16.84 ? 74   TRP A CH2 1 
ATOM   539  N  N   . ARG A 1 75  ? -6.674  4.463   10.876  1.00 21.16 ? 75   ARG A N   1 
ATOM   540  C  CA  . ARG A 1 75  ? -6.758  5.495   11.908  1.00 22.31 ? 75   ARG A CA  1 
ATOM   541  C  C   . ARG A 1 75  ? -6.456  4.831   13.253  1.00 23.97 ? 75   ARG A C   1 
ATOM   542  O  O   . ARG A 1 75  ? -6.917  3.724   13.522  1.00 23.70 ? 75   ARG A O   1 
ATOM   543  C  CB  . ARG A 1 75  ? -8.147  6.144   11.908  1.00 21.09 ? 75   ARG A CB  1 
ATOM   544  C  CG  . ARG A 1 75  ? -8.340  7.158   10.786  1.00 19.71 ? 75   ARG A CG  1 
ATOM   545  C  CD  . ARG A 1 75  ? -9.797  7.563   10.654  1.00 20.45 ? 75   ARG A CD  1 
ATOM   546  N  NE  . ARG A 1 75  ? -10.295 8.292   11.817  1.00 19.22 ? 75   ARG A NE  1 
ATOM   547  C  CZ  . ARG A 1 75  ? -10.191 9.609   11.992  1.00 18.68 ? 75   ARG A CZ  1 
ATOM   548  N  NH1 . ARG A 1 75  ? -9.602  10.372  11.077  1.00 18.01 ? 75   ARG A NH1 1 
ATOM   549  N  NH2 . ARG A 1 75  ? -10.687 10.164  13.087  1.00 15.66 ? 75   ARG A NH2 1 
ATOM   550  N  N   . PRO A 1 76  ? -5.680  5.510   14.118  1.00 27.77 ? 76   PRO A N   1 
ATOM   551  C  CA  . PRO A 1 76  ? -5.279  5.013   15.439  1.00 30.98 ? 76   PRO A CA  1 
ATOM   552  C  C   . PRO A 1 76  ? -6.284  5.026   16.598  1.00 33.61 ? 76   PRO A C   1 
ATOM   553  O  O   . PRO A 1 76  ? -6.087  5.736   17.595  1.00 36.26 ? 76   PRO A O   1 
ATOM   554  C  CB  . PRO A 1 76  ? -4.048  5.854   15.742  1.00 30.35 ? 76   PRO A CB  1 
ATOM   555  C  CG  . PRO A 1 76  ? -4.466  7.189   15.218  1.00 28.88 ? 76   PRO A CG  1 
ATOM   556  C  CD  . PRO A 1 76  ? -5.114  6.854   13.882  1.00 27.96 ? 76   PRO A CD  1 
ATOM   557  N  N   . PHE A 1 77  ? -7.351  4.242   16.464  1.00 33.71 ? 77   PHE A N   1 
ATOM   558  C  CA  . PHE A 1 77  ? -8.364  4.118   17.508  1.00 33.72 ? 77   PHE A CA  1 
ATOM   559  C  C   . PHE A 1 77  ? -8.893  2.705   17.424  1.00 32.60 ? 77   PHE A C   1 
ATOM   560  O  O   . PHE A 1 77  ? -8.910  2.106   16.350  1.00 32.94 ? 77   PHE A O   1 
ATOM   561  C  CB  . PHE A 1 77  ? -9.537  5.079   17.307  1.00 35.63 ? 77   PHE A CB  1 
ATOM   562  C  CG  . PHE A 1 77  ? -9.124  6.506   17.130  1.00 38.32 ? 77   PHE A CG  1 
ATOM   563  C  CD1 . PHE A 1 77  ? -9.174  7.094   15.873  1.00 38.84 ? 77   PHE A CD1 1 
ATOM   564  C  CD2 . PHE A 1 77  ? -8.704  7.270   18.219  1.00 39.43 ? 77   PHE A CD2 1 
ATOM   565  C  CE1 . PHE A 1 77  ? -8.774  8.410   15.683  1.00 41.00 ? 77   PHE A CE1 1 
ATOM   566  C  CE2 . PHE A 1 77  ? -8.303  8.588   18.044  1.00 41.34 ? 77   PHE A CE2 1 
ATOM   567  C  CZ  . PHE A 1 77  ? -8.352  9.166   16.771  1.00 42.12 ? 77   PHE A CZ  1 
ATOM   568  N  N   . GLU A 1 78  ? -9.337  2.182   18.557  1.00 31.26 ? 78   GLU A N   1 
ATOM   569  C  CA  . GLU A 1 78  ? -9.869  0.829   18.621  1.00 30.02 ? 78   GLU A CA  1 
ATOM   570  C  C   . GLU A 1 78  ? -11.083 0.626   17.721  1.00 27.16 ? 78   GLU A C   1 
ATOM   571  O  O   . GLU A 1 78  ? -11.295 -0.462  17.195  1.00 26.64 ? 78   GLU A O   1 
ATOM   572  C  CB  . GLU A 1 78  ? -10.232 0.503   20.063  1.00 32.43 ? 78   GLU A CB  1 
ATOM   573  C  CG  . GLU A 1 78  ? -9.037  0.520   20.976  1.00 38.26 ? 78   GLU A CG  1 
ATOM   574  C  CD  . GLU A 1 78  ? -9.362  1.069   22.344  1.00 41.63 ? 78   GLU A CD  1 
ATOM   575  O  OE1 . GLU A 1 78  ? -9.232  2.296   22.546  1.00 44.74 ? 78   GLU A OE1 1 
ATOM   576  O  OE2 . GLU A 1 78  ? -9.763  0.272   23.214  1.00 43.75 ? 78   GLU A OE2 1 
ATOM   577  N  N   . GLY A 1 79  ? -11.873 1.678   17.541  1.00 24.07 ? 79   GLY A N   1 
ATOM   578  C  CA  . GLY A 1 79  ? -13.060 1.575   16.717  1.00 22.01 ? 79   GLY A CA  1 
ATOM   579  C  C   . GLY A 1 79  ? -12.836 1.344   15.234  1.00 21.49 ? 79   GLY A C   1 
ATOM   580  O  O   . GLY A 1 79  ? -13.796 1.081   14.517  1.00 21.11 ? 79   GLY A O   1 
ATOM   581  N  N   . PHE A 1 80  ? -11.590 1.438   14.767  1.00 20.69 ? 80   PHE A N   1 
ATOM   582  C  CA  . PHE A 1 80  ? -11.287 1.236   13.345  1.00 20.87 ? 80   PHE A CA  1 
ATOM   583  C  C   . PHE A 1 80  ? -10.524 -0.039  13.067  1.00 20.43 ? 80   PHE A C   1 
ATOM   584  O  O   . PHE A 1 80  ? -9.969  -0.209  11.985  1.00 19.67 ? 80   PHE A O   1 
ATOM   585  C  CB  . PHE A 1 80  ? -10.449 2.391   12.799  1.00 21.11 ? 80   PHE A CB  1 
ATOM   586  C  CG  . PHE A 1 80  ? -11.160 3.696   12.808  1.00 21.58 ? 80   PHE A CG  1 
ATOM   587  C  CD1 . PHE A 1 80  ? -11.090 4.529   13.913  1.00 21.05 ? 80   PHE A CD1 1 
ATOM   588  C  CD2 . PHE A 1 80  ? -11.905 4.093   11.710  1.00 22.83 ? 80   PHE A CD2 1 
ATOM   589  C  CE1 . PHE A 1 80  ? -11.772 5.728   13.936  1.00 21.34 ? 80   PHE A CE1 1 
ATOM   590  C  CE2 . PHE A 1 80  ? -12.595 5.291   11.721  1.00 23.17 ? 80   PHE A CE2 1 
ATOM   591  C  CZ  . PHE A 1 80  ? -12.520 6.118   12.832  1.00 22.43 ? 80   PHE A CZ  1 
ATOM   592  N  N   A ARG A 1 81  ? -10.516 -0.944  14.036  0.50 20.79 ? 81   ARG A N   1 
ATOM   593  N  N   B ARG A 1 81  ? -10.499 -0.944  14.036  0.50 20.88 ? 81   ARG A N   1 
ATOM   594  C  CA  A ARG A 1 81  ? -9.786  -2.192  13.890  0.50 21.48 ? 81   ARG A CA  1 
ATOM   595  C  CA  B ARG A 1 81  ? -9.762  -2.192  13.875  0.50 21.66 ? 81   ARG A CA  1 
ATOM   596  C  C   A ARG A 1 81  ? -10.250 -3.116  12.774  0.50 20.83 ? 81   ARG A C   1 
ATOM   597  C  C   B ARG A 1 81  ? -10.252 -3.121  12.772  0.50 20.94 ? 81   ARG A C   1 
ATOM   598  O  O   A ARG A 1 81  ? -9.577  -4.097  12.460  0.50 20.74 ? 81   ARG A O   1 
ATOM   599  O  O   B ARG A 1 81  ? -9.603  -4.122  12.470  0.50 20.86 ? 81   ARG A O   1 
ATOM   600  C  CB  A ARG A 1 81  ? -9.769  -2.944  15.219  0.50 22.83 ? 81   ARG A CB  1 
ATOM   601  C  CB  B ARG A 1 81  ? -9.702  -2.941  15.208  0.50 23.24 ? 81   ARG A CB  1 
ATOM   602  C  CG  A ARG A 1 81  ? -11.118 -3.219  15.849  0.50 24.85 ? 81   ARG A CG  1 
ATOM   603  C  CG  B ARG A 1 81  ? -11.030 -3.098  15.901  0.50 25.61 ? 81   ARG A CG  1 
ATOM   604  C  CD  A ARG A 1 81  ? -10.858 -3.756  17.245  0.50 26.67 ? 81   ARG A CD  1 
ATOM   605  C  CD  B ARG A 1 81  ? -10.822 -3.152  17.404  0.50 27.84 ? 81   ARG A CD  1 
ATOM   606  N  NE  A ARG A 1 81  ? -12.029 -4.305  17.924  0.50 27.39 ? 81   ARG A NE  1 
ATOM   607  N  NE  B ARG A 1 81  ? -12.085 -3.112  18.134  0.50 29.23 ? 81   ARG A NE  1 
ATOM   608  C  CZ  A ARG A 1 81  ? -13.013 -3.584  18.452  0.50 27.59 ? 81   ARG A CZ  1 
ATOM   609  C  CZ  B ARG A 1 81  ? -12.859 -4.171  18.348  0.50 29.96 ? 81   ARG A CZ  1 
ATOM   610  N  NH1 A ARG A 1 81  ? -12.993 -2.258  18.380  0.50 25.69 ? 81   ARG A NH1 1 
ATOM   611  N  NH1 B ARG A 1 81  ? -12.501 -5.364  17.888  0.50 29.73 ? 81   ARG A NH1 1 
ATOM   612  N  NH2 A ARG A 1 81  ? -14.001 -4.195  19.092  0.50 28.67 ? 81   ARG A NH2 1 
ATOM   613  N  NH2 B ARG A 1 81  ? -13.993 -4.035  19.022  0.50 31.13 ? 81   ARG A NH2 1 
ATOM   614  N  N   . GLY A 1 82  ? -11.388 -2.801  12.167  1.00 20.74 ? 82   GLY A N   1 
ATOM   615  C  CA  . GLY A 1 82  ? -11.882 -3.634  11.089  1.00 19.10 ? 82   GLY A CA  1 
ATOM   616  C  C   . GLY A 1 82  ? -11.440 -3.037  9.759   1.00 17.63 ? 82   GLY A C   1 
ATOM   617  O  O   . GLY A 1 82  ? -11.703 -3.608  8.700   1.00 16.22 ? 82   GLY A O   1 
ATOM   618  N  N   . THR A 1 83  ? -10.749 -1.897  9.819   1.00 16.09 ? 83   THR A N   1 
ATOM   619  C  CA  . THR A 1 83  ? -10.302 -1.180  8.622   1.00 14.81 ? 83   THR A CA  1 
ATOM   620  C  C   . THR A 1 83  ? -8.787  -0.976  8.544   1.00 15.71 ? 83   THR A C   1 
ATOM   621  O  O   . THR A 1 83  ? -8.153  -0.602  9.532   1.00 16.59 ? 83   THR A O   1 
ATOM   622  C  CB  . THR A 1 83  ? -10.958 0.231   8.549   1.00 14.83 ? 83   THR A CB  1 
ATOM   623  O  OG1 . THR A 1 83  ? -12.378 0.111   8.704   1.00 14.33 ? 83   THR A OG1 1 
ATOM   624  C  CG2 . THR A 1 83  ? -10.648 0.910   7.207   1.00 11.49 ? 83   THR A CG2 1 
ATOM   625  N  N   . VAL A 1 84  ? -8.214  -1.206  7.365   1.00 15.06 ? 84   VAL A N   1 
ATOM   626  C  CA  . VAL A 1 84  ? -6.774  -1.011  7.157   1.00 13.19 ? 84   VAL A CA  1 
ATOM   627  C  C   . VAL A 1 84  ? -6.540  -0.185  5.880   1.00 13.12 ? 84   VAL A C   1 
ATOM   628  O  O   . VAL A 1 84  ? -7.436  -0.075  5.038   1.00 12.91 ? 84   VAL A O   1 
ATOM   629  C  CB  . VAL A 1 84  ? -6.018  -2.376  7.038   1.00 12.65 ? 84   VAL A CB  1 
ATOM   630  C  CG1 . VAL A 1 84  ? -6.019  -3.109  8.377   1.00 10.80 ? 84   VAL A CG1 1 
ATOM   631  C  CG2 . VAL A 1 84  ? -6.661  -3.243  5.964   1.00 9.40  ? 84   VAL A CG2 1 
ATOM   632  N  N   . GLU A 1 85  ? -5.356  0.414   5.751   1.00 11.53 ? 85   GLU A N   1 
ATOM   633  C  CA  . GLU A 1 85  ? -5.016  1.201   4.562   1.00 12.30 ? 85   GLU A CA  1 
ATOM   634  C  C   . GLU A 1 85  ? -3.759  0.594   3.944   1.00 12.40 ? 85   GLU A C   1 
ATOM   635  O  O   . GLU A 1 85  ? -2.817  0.300   4.663   1.00 13.35 ? 85   GLU A O   1 
ATOM   636  C  CB  . GLU A 1 85  ? -4.723  2.656   4.931   1.00 12.11 ? 85   GLU A CB  1 
ATOM   637  C  CG  . GLU A 1 85  ? -4.599  3.561   3.716   1.00 15.31 ? 85   GLU A CG  1 
ATOM   638  C  CD  . GLU A 1 85  ? -4.044  4.933   4.049   1.00 19.29 ? 85   GLU A CD  1 
ATOM   639  O  OE1 . GLU A 1 85  ? -4.476  5.538   5.052   1.00 22.06 ? 85   GLU A OE1 1 
ATOM   640  O  OE2 . GLU A 1 85  ? -3.177  5.416   3.297   1.00 21.79 ? 85   GLU A OE2 1 
ATOM   641  N  N   . HIS A 1 86  ? -3.733  0.429   2.626   1.00 12.15 ? 86   HIS A N   1 
ATOM   642  C  CA  . HIS A 1 86  ? -2.575  -0.166  1.959   1.00 13.07 ? 86   HIS A CA  1 
ATOM   643  C  C   . HIS A 1 86  ? -1.676  0.831   1.203   1.00 14.10 ? 86   HIS A C   1 
ATOM   644  O  O   . HIS A 1 86  ? -2.019  2.001   1.019   1.00 13.67 ? 86   HIS A O   1 
ATOM   645  C  CB  . HIS A 1 86  ? -3.041  -1.227  0.953   1.00 13.75 ? 86   HIS A CB  1 
ATOM   646  C  CG  . HIS A 1 86  ? -3.555  -0.653  -0.337  1.00 16.34 ? 86   HIS A CG  1 
ATOM   647  N  ND1 . HIS A 1 86  ? -4.883  -0.345  -0.543  1.00 17.99 ? 86   HIS A ND1 1 
ATOM   648  C  CD2 . HIS A 1 86  ? -2.900  -0.264  -1.461  1.00 16.48 ? 86   HIS A CD2 1 
ATOM   649  C  CE1 . HIS A 1 86  ? -5.026  0.213   -1.736  1.00 16.61 ? 86   HIS A CE1 1 
ATOM   650  N  NE2 . HIS A 1 86  ? -3.839  0.274   -2.310  1.00 18.06 ? 86   HIS A NE2 1 
ATOM   651  N  N   . SER A 1 87  ? -0.521  0.330   0.768   1.00 14.93 ? 87   SER A N   1 
ATOM   652  C  CA  . SER A 1 87  ? 0.426   1.082   -0.047  1.00 15.37 ? 87   SER A CA  1 
ATOM   653  C  C   . SER A 1 87  ? 1.207   0.047   -0.880  1.00 14.61 ? 87   SER A C   1 
ATOM   654  O  O   . SER A 1 87  ? 1.565   -1.024  -0.378  1.00 13.78 ? 87   SER A O   1 
ATOM   655  C  CB  . SER A 1 87  ? 1.357   1.967   0.812   1.00 16.29 ? 87   SER A CB  1 
ATOM   656  O  OG  . SER A 1 87  ? 2.163   1.229   1.708   1.00 22.35 ? 87   SER A OG  1 
ATOM   657  N  N   . VAL A 1 88  ? 1.416   0.356   -2.159  1.00 14.08 ? 88   VAL A N   1 
ATOM   658  C  CA  . VAL A 1 88  ? 2.117   -0.528  -3.095  1.00 13.23 ? 88   VAL A CA  1 
ATOM   659  C  C   . VAL A 1 88  ? 3.186   0.262   -3.858  1.00 14.31 ? 88   VAL A C   1 
ATOM   660  O  O   . VAL A 1 88  ? 2.924   1.379   -4.309  1.00 13.79 ? 88   VAL A O   1 
ATOM   661  C  CB  . VAL A 1 88  ? 1.120   -1.130  -4.131  1.00 14.50 ? 88   VAL A CB  1 
ATOM   662  C  CG1 . VAL A 1 88  ? 1.860   -2.007  -5.151  1.00 12.53 ? 88   VAL A CG1 1 
ATOM   663  C  CG2 . VAL A 1 88  ? 0.034   -1.933  -3.411  1.00 10.93 ? 88   VAL A CG2 1 
ATOM   664  N  N   . TYR A 1 89  ? 4.381   -0.308  -3.996  1.00 14.83 ? 89   TYR A N   1 
ATOM   665  C  CA  . TYR A 1 89  ? 5.467   0.357   -4.725  1.00 16.98 ? 89   TYR A CA  1 
ATOM   666  C  C   . TYR A 1 89  ? 6.176   -0.615  -5.657  1.00 16.38 ? 89   TYR A C   1 
ATOM   667  O  O   . TYR A 1 89  ? 6.571   -1.714  -5.245  1.00 15.78 ? 89   TYR A O   1 
ATOM   668  C  CB  . TYR A 1 89  ? 6.512   0.951   -3.772  1.00 20.64 ? 89   TYR A CB  1 
ATOM   669  C  CG  . TYR A 1 89  ? 5.948   1.707   -2.595  1.00 25.47 ? 89   TYR A CG  1 
ATOM   670  C  CD1 . TYR A 1 89  ? 5.663   1.051   -1.400  1.00 27.14 ? 89   TYR A CD1 1 
ATOM   671  C  CD2 . TYR A 1 89  ? 5.675   3.070   -2.682  1.00 27.91 ? 89   TYR A CD2 1 
ATOM   672  C  CE1 . TYR A 1 89  ? 5.122   1.728   -0.316  1.00 30.51 ? 89   TYR A CE1 1 
ATOM   673  C  CE2 . TYR A 1 89  ? 5.126   3.764   -1.600  1.00 32.53 ? 89   TYR A CE2 1 
ATOM   674  C  CZ  . TYR A 1 89  ? 4.854   3.085   -0.420  1.00 32.44 ? 89   TYR A CZ  1 
ATOM   675  O  OH  . TYR A 1 89  ? 4.325   3.768   0.652   1.00 36.86 ? 89   TYR A OH  1 
ATOM   676  N  N   . VAL A 1 90  ? 6.336   -0.199  -6.911  1.00 15.59 ? 90   VAL A N   1 
ATOM   677  C  CA  . VAL A 1 90  ? 7.005   -1.015  -7.918  1.00 16.13 ? 90   VAL A CA  1 
ATOM   678  C  C   . VAL A 1 90  ? 8.353   -0.389  -8.250  1.00 16.73 ? 90   VAL A C   1 
ATOM   679  O  O   . VAL A 1 90  ? 8.450   0.827   -8.359  1.00 16.01 ? 90   VAL A O   1 
ATOM   680  C  CB  . VAL A 1 90  ? 6.173   -1.097  -9.210  1.00 15.45 ? 90   VAL A CB  1 
ATOM   681  C  CG1 . VAL A 1 90  ? 6.912   -1.928  -10.253 1.00 14.85 ? 90   VAL A CG1 1 
ATOM   682  C  CG2 . VAL A 1 90  ? 4.814   -1.711  -8.909  1.00 15.45 ? 90   VAL A CG2 1 
ATOM   683  N  N   . ARG A 1 91  ? 9.391   -1.209  -8.403  1.00 17.84 ? 91   ARG A N   1 
ATOM   684  C  CA  . ARG A 1 91  ? 10.708  -0.673  -8.727  1.00 19.28 ? 91   ARG A CA  1 
ATOM   685  C  C   . ARG A 1 91  ? 10.633  -0.014  -10.103 1.00 21.41 ? 91   ARG A C   1 
ATOM   686  O  O   . ARG A 1 91  ? 9.986   -0.531  -11.014 1.00 21.63 ? 91   ARG A O   1 
ATOM   687  C  CB  . ARG A 1 91  ? 11.763  -1.784  -8.703  1.00 19.34 ? 91   ARG A CB  1 
ATOM   688  C  CG  . ARG A 1 91  ? 13.192  -1.276  -8.533  1.00 19.17 ? 91   ARG A CG  1 
ATOM   689  C  CD  . ARG A 1 91  ? 14.175  -2.421  -8.286  1.00 19.53 ? 91   ARG A CD  1 
ATOM   690  N  NE  . ARG A 1 91  ? 14.549  -3.101  -9.522  1.00 21.35 ? 91   ARG A NE  1 
ATOM   691  C  CZ  . ARG A 1 91  ? 15.222  -4.245  -9.572  1.00 21.37 ? 91   ARG A CZ  1 
ATOM   692  N  NH1 . ARG A 1 91  ? 15.596  -4.849  -8.450  1.00 21.75 ? 91   ARG A NH1 1 
ATOM   693  N  NH2 . ARG A 1 91  ? 15.533  -4.780  -10.747 1.00 19.92 ? 91   ARG A NH2 1 
ATOM   694  N  N   . ASP A 1 92  ? 11.315  1.117   -10.247 1.00 24.19 ? 92   ASP A N   1 
ATOM   695  C  CA  . ASP A 1 92  ? 11.271  1.891   -11.488 1.00 27.72 ? 92   ASP A CA  1 
ATOM   696  C  C   . ASP A 1 92  ? 11.627  1.269   -12.830 1.00 27.43 ? 92   ASP A C   1 
ATOM   697  O  O   . ASP A 1 92  ? 11.182  1.755   -13.858 1.00 29.21 ? 92   ASP A O   1 
ATOM   698  C  CB  . ASP A 1 92  ? 12.083  3.183   -11.309 1.00 31.57 ? 92   ASP A CB  1 
ATOM   699  C  CG  . ASP A 1 92  ? 11.269  4.419   -11.603 1.00 36.88 ? 92   ASP A CG  1 
ATOM   700  O  OD1 . ASP A 1 92  ? 11.124  4.789   -12.791 1.00 38.43 ? 92   ASP A OD1 1 
ATOM   701  O  OD2 . ASP A 1 92  ? 10.742  5.023   -10.637 1.00 41.55 ? 92   ASP A OD2 1 
ATOM   702  N  N   . ASP A 1 93  ? 12.437  0.225   -12.836 1.00 26.79 ? 93   ASP A N   1 
ATOM   703  C  CA  . ASP A 1 93  ? 12.809  -0.422  -14.093 1.00 26.63 ? 93   ASP A CA  1 
ATOM   704  C  C   . ASP A 1 93  ? 11.794  -1.529  -14.346 1.00 25.88 ? 93   ASP A C   1 
ATOM   705  O  O   . ASP A 1 93  ? 11.843  -2.204  -15.371 1.00 26.77 ? 93   ASP A O   1 
ATOM   706  C  CB  . ASP A 1 93  ? 14.215  -1.032  -13.985 1.00 27.06 ? 93   ASP A CB  1 
ATOM   707  C  CG  . ASP A 1 93  ? 14.295  -2.112  -12.920 1.00 27.40 ? 93   ASP A CG  1 
ATOM   708  O  OD1 . ASP A 1 93  ? 13.835  -1.869  -11.788 1.00 27.97 ? 93   ASP A OD1 1 
ATOM   709  O  OD2 . ASP A 1 93  ? 14.815  -3.204  -13.208 1.00 29.91 ? 93   ASP A OD2 1 
ATOM   710  N  N   . GLN A 1 94  ? 10.866  -1.698  -13.406 1.00 22.89 ? 94   GLN A N   1 
ATOM   711  C  CA  . GLN A 1 94  ? 9.857   -2.747  -13.496 1.00 21.32 ? 94   GLN A CA  1 
ATOM   712  C  C   . GLN A 1 94  ? 8.418   -2.299  -13.751 1.00 21.48 ? 94   GLN A C   1 
ATOM   713  O  O   . GLN A 1 94  ? 7.480   -3.102  -13.640 1.00 19.31 ? 94   GLN A O   1 
ATOM   714  C  CB  . GLN A 1 94  ? 9.888   -3.582  -12.220 1.00 22.10 ? 94   GLN A CB  1 
ATOM   715  C  CG  . GLN A 1 94  ? 11.207  -4.283  -11.978 1.00 24.65 ? 94   GLN A CG  1 
ATOM   716  C  CD  . GLN A 1 94  ? 11.488  -5.330  -13.033 1.00 25.52 ? 94   GLN A CD  1 
ATOM   717  O  OE1 . GLN A 1 94  ? 10.631  -6.151  -13.338 1.00 26.53 ? 94   GLN A OE1 1 
ATOM   718  N  NE2 . GLN A 1 94  ? 12.692  -5.308  -13.591 1.00 25.41 ? 94   GLN A NE2 1 
ATOM   719  N  N   . ARG A 1 95  ? 8.219   -1.036  -14.103 1.00 20.68 ? 95   ARG A N   1 
ATOM   720  C  CA  . ARG A 1 95  ? 6.864   -0.569  -14.333 1.00 21.57 ? 95   ARG A CA  1 
ATOM   721  C  C   . ARG A 1 95  ? 6.255   -0.960  -15.677 1.00 20.25 ? 95   ARG A C   1 
ATOM   722  O  O   . ARG A 1 95  ? 6.977   -1.262  -16.629 1.00 20.33 ? 95   ARG A O   1 
ATOM   723  C  CB  . ARG A 1 95  ? 6.816   0.934   -14.080 1.00 24.25 ? 95   ARG A CB  1 
ATOM   724  C  CG  . ARG A 1 95  ? 6.931   1.150   -12.593 1.00 30.10 ? 95   ARG A CG  1 
ATOM   725  C  CD  . ARG A 1 95  ? 7.277   2.533   -12.161 1.00 34.75 ? 95   ARG A CD  1 
ATOM   726  N  NE  . ARG A 1 95  ? 7.907   2.435   -10.849 1.00 39.24 ? 95   ARG A NE  1 
ATOM   727  C  CZ  . ARG A 1 95  ? 8.441   3.454   -10.192 1.00 41.72 ? 95   ARG A CZ  1 
ATOM   728  N  NH1 . ARG A 1 95  ? 8.414   4.669   -10.723 1.00 42.52 ? 95   ARG A NH1 1 
ATOM   729  N  NH2 . ARG A 1 95  ? 9.030   3.251   -9.019  1.00 44.33 ? 95   ARG A NH2 1 
ATOM   730  N  N   . GLY A 1 96  ? 4.924   -0.988  -15.727 1.00 18.04 ? 96   GLY A N   1 
ATOM   731  C  CA  . GLY A 1 96  ? 4.216   -1.370  -16.938 1.00 16.27 ? 96   GLY A CA  1 
ATOM   732  C  C   . GLY A 1 96  ? 4.173   -2.878  -17.166 1.00 15.69 ? 96   GLY A C   1 
ATOM   733  O  O   . GLY A 1 96  ? 3.962   -3.341  -18.293 1.00 13.85 ? 96   GLY A O   1 
ATOM   734  N  N   . LYS A 1 97  ? 4.361   -3.652  -16.099 1.00 13.52 ? 97   LYS A N   1 
ATOM   735  C  CA  . LYS A 1 97  ? 4.362   -5.106  -16.211 1.00 15.38 ? 97   LYS A CA  1 
ATOM   736  C  C   . LYS A 1 97  ? 3.284   -5.780  -15.365 1.00 15.68 ? 97   LYS A C   1 
ATOM   737  O  O   . LYS A 1 97  ? 3.336   -6.992  -15.143 1.00 15.40 ? 97   LYS A O   1 
ATOM   738  C  CB  . LYS A 1 97  ? 5.742   -5.652  -15.826 1.00 16.27 ? 97   LYS A CB  1 
ATOM   739  C  CG  . LYS A 1 97  ? 6.881   -4.991  -16.606 1.00 19.00 ? 97   LYS A CG  1 
ATOM   740  C  CD  . LYS A 1 97  ? 8.252   -5.389  -16.095 1.00 22.60 ? 97   LYS A CD  1 
ATOM   741  C  CE  . LYS A 1 97  ? 8.593   -6.816  -16.467 1.00 25.23 ? 97   LYS A CE  1 
ATOM   742  N  NZ  . LYS A 1 97  ? 9.932   -7.181  -15.930 1.00 27.65 ? 97   LYS A NZ  1 
ATOM   743  N  N   . GLY A 1 98  ? 2.321   -4.990  -14.891 1.00 16.21 ? 98   GLY A N   1 
ATOM   744  C  CA  . GLY A 1 98  ? 1.231   -5.525  -14.089 1.00 15.77 ? 98   GLY A CA  1 
ATOM   745  C  C   . GLY A 1 98  ? 1.558   -5.951  -12.662 1.00 16.21 ? 98   GLY A C   1 
ATOM   746  O  O   . GLY A 1 98  ? 0.756   -6.643  -12.029 1.00 15.01 ? 98   GLY A O   1 
ATOM   747  N  N   . LEU A 1 99  ? 2.712   -5.540  -12.140 1.00 15.02 ? 99   LEU A N   1 
ATOM   748  C  CA  . LEU A 1 99  ? 3.097   -5.920  -10.781 1.00 15.13 ? 99   LEU A CA  1 
ATOM   749  C  C   . LEU A 1 99  ? 2.258   -5.274  -9.680  1.00 14.23 ? 99   LEU A C   1 
ATOM   750  O  O   . LEU A 1 99  ? 1.973   -5.916  -8.669  1.00 13.69 ? 99   LEU A O   1 
ATOM   751  C  CB  . LEU A 1 99  ? 4.569   -5.603  -10.535 1.00 14.90 ? 99   LEU A CB  1 
ATOM   752  C  CG  . LEU A 1 99  ? 5.560   -6.460  -11.309 1.00 15.30 ? 99   LEU A CG  1 
ATOM   753  C  CD1 . LEU A 1 99  ? 6.956   -5.974  -10.988 1.00 15.04 ? 99   LEU A CD1 1 
ATOM   754  C  CD2 . LEU A 1 99  ? 5.401   -7.934  -10.943 1.00 16.71 ? 99   LEU A CD2 1 
ATOM   755  N  N   . GLY A 1 100 ? 1.883   -4.011  -9.873  1.00 12.52 ? 100  GLY A N   1 
ATOM   756  C  CA  . GLY A 1 100 ? 1.080   -3.309  -8.885  1.00 13.47 ? 100  GLY A CA  1 
ATOM   757  C  C   . GLY A 1 100 ? -0.226  -4.033  -8.601  1.00 13.36 ? 100  GLY A C   1 
ATOM   758  O  O   . GLY A 1 100 ? -0.632  -4.171  -7.447  1.00 11.18 ? 100  GLY A O   1 
ATOM   759  N  N   . VAL A 1 101 ? -0.892  -4.491  -9.657  1.00 12.61 ? 101  VAL A N   1 
ATOM   760  C  CA  . VAL A 1 101 ? -2.149  -5.220  -9.513  1.00 14.09 ? 101  VAL A CA  1 
ATOM   761  C  C   . VAL A 1 101 ? -1.915  -6.539  -8.762  1.00 15.05 ? 101  VAL A C   1 
ATOM   762  O  O   . VAL A 1 101 ? -2.703  -6.922  -7.889  1.00 14.72 ? 101  VAL A O   1 
ATOM   763  C  CB  . VAL A 1 101 ? -2.774  -5.517  -10.902 1.00 15.77 ? 101  VAL A CB  1 
ATOM   764  C  CG1 . VAL A 1 101 ? -4.013  -6.410  -10.753 1.00 15.42 ? 101  VAL A CG1 1 
ATOM   765  C  CG2 . VAL A 1 101 ? -3.144  -4.206  -11.594 1.00 16.36 ? 101  VAL A CG2 1 
ATOM   766  N  N   . GLN A 1 102 ? -0.826  -7.228  -9.103  1.00 14.63 ? 102  GLN A N   1 
ATOM   767  C  CA  . GLN A 1 102 ? -0.472  -8.496  -8.466  1.00 14.14 ? 102  GLN A CA  1 
ATOM   768  C  C   . GLN A 1 102 ? -0.298  -8.355  -6.966  1.00 11.91 ? 102  GLN A C   1 
ATOM   769  O  O   . GLN A 1 102 ? -0.803  -9.176  -6.196  1.00 11.29 ? 102  GLN A O   1 
ATOM   770  C  CB  . GLN A 1 102 ? 0.825   -9.051  -9.053  1.00 14.79 ? 102  GLN A CB  1 
ATOM   771  C  CG  . GLN A 1 102 ? 0.646   -9.821  -10.336 1.00 19.88 ? 102  GLN A CG  1 
ATOM   772  C  CD  . GLN A 1 102 ? 1.964   -10.349 -10.875 1.00 22.82 ? 102  GLN A CD  1 
ATOM   773  O  OE1 . GLN A 1 102 ? 2.760   -10.922 -10.137 1.00 26.38 ? 102  GLN A OE1 1 
ATOM   774  N  NE2 . GLN A 1 102 ? 2.191   -10.166 -12.165 1.00 24.73 ? 102  GLN A NE2 1 
ATOM   775  N  N   . LEU A 1 103 ? 0.444   -7.325  -6.567  1.00 9.53  ? 103  LEU A N   1 
ATOM   776  C  CA  . LEU A 1 103 ? 0.701   -7.048  -5.159  1.00 10.77 ? 103  LEU A CA  1 
ATOM   777  C  C   . LEU A 1 103 ? -0.573  -6.642  -4.416  1.00 10.91 ? 103  LEU A C   1 
ATOM   778  O  O   . LEU A 1 103 ? -0.817  -7.121  -3.310  1.00 12.34 ? 103  LEU A O   1 
ATOM   779  C  CB  . LEU A 1 103 ? 1.766   -5.949  -5.020  1.00 9.57  ? 103  LEU A CB  1 
ATOM   780  C  CG  . LEU A 1 103 ? 3.201   -6.382  -5.354  1.00 9.52  ? 103  LEU A CG  1 
ATOM   781  C  CD1 . LEU A 1 103 ? 4.071   -5.147  -5.634  1.00 8.28  ? 103  LEU A CD1 1 
ATOM   782  C  CD2 . LEU A 1 103 ? 3.764   -7.221  -4.203  1.00 6.33  ? 103  LEU A CD2 1 
ATOM   783  N  N   . LEU A 1 104 ? -1.386  -5.772  -5.014  1.00 11.50 ? 104  LEU A N   1 
ATOM   784  C  CA  . LEU A 1 104 ? -2.633  -5.345  -4.366  1.00 11.80 ? 104  LEU A CA  1 
ATOM   785  C  C   . LEU A 1 104 ? -3.596  -6.528  -4.191  1.00 12.87 ? 104  LEU A C   1 
ATOM   786  O  O   . LEU A 1 104 ? -4.195  -6.693  -3.129  1.00 14.22 ? 104  LEU A O   1 
ATOM   787  C  CB  . LEU A 1 104 ? -3.306  -4.229  -5.171  1.00 11.55 ? 104  LEU A CB  1 
ATOM   788  C  CG  . LEU A 1 104 ? -4.566  -3.615  -4.538  1.00 12.77 ? 104  LEU A CG  1 
ATOM   789  C  CD1 . LEU A 1 104 ? -4.326  -3.305  -3.068  1.00 11.88 ? 104  LEU A CD1 1 
ATOM   790  C  CD2 . LEU A 1 104 ? -4.943  -2.352  -5.281  1.00 11.04 ? 104  LEU A CD2 1 
ATOM   791  N  N   A GLN A 1 105 ? -3.752  -7.346  -5.226  0.50 11.85 ? 105  GLN A N   1 
ATOM   792  N  N   B GLN A 1 105 ? -3.717  -7.338  -5.239  0.50 13.27 ? 105  GLN A N   1 
ATOM   793  C  CA  A GLN A 1 105 ? -4.637  -8.505  -5.134  0.50 11.26 ? 105  GLN A CA  1 
ATOM   794  C  CA  B GLN A 1 105 ? -4.571  -8.525  -5.239  0.50 13.73 ? 105  GLN A CA  1 
ATOM   795  C  C   A GLN A 1 105 ? -4.188  -9.444  -4.014  0.50 12.30 ? 105  GLN A C   1 
ATOM   796  C  C   B GLN A 1 105 ? -4.178  -9.469  -4.091  0.50 13.86 ? 105  GLN A C   1 
ATOM   797  O  O   A GLN A 1 105 ? -5.017  -10.024 -3.308  0.50 12.19 ? 105  GLN A O   1 
ATOM   798  O  O   B GLN A 1 105 ? -5.038  -10.054 -3.429  0.50 13.79 ? 105  GLN A O   1 
ATOM   799  C  CB  A GLN A 1 105 ? -4.674  -9.258  -6.467  0.50 9.97  ? 105  GLN A CB  1 
ATOM   800  C  CB  B GLN A 1 105 ? -4.448  -9.239  -6.603  0.50 14.87 ? 105  GLN A CB  1 
ATOM   801  C  CG  A GLN A 1 105 ? -5.539  -8.605  -7.535  0.50 6.70  ? 105  GLN A CG  1 
ATOM   802  C  CG  B GLN A 1 105 ? -5.047  -10.644 -6.675  0.50 16.11 ? 105  GLN A CG  1 
ATOM   803  C  CD  A GLN A 1 105 ? -7.027  -8.840  -7.320  0.50 6.20  ? 105  GLN A CD  1 
ATOM   804  C  CD  B GLN A 1 105 ? -4.828  -11.340 -8.027  0.50 16.46 ? 105  GLN A CD  1 
ATOM   805  O  OE1 A GLN A 1 105 ? -7.706  -9.411  -8.177  0.50 4.26  ? 105  GLN A OE1 1 
ATOM   806  O  OE1 B GLN A 1 105 ? -3.740  -11.273 -8.616  0.50 18.09 ? 105  GLN A OE1 1 
ATOM   807  N  NE2 A GLN A 1 105 ? -7.540  -8.404  -6.177  0.50 3.38  ? 105  GLN A NE2 1 
ATOM   808  N  NE2 B GLN A 1 105 ? -5.858  -12.032 -8.507  0.50 15.46 ? 105  GLN A NE2 1 
ATOM   809  N  N   . ALA A 1 106 ? -2.876  -9.596  -3.852  1.00 13.56 ? 106  ALA A N   1 
ATOM   810  C  CA  . ALA A 1 106 ? -2.348  -10.459 -2.796  1.00 12.81 ? 106  ALA A CA  1 
ATOM   811  C  C   . ALA A 1 106 ? -2.687  -9.908  -1.403  1.00 12.59 ? 106  ALA A C   1 
ATOM   812  O  O   . ALA A 1 106 ? -2.988  -10.678 -0.480  1.00 13.02 ? 106  ALA A O   1 
ATOM   813  C  CB  . ALA A 1 106 ? -0.827  -10.617 -2.952  1.00 12.92 ? 106  ALA A CB  1 
ATOM   814  N  N   . LEU A 1 107 ? -2.632  -8.583  -1.253  1.00 11.75 ? 107  LEU A N   1 
ATOM   815  C  CA  . LEU A 1 107 ? -2.953  -7.943  0.025   1.00 13.22 ? 107  LEU A CA  1 
ATOM   816  C  C   . LEU A 1 107 ? -4.424  -8.154  0.370   1.00 13.90 ? 107  LEU A C   1 
ATOM   817  O  O   . LEU A 1 107 ? -4.767  -8.450  1.519   1.00 13.82 ? 107  LEU A O   1 
ATOM   818  C  CB  . LEU A 1 107 ? -2.669  -6.439  -0.017  1.00 11.65 ? 107  LEU A CB  1 
ATOM   819  C  CG  . LEU A 1 107 ? -1.228  -5.916  0.039   1.00 10.50 ? 107  LEU A CG  1 
ATOM   820  C  CD1 . LEU A 1 107 ? -1.280  -4.399  -0.038  1.00 10.09 ? 107  LEU A CD1 1 
ATOM   821  C  CD2 . LEU A 1 107 ? -0.516  -6.355  1.318   1.00 7.10  ? 107  LEU A CD2 1 
ATOM   822  N  N   . ILE A 1 108 ? -5.286  -7.997  -0.631  1.00 13.25 ? 108  ILE A N   1 
ATOM   823  C  CA  . ILE A 1 108 ? -6.721  -8.176  -0.444  1.00 13.95 ? 108  ILE A CA  1 
ATOM   824  C  C   . ILE A 1 108 ? -7.020  -9.586  0.067   1.00 16.61 ? 108  ILE A C   1 
ATOM   825  O  O   . ILE A 1 108 ? -7.887  -9.776  0.920   1.00 17.33 ? 108  ILE A O   1 
ATOM   826  C  CB  . ILE A 1 108 ? -7.479  -7.920  -1.765  1.00 12.45 ? 108  ILE A CB  1 
ATOM   827  C  CG1 . ILE A 1 108 ? -7.408  -6.427  -2.113  1.00 10.94 ? 108  ILE A CG1 1 
ATOM   828  C  CG2 . ILE A 1 108 ? -8.924  -8.374  -1.640  1.00 12.71 ? 108  ILE A CG2 1 
ATOM   829  C  CD1 . ILE A 1 108 ? -7.886  -6.074  -3.502  1.00 8.23  ? 108  ILE A CD1 1 
ATOM   830  N  N   . GLU A 1 109 ? -6.294  -10.570 -0.448  1.00 17.73 ? 109  GLU A N   1 
ATOM   831  C  CA  . GLU A 1 109 ? -6.490  -11.949 -0.029  1.00 18.90 ? 109  GLU A CA  1 
ATOM   832  C  C   . GLU A 1 109 ? -6.041  -12.182 1.403   1.00 17.71 ? 109  GLU A C   1 
ATOM   833  O  O   . GLU A 1 109 ? -6.679  -12.926 2.147   1.00 16.61 ? 109  GLU A O   1 
ATOM   834  C  CB  . GLU A 1 109 ? -5.735  -12.890 -0.950  1.00 23.32 ? 109  GLU A CB  1 
ATOM   835  C  CG  . GLU A 1 109 ? -6.342  -13.000 -2.328  1.00 32.83 ? 109  GLU A CG  1 
ATOM   836  C  CD  . GLU A 1 109 ? -5.620  -14.024 -3.184  1.00 37.84 ? 109  GLU A CD  1 
ATOM   837  O  OE1 . GLU A 1 109 ? -5.464  -15.179 -2.722  1.00 39.05 ? 109  GLU A OE1 1 
ATOM   838  O  OE2 . GLU A 1 109 ? -5.211  -13.671 -4.318  1.00 41.35 ? 109  GLU A OE2 1 
ATOM   839  N  N   . ARG A 1 110 ? -4.928  -11.564 1.785   1.00 15.33 ? 110  ARG A N   1 
ATOM   840  C  CA  . ARG A 1 110 ? -4.435  -11.715 3.151   1.00 14.60 ? 110  ARG A CA  1 
ATOM   841  C  C   . ARG A 1 110 ? -5.389  -11.031 4.131   1.00 14.78 ? 110  ARG A C   1 
ATOM   842  O  O   . ARG A 1 110 ? -5.675  -11.566 5.204   1.00 12.96 ? 110  ARG A O   1 
ATOM   843  C  CB  . ARG A 1 110 ? -3.043  -11.098 3.305   1.00 14.54 ? 110  ARG A CB  1 
ATOM   844  C  CG  . ARG A 1 110 ? -1.942  -11.753 2.464   1.00 14.95 ? 110  ARG A CG  1 
ATOM   845  C  CD  . ARG A 1 110 ? -1.778  -13.243 2.745   1.00 14.61 ? 110  ARG A CD  1 
ATOM   846  N  NE  . ARG A 1 110 ? -0.578  -13.799 2.106   1.00 14.64 ? 110  ARG A NE  1 
ATOM   847  C  CZ  . ARG A 1 110 ? 0.647   -13.760 2.632   1.00 14.54 ? 110  ARG A CZ  1 
ATOM   848  N  NH1 . ARG A 1 110 ? 0.865   -13.199 3.818   1.00 12.20 ? 110  ARG A NH1 1 
ATOM   849  N  NH2 . ARG A 1 110 ? 1.667   -14.274 1.962   1.00 12.46 ? 110  ARG A NH2 1 
ATOM   850  N  N   . ALA A 1 111 ? -5.857  -9.840  3.759   1.00 13.03 ? 111  ALA A N   1 
ATOM   851  C  CA  . ALA A 1 111 ? -6.773  -9.063  4.589   1.00 14.10 ? 111  ALA A CA  1 
ATOM   852  C  C   . ALA A 1 111 ? -8.090  -9.809  4.800   1.00 15.95 ? 111  ALA A C   1 
ATOM   853  O  O   . ALA A 1 111 ? -8.596  -9.909  5.919   1.00 16.48 ? 111  ALA A O   1 
ATOM   854  C  CB  . ALA A 1 111 ? -7.042  -7.714  3.944   1.00 11.48 ? 111  ALA A CB  1 
ATOM   855  N  N   . ARG A 1 112 ? -8.646  -10.324 3.714   1.00 16.05 ? 112  ARG A N   1 
ATOM   856  C  CA  . ARG A 1 112 ? -9.889  -11.065 3.779   1.00 18.35 ? 112  ARG A CA  1 
ATOM   857  C  C   . ARG A 1 112 ? -9.726  -12.267 4.708   1.00 19.03 ? 112  ARG A C   1 
ATOM   858  O  O   . ARG A 1 112 ? -10.574 -12.514 5.571   1.00 19.26 ? 112  ARG A O   1 
ATOM   859  C  CB  . ARG A 1 112 ? -10.274 -11.515 2.373   1.00 19.41 ? 112  ARG A CB  1 
ATOM   860  C  CG  . ARG A 1 112 ? -11.739 -11.860 2.204   1.00 23.31 ? 112  ARG A CG  1 
ATOM   861  C  CD  . ARG A 1 112 ? -12.067 -12.033 0.730   1.00 23.65 ? 112  ARG A CD  1 
ATOM   862  N  NE  . ARG A 1 112 ? -12.650 -10.833 0.135   1.00 23.57 ? 112  ARG A NE  1 
ATOM   863  C  CZ  . ARG A 1 112 ? -12.320 -10.365 -1.065  1.00 24.41 ? 112  ARG A CZ  1 
ATOM   864  N  NH1 . ARG A 1 112 ? -11.406 -10.990 -1.797  1.00 24.40 ? 112  ARG A NH1 1 
ATOM   865  N  NH2 . ARG A 1 112 ? -12.922 -9.287  -1.547  1.00 24.03 ? 112  ARG A NH2 1 
ATOM   866  N  N   . ALA A 1 113 ? -8.619  -12.991 4.539   1.00 17.07 ? 113  ALA A N   1 
ATOM   867  C  CA  . ALA A 1 113 ? -8.321  -14.177 5.334   1.00 16.84 ? 113  ALA A CA  1 
ATOM   868  C  C   . ALA A 1 113 ? -8.201  -13.871 6.820   1.00 17.72 ? 113  ALA A C   1 
ATOM   869  O  O   . ALA A 1 113 ? -8.509  -14.723 7.660   1.00 18.14 ? 113  ALA A O   1 
ATOM   870  C  CB  . ALA A 1 113 ? -7.034  -14.833 4.838   1.00 17.81 ? 113  ALA A CB  1 
ATOM   871  N  N   . GLN A 1 114 ? -7.738  -12.665 7.138   1.00 16.43 ? 114  GLN A N   1 
ATOM   872  C  CA  . GLN A 1 114 ? -7.575  -12.231 8.527   1.00 16.42 ? 114  GLN A CA  1 
ATOM   873  C  C   . GLN A 1 114 ? -8.866  -11.720 9.138   1.00 16.49 ? 114  GLN A C   1 
ATOM   874  O  O   . GLN A 1 114 ? -8.858  -11.242 10.268  1.00 18.23 ? 114  GLN A O   1 
ATOM   875  C  CB  . GLN A 1 114 ? -6.560  -11.101 8.635   1.00 16.19 ? 114  GLN A CB  1 
ATOM   876  C  CG  . GLN A 1 114 ? -5.148  -11.475 8.328   1.00 16.42 ? 114  GLN A CG  1 
ATOM   877  C  CD  . GLN A 1 114 ? -4.188  -10.411 8.788   1.00 13.73 ? 114  GLN A CD  1 
ATOM   878  O  OE1 . GLN A 1 114 ? -4.290  -9.252  8.400   1.00 13.57 ? 114  GLN A OE1 1 
ATOM   879  N  NE2 . GLN A 1 114 ? -3.246  -10.800 9.631   1.00 17.27 ? 114  GLN A NE2 1 
ATOM   880  N  N   . GLY A 1 115 ? -9.959  -11.788 8.388   1.00 15.99 ? 115  GLY A N   1 
ATOM   881  C  CA  . GLY A 1 115 ? -11.231 -11.317 8.901   1.00 17.58 ? 115  GLY A CA  1 
ATOM   882  C  C   . GLY A 1 115 ? -11.392 -9.805  8.962   1.00 17.82 ? 115  GLY A C   1 
ATOM   883  O  O   . GLY A 1 115 ? -12.194 -9.302  9.747   1.00 17.85 ? 115  GLY A O   1 
ATOM   884  N  N   . LEU A 1 116 ? -10.636 -9.064  8.156   1.00 16.72 ? 116  LEU A N   1 
ATOM   885  C  CA  . LEU A 1 116 ? -10.773 -7.607  8.161   1.00 16.36 ? 116  LEU A CA  1 
ATOM   886  C  C   . LEU A 1 116 ? -12.029 -7.244  7.367   1.00 15.01 ? 116  LEU A C   1 
ATOM   887  O  O   . LEU A 1 116 ? -12.487 -8.028  6.537   1.00 15.92 ? 116  LEU A O   1 
ATOM   888  C  CB  . LEU A 1 116 ? -9.515  -6.945  7.571   1.00 16.13 ? 116  LEU A CB  1 
ATOM   889  C  CG  . LEU A 1 116 ? -8.304  -6.998  8.514   1.00 17.01 ? 116  LEU A CG  1 
ATOM   890  C  CD1 . LEU A 1 116 ? -7.009  -6.726  7.764   1.00 17.96 ? 116  LEU A CD1 1 
ATOM   891  C  CD2 . LEU A 1 116 ? -8.506  -5.984  9.636   1.00 17.41 ? 116  LEU A CD2 1 
ATOM   892  N  N   . HIS A 1 117 ? -12.591 -6.064  7.623   1.00 14.75 ? 117  HIS A N   1 
ATOM   893  C  CA  . HIS A 1 117 ? -13.823 -5.651  6.947   1.00 13.73 ? 117  HIS A CA  1 
ATOM   894  C  C   . HIS A 1 117 ? -13.672 -4.698  5.755   1.00 12.30 ? 117  HIS A C   1 
ATOM   895  O  O   . HIS A 1 117 ? -14.359 -4.851  4.751   1.00 13.02 ? 117  HIS A O   1 
ATOM   896  C  CB  . HIS A 1 117 ? -14.778 -5.021  7.969   1.00 12.46 ? 117  HIS A CB  1 
ATOM   897  C  CG  . HIS A 1 117 ? -16.193 -4.907  7.495   1.00 12.43 ? 117  HIS A CG  1 
ATOM   898  N  ND1 . HIS A 1 117 ? -16.926 -5.994  7.061   1.00 12.66 ? 117  HIS A ND1 1 
ATOM   899  C  CD2 . HIS A 1 117 ? -17.028 -3.844  7.416   1.00 13.04 ? 117  HIS A CD2 1 
ATOM   900  C  CE1 . HIS A 1 117 ? -18.144 -5.607  6.739   1.00 12.85 ? 117  HIS A CE1 1 
ATOM   901  N  NE2 . HIS A 1 117 ? -18.233 -4.302  6.946   1.00 14.22 ? 117  HIS A NE2 1 
ATOM   902  N  N   . VAL A 1 118 ? -12.783 -3.718  5.867   1.00 11.20 ? 118  VAL A N   1 
ATOM   903  C  CA  . VAL A 1 118 ? -12.602 -2.747  4.794   1.00 11.03 ? 118  VAL A CA  1 
ATOM   904  C  C   . VAL A 1 118 ? -11.142 -2.388  4.532   1.00 12.09 ? 118  VAL A C   1 
ATOM   905  O  O   . VAL A 1 118 ? -10.348 -2.253  5.468   1.00 11.07 ? 118  VAL A O   1 
ATOM   906  C  CB  . VAL A 1 118 ? -13.354 -1.417  5.118   1.00 10.64 ? 118  VAL A CB  1 
ATOM   907  C  CG1 . VAL A 1 118 ? -13.175 -0.419  3.977   1.00 11.07 ? 118  VAL A CG1 1 
ATOM   908  C  CG2 . VAL A 1 118 ? -14.842 -1.681  5.364   1.00 11.10 ? 118  VAL A CG2 1 
HETATM 909  N  N   . MSE A 1 119 ? -10.789 -2.243  3.256   1.00 12.07 ? 119  MSE A N   1 
HETATM 910  C  CA  . MSE A 1 119 ? -9.442  -1.818  2.900   1.00 12.61 ? 119  MSE A CA  1 
HETATM 911  C  C   . MSE A 1 119 ? -9.583  -0.450  2.249   1.00 11.29 ? 119  MSE A C   1 
HETATM 912  O  O   . MSE A 1 119 ? -10.392 -0.269  1.336   1.00 11.06 ? 119  MSE A O   1 
HETATM 913  C  CB  . MSE A 1 119 ? -8.756  -2.783  1.927   1.00 13.85 ? 119  MSE A CB  1 
HETATM 914  C  CG  . MSE A 1 119 ? -7.291  -2.381  1.709   1.00 16.29 ? 119  MSE A CG  1 
HETATM 915  SE SE  . MSE A 1 119 ? -6.256  -3.576  0.595   1.00 24.94 ? 119  MSE A SE  1 
HETATM 916  C  CE  . MSE A 1 119 ? -6.288  -5.130  1.763   1.00 19.00 ? 119  MSE A CE  1 
ATOM   917  N  N   . VAL A 1 120 ? -8.795  0.508   2.723   1.00 12.41 ? 120  VAL A N   1 
ATOM   918  C  CA  . VAL A 1 120 ? -8.843  1.867   2.207   1.00 13.12 ? 120  VAL A CA  1 
ATOM   919  C  C   . VAL A 1 120 ? -7.626  2.257   1.364   1.00 13.23 ? 120  VAL A C   1 
ATOM   920  O  O   . VAL A 1 120 ? -6.501  1.845   1.644   1.00 13.36 ? 120  VAL A O   1 
ATOM   921  C  CB  . VAL A 1 120 ? -8.988  2.864   3.382   1.00 13.94 ? 120  VAL A CB  1 
ATOM   922  C  CG1 . VAL A 1 120 ? -8.794  4.295   2.899   1.00 14.66 ? 120  VAL A CG1 1 
ATOM   923  C  CG2 . VAL A 1 120 ? -10.368 2.700   4.027   1.00 14.22 ? 120  VAL A CG2 1 
ATOM   924  N  N   . ALA A 1 121 ? -7.869  3.039   0.318   1.00 13.08 ? 121  ALA A N   1 
ATOM   925  C  CA  . ALA A 1 121 ? -6.799  3.527   -0.546  1.00 13.91 ? 121  ALA A CA  1 
ATOM   926  C  C   . ALA A 1 121 ? -6.827  5.059   -0.570  1.00 13.43 ? 121  ALA A C   1 
ATOM   927  O  O   . ALA A 1 121 ? -7.892  5.661   -0.714  1.00 14.25 ? 121  ALA A O   1 
ATOM   928  C  CB  . ALA A 1 121 ? -6.966  2.981   -1.964  1.00 12.56 ? 121  ALA A CB  1 
ATOM   929  N  N   . ALA A 1 122 ? -5.662  5.681   -0.404  1.00 13.66 ? 122  ALA A N   1 
ATOM   930  C  CA  . ALA A 1 122 ? -5.538  7.144   -0.447  1.00 14.78 ? 122  ALA A CA  1 
ATOM   931  C  C   . ALA A 1 122 ? -4.739  7.428   -1.712  1.00 15.62 ? 122  ALA A C   1 
ATOM   932  O  O   . ALA A 1 122 ? -3.545  7.120   -1.779  1.00 15.66 ? 122  ALA A O   1 
ATOM   933  C  CB  . ALA A 1 122 ? -4.789  7.652   0.769   1.00 14.25 ? 122  ALA A CB  1 
ATOM   934  N  N   . ILE A 1 123 ? -5.395  8.014   -2.708  1.00 15.36 ? 123  ILE A N   1 
ATOM   935  C  CA  . ILE A 1 123 ? -4.754  8.275   -3.998  1.00 14.52 ? 123  ILE A CA  1 
ATOM   936  C  C   . ILE A 1 123 ? -4.720  9.744   -4.387  1.00 14.83 ? 123  ILE A C   1 
ATOM   937  O  O   . ILE A 1 123 ? -5.727  10.433  -4.257  1.00 14.50 ? 123  ILE A O   1 
ATOM   938  C  CB  . ILE A 1 123 ? -5.503  7.497   -5.124  1.00 13.15 ? 123  ILE A CB  1 
ATOM   939  C  CG1 . ILE A 1 123 ? -5.595  6.011   -4.763  1.00 11.99 ? 123  ILE A CG1 1 
ATOM   940  C  CG2 . ILE A 1 123 ? -4.791  7.668   -6.457  1.00 10.80 ? 123  ILE A CG2 1 
ATOM   941  C  CD1 . ILE A 1 123 ? -6.588  5.221   -5.605  1.00 11.33 ? 123  ILE A CD1 1 
ATOM   942  N  N   . GLU A 1 124 ? -3.564  10.221  -4.857  1.00 15.27 ? 124  GLU A N   1 
ATOM   943  C  CA  . GLU A 1 124 ? -3.437  11.604  -5.316  1.00 16.84 ? 124  GLU A CA  1 
ATOM   944  C  C   . GLU A 1 124 ? -4.444  11.703  -6.467  1.00 17.32 ? 124  GLU A C   1 
ATOM   945  O  O   . GLU A 1 124 ? -4.349  10.985  -7.469  1.00 18.41 ? 124  GLU A O   1 
ATOM   946  C  CB  . GLU A 1 124 ? -2.005  11.873  -5.797  1.00 18.18 ? 124  GLU A CB  1 
ATOM   947  C  CG  . GLU A 1 124 ? -1.692  13.321  -6.146  1.00 20.95 ? 124  GLU A CG  1 
ATOM   948  C  CD  . GLU A 1 124 ? -2.107  13.694  -7.555  1.00 23.85 ? 124  GLU A CD  1 
ATOM   949  O  OE1 . GLU A 1 124 ? -1.648  13.022  -8.502  1.00 28.64 ? 124  GLU A OE1 1 
ATOM   950  O  OE2 . GLU A 1 124 ? -2.887  14.654  -7.723  1.00 24.51 ? 124  GLU A OE2 1 
ATOM   951  N  N   . SER A 1 125 ? -5.414  12.590  -6.311  1.00 16.65 ? 125  SER A N   1 
ATOM   952  C  CA  . SER A 1 125 ? -6.492  12.737  -7.278  1.00 16.38 ? 125  SER A CA  1 
ATOM   953  C  C   . SER A 1 125 ? -6.140  12.840  -8.767  1.00 16.73 ? 125  SER A C   1 
ATOM   954  O  O   . SER A 1 125 ? -6.965  12.509  -9.621  1.00 15.37 ? 125  SER A O   1 
ATOM   955  C  CB  . SER A 1 125 ? -7.369  13.922  -6.870  1.00 14.42 ? 125  SER A CB  1 
ATOM   956  O  OG  . SER A 1 125 ? -7.853  13.763  -5.546  1.00 15.79 ? 125  SER A OG  1 
ATOM   957  N  N   . GLY A 1 126 ? -4.927  13.291  -9.074  1.00 17.64 ? 126  GLY A N   1 
ATOM   958  C  CA  . GLY A 1 126 ? -4.522  13.421  -10.461 1.00 18.20 ? 126  GLY A CA  1 
ATOM   959  C  C   . GLY A 1 126 ? -4.073  12.110  -11.087 1.00 18.84 ? 126  GLY A C   1 
ATOM   960  O  O   . GLY A 1 126 ? -3.876  12.038  -12.296 1.00 20.08 ? 126  GLY A O   1 
ATOM   961  N  N   . ASN A 1 127 ? -3.915  11.070  -10.274 1.00 17.79 ? 127  ASN A N   1 
ATOM   962  C  CA  . ASN A 1 127 ? -3.490  9.767   -10.775 1.00 16.30 ? 127  ASN A CA  1 
ATOM   963  C  C   . ASN A 1 127 ? -4.693  8.958   -11.305 1.00 16.23 ? 127  ASN A C   1 
ATOM   964  O  O   . ASN A 1 127 ? -5.170  8.018   -10.655 1.00 14.33 ? 127  ASN A O   1 
ATOM   965  C  CB  . ASN A 1 127 ? -2.788  8.995   -9.661  1.00 16.03 ? 127  ASN A CB  1 
ATOM   966  C  CG  . ASN A 1 127 ? -1.890  7.903   -10.197 1.00 16.43 ? 127  ASN A CG  1 
ATOM   967  O  OD1 . ASN A 1 127 ? -2.173  7.305   -11.239 1.00 15.23 ? 127  ASN A OD1 1 
ATOM   968  N  ND2 . ASN A 1 127 ? -0.807  7.626   -9.483  1.00 16.68 ? 127  ASN A ND2 1 
ATOM   969  N  N   . ALA A 1 128 ? -5.167  9.333   -12.493 1.00 15.73 ? 128  ALA A N   1 
ATOM   970  C  CA  . ALA A 1 128 ? -6.308  8.690   -13.135 1.00 15.61 ? 128  ALA A CA  1 
ATOM   971  C  C   . ALA A 1 128 ? -6.144  7.187   -13.357 1.00 15.93 ? 128  ALA A C   1 
ATOM   972  O  O   . ALA A 1 128 ? -7.097  6.416   -13.199 1.00 15.85 ? 128  ALA A O   1 
ATOM   973  C  CB  . ALA A 1 128 ? -6.607  9.383   -14.463 1.00 16.93 ? 128  ALA A CB  1 
ATOM   974  N  N   . ALA A 1 129 ? -4.940  6.765   -13.727 1.00 15.66 ? 129  ALA A N   1 
ATOM   975  C  CA  . ALA A 1 129 ? -4.687  5.349   -13.974 1.00 15.15 ? 129  ALA A CA  1 
ATOM   976  C  C   . ALA A 1 129 ? -4.778  4.514   -12.694 1.00 14.93 ? 129  ALA A C   1 
ATOM   977  O  O   . ALA A 1 129 ? -5.301  3.403   -12.707 1.00 15.94 ? 129  ALA A O   1 
ATOM   978  C  CB  . ALA A 1 129 ? -3.319  5.171   -14.622 1.00 14.59 ? 129  ALA A CB  1 
ATOM   979  N  N   . SER A 1 130 ? -4.264  5.051   -11.592 1.00 14.71 ? 130  SER A N   1 
ATOM   980  C  CA  . SER A 1 130 ? -4.301  4.346   -10.320 1.00 14.31 ? 130  SER A CA  1 
ATOM   981  C  C   . SER A 1 130 ? -5.750  4.180   -9.852  1.00 13.75 ? 130  SER A C   1 
ATOM   982  O  O   . SER A 1 130 ? -6.137  3.136   -9.334  1.00 13.51 ? 130  SER A O   1 
ATOM   983  C  CB  . SER A 1 130 ? -3.503  5.122   -9.273  1.00 14.63 ? 130  SER A CB  1 
ATOM   984  O  OG  . SER A 1 130 ? -3.391  4.378   -8.071  1.00 17.67 ? 130  SER A OG  1 
ATOM   985  N  N   . ILE A 1 131 ? -6.549  5.222   -10.033 1.00 14.06 ? 131  ILE A N   1 
ATOM   986  C  CA  . ILE A 1 131 ? -7.953  5.171   -9.645  1.00 15.24 ? 131  ILE A CA  1 
ATOM   987  C  C   . ILE A 1 131 ? -8.697  4.132   -10.491 1.00 15.22 ? 131  ILE A C   1 
ATOM   988  O  O   . ILE A 1 131 ? -9.532  3.385   -9.979  1.00 17.13 ? 131  ILE A O   1 
ATOM   989  C  CB  . ILE A 1 131 ? -8.616  6.562   -9.822  1.00 14.49 ? 131  ILE A CB  1 
ATOM   990  C  CG1 . ILE A 1 131 ? -7.989  7.550   -8.835  1.00 13.95 ? 131  ILE A CG1 1 
ATOM   991  C  CG2 . ILE A 1 131 ? -10.127 6.461   -9.632  1.00 15.61 ? 131  ILE A CG2 1 
ATOM   992  C  CD1 . ILE A 1 131 ? -8.400  8.974   -9.059  1.00 14.67 ? 131  ILE A CD1 1 
ATOM   993  N  N   . GLY A 1 132 ? -8.381  4.091   -11.786 1.00 15.12 ? 132  GLY A N   1 
ATOM   994  C  CA  . GLY A 1 132 ? -9.017  3.143   -12.684 1.00 12.42 ? 132  GLY A CA  1 
ATOM   995  C  C   . GLY A 1 132 ? -8.694  1.709   -12.316 1.00 12.18 ? 132  GLY A C   1 
ATOM   996  O  O   . GLY A 1 132 ? -9.562  0.839   -12.364 1.00 12.79 ? 132  GLY A O   1 
ATOM   997  N  N   . LEU A 1 133 ? -7.440  1.451   -11.953 1.00 12.75 ? 133  LEU A N   1 
ATOM   998  C  CA  . LEU A 1 133 ? -7.021  0.108   -11.560 1.00 13.17 ? 133  LEU A CA  1 
ATOM   999  C  C   . LEU A 1 133 ? -7.718  -0.333  -10.260 1.00 13.23 ? 133  LEU A C   1 
ATOM   1000 O  O   . LEU A 1 133 ? -8.178  -1.472  -10.148 1.00 10.76 ? 133  LEU A O   1 
ATOM   1001 C  CB  . LEU A 1 133 ? -5.491  0.057   -11.401 1.00 14.04 ? 133  LEU A CB  1 
ATOM   1002 C  CG  . LEU A 1 133 ? -4.673  0.176   -12.703 1.00 15.03 ? 133  LEU A CG  1 
ATOM   1003 C  CD1 . LEU A 1 133 ? -3.192  0.267   -12.382 1.00 14.55 ? 133  LEU A CD1 1 
ATOM   1004 C  CD2 . LEU A 1 133 ? -4.929  -1.031  -13.606 1.00 13.81 ? 133  LEU A CD2 1 
ATOM   1005 N  N   . HIS A 1 134 ? -7.797  0.564   -9.280  1.00 14.10 ? 134  HIS A N   1 
ATOM   1006 C  CA  . HIS A 1 134 ? -8.469  0.230   -8.020  1.00 16.32 ? 134  HIS A CA  1 
ATOM   1007 C  C   . HIS A 1 134 ? -9.939  -0.042  -8.275  1.00 16.09 ? 134  HIS A C   1 
ATOM   1008 O  O   . HIS A 1 134 ? -10.551 -0.877  -7.617  1.00 16.80 ? 134  HIS A O   1 
ATOM   1009 C  CB  . HIS A 1 134 ? -8.361  1.368   -7.006  1.00 15.11 ? 134  HIS A CB  1 
ATOM   1010 C  CG  . HIS A 1 134 ? -7.057  1.412   -6.283  1.00 15.50 ? 134  HIS A CG  1 
ATOM   1011 N  ND1 . HIS A 1 134 ? -5.906  1.938   -6.848  1.00 14.25 ? 134  HIS A ND1 1 
ATOM   1012 C  CD2 . HIS A 1 134 ? -6.705  0.995   -5.049  1.00 13.89 ? 134  HIS A CD2 1 
ATOM   1013 C  CE1 . HIS A 1 134 ? -4.918  1.841   -5.988  1.00 15.39 ? 134  HIS A CE1 1 
ATOM   1014 N  NE2 . HIS A 1 134 ? -5.374  1.271   -4.881  1.00 15.14 ? 134  HIS A NE2 1 
ATOM   1015 N  N   . ARG A 1 135 ? -10.501 0.688   -9.232  1.00 16.67 ? 135  ARG A N   1 
ATOM   1016 C  CA  . ARG A 1 135 ? -11.898 0.533   -9.598  1.00 17.91 ? 135  ARG A CA  1 
ATOM   1017 C  C   . ARG A 1 135 ? -12.179 -0.861  -10.167 1.00 17.95 ? 135  ARG A C   1 
ATOM   1018 O  O   . ARG A 1 135 ? -13.150 -1.519  -9.786  1.00 16.69 ? 135  ARG A O   1 
ATOM   1019 C  CB  . ARG A 1 135 ? -12.277 1.584   -10.632 1.00 21.26 ? 135  ARG A CB  1 
ATOM   1020 C  CG  . ARG A 1 135 ? -13.436 2.444   -10.223 1.00 28.99 ? 135  ARG A CG  1 
ATOM   1021 C  CD  . ARG A 1 135 ? -13.983 3.194   -11.422 1.00 34.81 ? 135  ARG A CD  1 
ATOM   1022 N  NE  . ARG A 1 135 ? -13.424 4.537   -11.563 1.00 38.92 ? 135  ARG A NE  1 
ATOM   1023 C  CZ  . ARG A 1 135 ? -13.831 5.591   -10.861 1.00 40.99 ? 135  ARG A CZ  1 
ATOM   1024 N  NH1 . ARG A 1 135 ? -13.269 6.778   -11.053 1.00 42.18 ? 135  ARG A NH1 1 
ATOM   1025 N  NH2 . ARG A 1 135 ? -14.809 5.456   -9.972  1.00 42.03 ? 135  ARG A NH2 1 
ATOM   1026 N  N   A ARG A 1 136 ? -11.308 -1.304  -11.066 0.50 16.73 ? 136  ARG A N   1 
ATOM   1027 N  N   B ARG A 1 136 ? -11.341 -1.321  -11.090 0.50 16.96 ? 136  ARG A N   1 
ATOM   1028 C  CA  A ARG A 1 136 ? -11.466 -2.609  -11.679 0.50 17.07 ? 136  ARG A CA  1 
ATOM   1029 C  CA  B ARG A 1 136 ? -11.557 -2.638  -11.675 0.50 17.56 ? 136  ARG A CA  1 
ATOM   1030 C  C   A ARG A 1 136 ? -11.378 -3.722  -10.636 0.50 16.74 ? 136  ARG A C   1 
ATOM   1031 C  C   B ARG A 1 136 ? -11.403 -3.739  -10.625 0.50 17.03 ? 136  ARG A C   1 
ATOM   1032 O  O   A ARG A 1 136 ? -11.936 -4.801  -10.820 0.50 17.46 ? 136  ARG A O   1 
ATOM   1033 O  O   B ARG A 1 136 ? -11.919 -4.842  -10.808 0.50 17.68 ? 136  ARG A O   1 
ATOM   1034 C  CB  A ARG A 1 136 ? -10.405 -2.801  -12.768 0.50 17.74 ? 136  ARG A CB  1 
ATOM   1035 C  CB  B ARG A 1 136 ? -10.603 -2.863  -12.854 0.50 18.77 ? 136  ARG A CB  1 
ATOM   1036 C  CG  A ARG A 1 136 ? -10.625 -4.027  -13.638 0.50 18.80 ? 136  ARG A CG  1 
ATOM   1037 C  CG  B ARG A 1 136 ? -10.862 -4.123  -13.710 0.50 20.62 ? 136  ARG A CG  1 
ATOM   1038 C  CD  A ARG A 1 136 ? -12.083 -4.156  -14.071 0.50 18.26 ? 136  ARG A CD  1 
ATOM   1039 C  CD  B ARG A 1 136 ? -12.299 -4.247  -14.256 0.50 20.53 ? 136  ARG A CD  1 
ATOM   1040 N  NE  A ARG A 1 136 ? -12.606 -2.932  -14.669 0.50 17.26 ? 136  ARG A NE  1 
ATOM   1041 N  NE  B ARG A 1 136 ? -13.146 -5.037  -13.366 0.50 21.34 ? 136  ARG A NE  1 
ATOM   1042 C  CZ  A ARG A 1 136 ? -13.759 -2.868  -15.322 0.50 16.80 ? 136  ARG A CZ  1 
ATOM   1043 C  CZ  B ARG A 1 136 ? -14.309 -5.584  -13.710 0.50 21.92 ? 136  ARG A CZ  1 
ATOM   1044 N  NH1 A ARG A 1 136 ? -14.497 -3.960  -15.458 0.50 18.28 ? 136  ARG A NH1 1 
ATOM   1045 N  NH1 B ARG A 1 136 ? -14.781 -5.422  -14.937 0.50 23.15 ? 136  ARG A NH1 1 
ATOM   1046 N  NH2 A ARG A 1 136 ? -14.173 -1.722  -15.843 0.50 15.91 ? 136  ARG A NH2 1 
ATOM   1047 N  NH2 B ARG A 1 136 ? -14.980 -6.330  -12.840 0.50 22.09 ? 136  ARG A NH2 1 
ATOM   1048 N  N   . LEU A 1 137 ? -10.701 -3.447  -9.529  1.00 17.45 ? 137  LEU A N   1 
ATOM   1049 C  CA  . LEU A 1 137 ? -10.535 -4.434  -8.457  1.00 16.61 ? 137  LEU A CA  1 
ATOM   1050 C  C   . LEU A 1 137 ? -11.666 -4.401  -7.424  1.00 17.84 ? 137  LEU A C   1 
ATOM   1051 O  O   . LEU A 1 137 ? -11.631 -5.139  -6.435  1.00 19.35 ? 137  LEU A O   1 
ATOM   1052 C  CB  . LEU A 1 137 ? -9.195  -4.241  -7.742  1.00 15.55 ? 137  LEU A CB  1 
ATOM   1053 C  CG  . LEU A 1 137 ? -7.943  -4.599  -8.543  1.00 16.22 ? 137  LEU A CG  1 
ATOM   1054 C  CD1 . LEU A 1 137 ? -6.720  -4.505  -7.652  1.00 14.16 ? 137  LEU A CD1 1 
ATOM   1055 C  CD2 . LEU A 1 137 ? -8.080  -6.001  -9.101  1.00 16.61 ? 137  LEU A CD2 1 
ATOM   1056 N  N   . GLY A 1 138 ? -12.664 -3.547  -7.638  1.00 17.62 ? 138  GLY A N   1 
ATOM   1057 C  CA  . GLY A 1 138 ? -13.777 -3.496  -6.702  1.00 17.95 ? 138  GLY A CA  1 
ATOM   1058 C  C   . GLY A 1 138 ? -13.875 -2.302  -5.760  1.00 18.33 ? 138  GLY A C   1 
ATOM   1059 O  O   . GLY A 1 138 ? -14.833 -2.194  -4.990  1.00 15.65 ? 138  GLY A O   1 
ATOM   1060 N  N   . PHE A 1 139 ? -12.890 -1.411  -5.806  1.00 17.13 ? 139  PHE A N   1 
ATOM   1061 C  CA  . PHE A 1 139 ? -12.907 -0.222  -4.964  1.00 16.80 ? 139  PHE A CA  1 
ATOM   1062 C  C   . PHE A 1 139 ? -13.907 0.796   -5.517  1.00 15.52 ? 139  PHE A C   1 
ATOM   1063 O  O   . PHE A 1 139 ? -14.177 0.829   -6.717  1.00 15.37 ? 139  PHE A O   1 
ATOM   1064 C  CB  . PHE A 1 139 ? -11.512 0.417   -4.912  1.00 13.87 ? 139  PHE A CB  1 
ATOM   1065 C  CG  . PHE A 1 139 ? -10.506 -0.377  -4.128  1.00 15.68 ? 139  PHE A CG  1 
ATOM   1066 C  CD1 . PHE A 1 139 ? -10.195 -0.033  -2.809  1.00 16.04 ? 139  PHE A CD1 1 
ATOM   1067 C  CD2 . PHE A 1 139 ? -9.853  -1.460  -4.709  1.00 16.23 ? 139  PHE A CD2 1 
ATOM   1068 C  CE1 . PHE A 1 139 ? -9.249  -0.767  -2.077  1.00 15.90 ? 139  PHE A CE1 1 
ATOM   1069 C  CE2 . PHE A 1 139 ? -8.911  -2.201  -3.990  1.00 15.39 ? 139  PHE A CE2 1 
ATOM   1070 C  CZ  . PHE A 1 139 ? -8.602  -1.851  -2.674  1.00 15.58 ? 139  PHE A CZ  1 
ATOM   1071 N  N   . GLU A 1 140 ? -14.449 1.615   -4.623  1.00 15.43 ? 140  GLU A N   1 
ATOM   1072 C  CA  . GLU A 1 140 ? -15.391 2.667   -4.981  1.00 17.22 ? 140  GLU A CA  1 
ATOM   1073 C  C   . GLU A 1 140 ? -14.941 3.945   -4.282  1.00 15.55 ? 140  GLU A C   1 
ATOM   1074 O  O   . GLU A 1 140 ? -14.470 3.909   -3.144  1.00 15.27 ? 140  GLU A O   1 
ATOM   1075 C  CB  . GLU A 1 140 ? -16.809 2.302   -4.530  1.00 20.98 ? 140  GLU A CB  1 
ATOM   1076 C  CG  . GLU A 1 140 ? -17.232 0.897   -4.939  1.00 29.40 ? 140  GLU A CG  1 
ATOM   1077 C  CD  . GLU A 1 140 ? -18.729 0.659   -4.821  1.00 33.43 ? 140  GLU A CD  1 
ATOM   1078 O  OE1 . GLU A 1 140 ? -19.140 -0.501  -4.590  1.00 37.01 ? 140  GLU A OE1 1 
ATOM   1079 O  OE2 . GLU A 1 140 ? -19.499 1.629   -4.975  1.00 39.17 ? 140  GLU A OE2 1 
ATOM   1080 N  N   . ILE A 1 141 ? -15.065 5.075   -4.967  1.00 14.97 ? 141  ILE A N   1 
ATOM   1081 C  CA  . ILE A 1 141 ? -14.667 6.353   -4.389  1.00 15.44 ? 141  ILE A CA  1 
ATOM   1082 C  C   . ILE A 1 141 ? -15.606 6.715   -3.239  1.00 16.00 ? 141  ILE A C   1 
ATOM   1083 O  O   . ILE A 1 141 ? -16.825 6.708   -3.402  1.00 17.15 ? 141  ILE A O   1 
ATOM   1084 C  CB  . ILE A 1 141 ? -14.715 7.480   -5.447  1.00 15.07 ? 141  ILE A CB  1 
ATOM   1085 C  CG1 . ILE A 1 141 ? -13.693 7.199   -6.555  1.00 15.13 ? 141  ILE A CG1 1 
ATOM   1086 C  CG2 . ILE A 1 141 ? -14.448 8.824   -4.789  1.00 13.13 ? 141  ILE A CG2 1 
ATOM   1087 C  CD1 . ILE A 1 141 ? -13.680 8.234   -7.670  1.00 16.57 ? 141  ILE A CD1 1 
ATOM   1088 N  N   . SER A 1 142 ? -15.045 7.022   -2.077  1.00 16.05 ? 142  SER A N   1 
ATOM   1089 C  CA  . SER A 1 142 ? -15.871 7.394   -0.934  1.00 16.62 ? 142  SER A CA  1 
ATOM   1090 C  C   . SER A 1 142 ? -15.444 8.735   -0.345  1.00 17.26 ? 142  SER A C   1 
ATOM   1091 O  O   . SER A 1 142 ? -15.970 9.163   0.681   1.00 17.87 ? 142  SER A O   1 
ATOM   1092 C  CB  . SER A 1 142 ? -15.813 6.312   0.146   1.00 14.54 ? 142  SER A CB  1 
ATOM   1093 O  OG  . SER A 1 142 ? -14.504 6.168   0.648   1.00 16.01 ? 142  SER A OG  1 
ATOM   1094 N  N   . GLY A 1 143 ? -14.498 9.401   -1.004  1.00 17.32 ? 143  GLY A N   1 
ATOM   1095 C  CA  . GLY A 1 143 ? -14.027 10.687  -0.527  1.00 16.05 ? 143  GLY A CA  1 
ATOM   1096 C  C   . GLY A 1 143 ? -13.195 11.438  -1.554  1.00 17.23 ? 143  GLY A C   1 
ATOM   1097 O  O   . GLY A 1 143 ? -12.393 10.840  -2.275  1.00 16.19 ? 143  GLY A O   1 
ATOM   1098 N  N   . GLN A 1 144 ? -13.405 12.750  -1.630  1.00 16.35 ? 144  GLN A N   1 
ATOM   1099 C  CA  . GLN A 1 144 ? -12.667 13.623  -2.541  1.00 17.39 ? 144  GLN A CA  1 
ATOM   1100 C  C   . GLN A 1 144 ? -12.416 14.881  -1.721  1.00 17.02 ? 144  GLN A C   1 
ATOM   1101 O  O   . GLN A 1 144 ? -13.312 15.705  -1.515  1.00 18.10 ? 144  GLN A O   1 
ATOM   1102 C  CB  . GLN A 1 144 ? -13.488 13.937  -3.795  1.00 19.64 ? 144  GLN A CB  1 
ATOM   1103 C  CG  . GLN A 1 144 ? -12.727 14.766  -4.837  1.00 23.67 ? 144  GLN A CG  1 
ATOM   1104 C  CD  . GLN A 1 144 ? -11.367 14.169  -5.195  1.00 24.10 ? 144  GLN A CD  1 
ATOM   1105 O  OE1 . GLN A 1 144 ? -11.278 13.025  -5.661  1.00 25.13 ? 144  GLN A OE1 1 
ATOM   1106 N  NE2 . GLN A 1 144 ? -10.304 14.940  -4.974  1.00 22.17 ? 144  GLN A NE2 1 
HETATM 1107 N  N   . MSE A 1 145 ? -11.180 15.011  -1.256  1.00 16.57 ? 145  MSE A N   1 
HETATM 1108 C  CA  . MSE A 1 145 ? -10.786 16.102  -0.381  1.00 16.87 ? 145  MSE A CA  1 
HETATM 1109 C  C   . MSE A 1 145 ? -9.751  17.058  -0.969  1.00 14.73 ? 145  MSE A C   1 
HETATM 1110 O  O   . MSE A 1 145 ? -8.563  16.741  -1.067  1.00 12.36 ? 145  MSE A O   1 
HETATM 1111 C  CB  . MSE A 1 145 ? -10.294 15.469  0.921   1.00 18.73 ? 145  MSE A CB  1 
HETATM 1112 C  CG  . MSE A 1 145 ? -11.265 14.369  1.373   1.00 23.25 ? 145  MSE A CG  1 
HETATM 1113 SE SE  . MSE A 1 145 ? -10.810 13.398  2.966   1.00 31.06 ? 145  MSE A SE  1 
HETATM 1114 C  CE  . MSE A 1 145 ? -11.175 14.782  4.295   1.00 26.59 ? 145  MSE A CE  1 
ATOM   1115 N  N   . PRO A 1 146 ? -10.196 18.262  -1.337  1.00 13.93 ? 146  PRO A N   1 
ATOM   1116 C  CA  . PRO A 1 146 ? -9.338  19.293  -1.925  1.00 14.22 ? 146  PRO A CA  1 
ATOM   1117 C  C   . PRO A 1 146 ? -8.248  19.914  -1.046  1.00 14.27 ? 146  PRO A C   1 
ATOM   1118 O  O   . PRO A 1 146 ? -8.471  20.243  0.117   1.00 14.67 ? 146  PRO A O   1 
ATOM   1119 C  CB  . PRO A 1 146 ? -10.347 20.325  -2.428  1.00 13.47 ? 146  PRO A CB  1 
ATOM   1120 C  CG  . PRO A 1 146 ? -11.463 20.210  -1.434  1.00 15.07 ? 146  PRO A CG  1 
ATOM   1121 C  CD  . PRO A 1 146 ? -11.597 18.720  -1.261  1.00 14.03 ? 146  PRO A CD  1 
ATOM   1122 N  N   . GLN A 1 147 ? -7.062  20.055  -1.639  1.00 14.53 ? 147  GLN A N   1 
ATOM   1123 C  CA  . GLN A 1 147 ? -5.877  20.660  -1.024  1.00 13.92 ? 147  GLN A CA  1 
ATOM   1124 C  C   . GLN A 1 147 ? -5.523  20.270  0.410   1.00 14.27 ? 147  GLN A C   1 
ATOM   1125 O  O   . GLN A 1 147 ? -5.076  21.115  1.186   1.00 14.34 ? 147  GLN A O   1 
ATOM   1126 C  CB  . GLN A 1 147 ? -5.977  22.186  -1.123  1.00 14.24 ? 147  GLN A CB  1 
ATOM   1127 C  CG  . GLN A 1 147 ? -6.535  22.672  -2.466  1.00 16.65 ? 147  GLN A CG  1 
ATOM   1128 C  CD  . GLN A 1 147 ? -6.451  24.187  -2.666  1.00 19.28 ? 147  GLN A CD  1 
ATOM   1129 O  OE1 . GLN A 1 147 ? -6.580  24.966  -1.721  1.00 17.81 ? 147  GLN A OE1 1 
ATOM   1130 N  NE2 . GLN A 1 147 ? -6.252  24.607  -3.915  1.00 19.23 ? 147  GLN A NE2 1 
ATOM   1131 N  N   . VAL A 1 148 ? -5.699  18.997  0.758   1.00 13.88 ? 148  VAL A N   1 
ATOM   1132 C  CA  . VAL A 1 148 ? -5.372  18.526  2.103   1.00 13.78 ? 148  VAL A CA  1 
ATOM   1133 C  C   . VAL A 1 148 ? -3.904  18.117  2.188   1.00 15.30 ? 148  VAL A C   1 
ATOM   1134 O  O   . VAL A 1 148 ? -3.367  17.907  3.284   1.00 15.03 ? 148  VAL A O   1 
ATOM   1135 C  CB  . VAL A 1 148 ? -6.251  17.326  2.518   1.00 12.95 ? 148  VAL A CB  1 
ATOM   1136 C  CG1 . VAL A 1 148 ? -7.699  17.781  2.663   1.00 12.67 ? 148  VAL A CG1 1 
ATOM   1137 C  CG2 . VAL A 1 148 ? -6.140  16.198  1.487   1.00 13.35 ? 148  VAL A CG2 1 
ATOM   1138 N  N   . GLY A 1 149 ? -3.252  18.009  1.030   1.00 13.97 ? 149  GLY A N   1 
ATOM   1139 C  CA  . GLY A 1 149 ? -1.847  17.645  1.016   1.00 13.26 ? 149  GLY A CA  1 
ATOM   1140 C  C   . GLY A 1 149 ? -0.992  18.635  0.241   1.00 14.37 ? 149  GLY A C   1 
ATOM   1141 O  O   . GLY A 1 149 ? -1.499  19.624  -0.289  1.00 12.02 ? 149  GLY A O   1 
ATOM   1142 N  N   . GLN A 1 150 ? 0.312   18.374  0.188   1.00 15.97 ? 150  GLN A N   1 
ATOM   1143 C  CA  . GLN A 1 150 ? 1.241   19.225  -0.546  1.00 18.66 ? 150  GLN A CA  1 
ATOM   1144 C  C   . GLN A 1 150 ? 2.543   18.477  -0.838  1.00 20.49 ? 150  GLN A C   1 
ATOM   1145 O  O   . GLN A 1 150 ? 2.928   17.569  -0.102  1.00 21.53 ? 150  GLN A O   1 
ATOM   1146 C  CB  . GLN A 1 150 ? 1.546   20.511  0.244   1.00 17.92 ? 150  GLN A CB  1 
ATOM   1147 C  CG  . GLN A 1 150 ? 2.373   20.322  1.510   1.00 19.20 ? 150  GLN A CG  1 
ATOM   1148 C  CD  . GLN A 1 150 ? 2.519   21.609  2.303   1.00 21.62 ? 150  GLN A CD  1 
ATOM   1149 O  OE1 . GLN A 1 150 ? 1.711   21.912  3.182   1.00 23.75 ? 150  GLN A OE1 1 
ATOM   1150 N  NE2 . GLN A 1 150 ? 3.541   22.382  1.983   1.00 20.92 ? 150  GLN A NE2 1 
ATOM   1151 N  N   . LYS A 1 151 ? 3.200   18.854  -1.931  1.00 21.70 ? 151  LYS A N   1 
ATOM   1152 C  CA  . LYS A 1 151 ? 4.474   18.259  -2.330  1.00 22.99 ? 151  LYS A CA  1 
ATOM   1153 C  C   . LYS A 1 151 ? 5.063   19.096  -3.461  1.00 23.03 ? 151  LYS A C   1 
ATOM   1154 O  O   . LYS A 1 151 ? 4.336   19.575  -4.334  1.00 21.16 ? 151  LYS A O   1 
ATOM   1155 C  CB  . LYS A 1 151 ? 4.297   16.810  -2.799  1.00 24.38 ? 151  LYS A CB  1 
ATOM   1156 C  CG  . LYS A 1 151 ? 5.612   16.125  -3.200  1.00 24.97 ? 151  LYS A CG  1 
ATOM   1157 C  CD  . LYS A 1 151 ? 5.950   14.938  -2.303  1.00 25.91 ? 151  LYS A CD  1 
ATOM   1158 C  CE  . LYS A 1 151 ? 7.232   14.257  -2.752  1.00 25.63 ? 151  LYS A CE  1 
ATOM   1159 N  NZ  . LYS A 1 151 ? 7.197   12.785  -2.532  1.00 24.67 ? 151  LYS A NZ  1 
ATOM   1160 N  N   . PHE A 1 152 ? 6.378   19.284  -3.424  1.00 23.60 ? 152  PHE A N   1 
ATOM   1161 C  CA  . PHE A 1 152 ? 7.074   20.067  -4.439  1.00 23.94 ? 152  PHE A CA  1 
ATOM   1162 C  C   . PHE A 1 152 ? 6.527   21.486  -4.559  1.00 23.42 ? 152  PHE A C   1 
ATOM   1163 O  O   . PHE A 1 152 ? 6.464   22.034  -5.655  1.00 24.85 ? 152  PHE A O   1 
ATOM   1164 C  CB  . PHE A 1 152 ? 6.991   19.360  -5.797  1.00 25.23 ? 152  PHE A CB  1 
ATOM   1165 C  CG  . PHE A 1 152 ? 7.590   17.977  -5.798  1.00 27.33 ? 152  PHE A CG  1 
ATOM   1166 C  CD1 . PHE A 1 152 ? 8.896   17.772  -5.352  1.00 28.33 ? 152  PHE A CD1 1 
ATOM   1167 C  CD2 . PHE A 1 152 ? 6.846   16.878  -6.218  1.00 27.00 ? 152  PHE A CD2 1 
ATOM   1168 C  CE1 . PHE A 1 152 ? 9.457   16.489  -5.341  1.00 29.82 ? 152  PHE A CE1 1 
ATOM   1169 C  CE2 . PHE A 1 152 ? 7.398   15.589  -6.212  1.00 27.82 ? 152  PHE A CE2 1 
ATOM   1170 C  CZ  . PHE A 1 152 ? 8.700   15.393  -5.765  1.00 27.87 ? 152  PHE A CZ  1 
ATOM   1171 N  N   . GLY A 1 153 ? 6.117   22.066  -3.435  1.00 21.98 ? 153  GLY A N   1 
ATOM   1172 C  CA  . GLY A 1 153 ? 5.607   23.429  -3.432  1.00 20.97 ? 153  GLY A CA  1 
ATOM   1173 C  C   . GLY A 1 153 ? 4.171   23.685  -3.857  1.00 20.46 ? 153  GLY A C   1 
ATOM   1174 O  O   . GLY A 1 153 ? 3.763   24.842  -3.971  1.00 19.44 ? 153  GLY A O   1 
ATOM   1175 N  N   . ARG A 1 154 ? 3.392   22.632  -4.084  1.00 20.26 ? 154  ARG A N   1 
ATOM   1176 C  CA  . ARG A 1 154 ? 2.008   22.823  -4.508  1.00 20.77 ? 154  ARG A CA  1 
ATOM   1177 C  C   . ARG A 1 154 ? 0.995   21.981  -3.721  1.00 19.31 ? 154  ARG A C   1 
ATOM   1178 O  O   . ARG A 1 154 ? 1.336   20.918  -3.188  1.00 18.81 ? 154  ARG A O   1 
ATOM   1179 C  CB  . ARG A 1 154 ? 1.881   22.523  -6.008  1.00 23.88 ? 154  ARG A CB  1 
ATOM   1180 C  CG  . ARG A 1 154 ? 2.020   21.047  -6.387  1.00 29.44 ? 154  ARG A CG  1 
ATOM   1181 C  CD  . ARG A 1 154 ? 1.800   20.860  -7.892  1.00 33.48 ? 154  ARG A CD  1 
ATOM   1182 N  NE  . ARG A 1 154 ? 1.223   19.559  -8.253  1.00 35.07 ? 154  ARG A NE  1 
ATOM   1183 C  CZ  . ARG A 1 154 ? 1.917   18.439  -8.451  1.00 37.00 ? 154  ARG A CZ  1 
ATOM   1184 N  NH1 . ARG A 1 154 ? 1.280   17.318  -8.776  1.00 37.59 ? 154  ARG A NH1 1 
ATOM   1185 N  NH2 . ARG A 1 154 ? 3.242   18.434  -8.333  1.00 37.08 ? 154  ARG A NH2 1 
ATOM   1186 N  N   . TRP A 1 155 ? -0.243  22.473  -3.648  1.00 17.48 ? 155  TRP A N   1 
ATOM   1187 C  CA  . TRP A 1 155 ? -1.328  21.771  -2.958  1.00 16.88 ? 155  TRP A CA  1 
ATOM   1188 C  C   . TRP A 1 155 ? -1.680  20.501  -3.727  1.00 17.65 ? 155  TRP A C   1 
ATOM   1189 O  O   . TRP A 1 155 ? -1.621  20.479  -4.960  1.00 18.27 ? 155  TRP A O   1 
ATOM   1190 C  CB  . TRP A 1 155 ? -2.600  22.624  -2.903  1.00 14.21 ? 155  TRP A CB  1 
ATOM   1191 C  CG  . TRP A 1 155 ? -2.513  23.884  -2.111  1.00 13.50 ? 155  TRP A CG  1 
ATOM   1192 C  CD1 . TRP A 1 155 ? -2.844  25.141  -2.542  1.00 12.07 ? 155  TRP A CD1 1 
ATOM   1193 C  CD2 . TRP A 1 155 ? -2.128  24.021  -0.738  1.00 12.70 ? 155  TRP A CD2 1 
ATOM   1194 N  NE1 . TRP A 1 155 ? -2.691  26.048  -1.527  1.00 13.14 ? 155  TRP A NE1 1 
ATOM   1195 C  CE2 . TRP A 1 155 ? -2.251  25.389  -0.402  1.00 13.82 ? 155  TRP A CE2 1 
ATOM   1196 C  CE3 . TRP A 1 155 ? -1.694  23.123  0.248   1.00 13.13 ? 155  TRP A CE3 1 
ATOM   1197 C  CZ2 . TRP A 1 155 ? -1.956  25.884  0.870   1.00 13.25 ? 155  TRP A CZ2 1 
ATOM   1198 C  CZ3 . TRP A 1 155 ? -1.401  23.616  1.520   1.00 13.12 ? 155  TRP A CZ3 1 
ATOM   1199 C  CH2 . TRP A 1 155 ? -1.535  24.985  1.816   1.00 12.50 ? 155  TRP A CH2 1 
ATOM   1200 N  N   . LEU A 1 156 ? -2.067  19.455  -3.001  1.00 15.43 ? 156  LEU A N   1 
ATOM   1201 C  CA  . LEU A 1 156 ? -2.460  18.198  -3.620  1.00 14.64 ? 156  LEU A CA  1 
ATOM   1202 C  C   . LEU A 1 156 ? -3.862  17.809  -3.135  1.00 14.63 ? 156  LEU A C   1 
ATOM   1203 O  O   . LEU A 1 156 ? -4.237  18.099  -1.995  1.00 13.09 ? 156  LEU A O   1 
ATOM   1204 C  CB  . LEU A 1 156 ? -1.461  17.091  -3.261  1.00 15.47 ? 156  LEU A CB  1 
ATOM   1205 C  CG  . LEU A 1 156 ? -0.009  17.266  -3.726  1.00 16.20 ? 156  LEU A CG  1 
ATOM   1206 C  CD1 . LEU A 1 156 ? 0.859   16.121  -3.210  1.00 16.42 ? 156  LEU A CD1 1 
ATOM   1207 C  CD2 . LEU A 1 156 ? 0.027   17.315  -5.244  1.00 17.14 ? 156  LEU A CD2 1 
ATOM   1208 N  N   . ASP A 1 157 ? -4.632  17.173  -4.013  1.00 13.10 ? 157  ASP A N   1 
ATOM   1209 C  CA  . ASP A 1 157 ? -5.978  16.718  -3.680  1.00 13.51 ? 157  ASP A CA  1 
ATOM   1210 C  C   . ASP A 1 157 ? -5.886  15.224  -3.400  1.00 14.36 ? 157  ASP A C   1 
ATOM   1211 O  O   . ASP A 1 157 ? -5.089  14.522  -4.034  1.00 14.12 ? 157  ASP A O   1 
ATOM   1212 C  CB  . ASP A 1 157 ? -6.934  16.945  -4.853  1.00 15.16 ? 157  ASP A CB  1 
ATOM   1213 C  CG  . ASP A 1 157 ? -7.200  18.413  -5.124  1.00 16.68 ? 157  ASP A CG  1 
ATOM   1214 O  OD1 . ASP A 1 157 ? -7.778  18.717  -6.189  1.00 17.86 ? 157  ASP A OD1 1 
ATOM   1215 O  OD2 . ASP A 1 157 ? -6.841  19.262  -4.281  1.00 17.83 ? 157  ASP A OD2 1 
ATOM   1216 N  N   . LEU A 1 158 ? -6.693  14.729  -2.463  1.00 13.27 ? 158  LEU A N   1 
ATOM   1217 C  CA  . LEU A 1 158 ? -6.673  13.312  -2.131  1.00 13.26 ? 158  LEU A CA  1 
ATOM   1218 C  C   . LEU A 1 158 ? -8.008  12.624  -2.443  1.00 14.78 ? 158  LEU A C   1 
ATOM   1219 O  O   . LEU A 1 158 ? -9.089  13.158  -2.179  1.00 13.61 ? 158  LEU A O   1 
ATOM   1220 C  CB  . LEU A 1 158 ? -6.303  13.121  -0.648  1.00 15.49 ? 158  LEU A CB  1 
ATOM   1221 C  CG  . LEU A 1 158 ? -6.046  11.711  -0.075  1.00 17.04 ? 158  LEU A CG  1 
ATOM   1222 C  CD1 . LEU A 1 158 ? -5.415  11.815  1.300   1.00 17.76 ? 158  LEU A CD1 1 
ATOM   1223 C  CD2 . LEU A 1 158 ? -7.339  10.937  0.033   1.00 20.27 ? 158  LEU A CD2 1 
ATOM   1224 N  N   . THR A 1 159 ? -7.922  11.434  -3.019  1.00 14.24 ? 159  THR A N   1 
ATOM   1225 C  CA  . THR A 1 159 ? -9.106  10.650  -3.344  1.00 14.49 ? 159  THR A CA  1 
ATOM   1226 C  C   . THR A 1 159 ? -9.063  9.407   -2.469  1.00 14.44 ? 159  THR A C   1 
ATOM   1227 O  O   . THR A 1 159 ? -8.054  8.691   -2.440  1.00 14.50 ? 159  THR A O   1 
ATOM   1228 C  CB  . THR A 1 159 ? -9.119  10.205  -4.838  1.00 14.19 ? 159  THR A CB  1 
ATOM   1229 O  OG1 . THR A 1 159 ? -9.253  11.351  -5.685  1.00 15.32 ? 159  THR A OG1 1 
ATOM   1230 C  CG2 . THR A 1 159 ? -10.281 9.264   -5.109  1.00 16.02 ? 159  THR A CG2 1 
ATOM   1231 N  N   . PHE A 1 160 ? -10.152 9.176   -1.742  1.00 14.53 ? 160  PHE A N   1 
ATOM   1232 C  CA  . PHE A 1 160 ? -10.298 8.018   -0.860  1.00 14.15 ? 160  PHE A CA  1 
ATOM   1233 C  C   . PHE A 1 160 ? -11.151 6.965   -1.538  1.00 13.27 ? 160  PHE A C   1 
ATOM   1234 O  O   . PHE A 1 160 ? -12.232 7.270   -2.041  1.00 13.45 ? 160  PHE A O   1 
ATOM   1235 C  CB  . PHE A 1 160 ? -10.996 8.413   0.446   1.00 17.20 ? 160  PHE A CB  1 
ATOM   1236 C  CG  . PHE A 1 160 ? -10.070 8.680   1.593   1.00 18.45 ? 160  PHE A CG  1 
ATOM   1237 C  CD1 . PHE A 1 160 ? -10.247 9.800   2.397   1.00 20.06 ? 160  PHE A CD1 1 
ATOM   1238 C  CD2 . PHE A 1 160 ? -8.994  7.842   1.846   1.00 18.30 ? 160  PHE A CD2 1 
ATOM   1239 C  CE1 . PHE A 1 160 ? -9.404  10.042  3.477   1.00 18.53 ? 160  PHE A CE1 1 
ATOM   1240 C  CE2 . PHE A 1 160 ? -8.146  8.077   2.924   1.00 18.16 ? 160  PHE A CE2 1 
ATOM   1241 C  CZ  . PHE A 1 160 ? -8.332  9.195   3.720   1.00 18.12 ? 160  PHE A CZ  1 
HETATM 1242 N  N   . MSE A 1 161 ? -10.675 5.730   -1.557  1.00 12.37 ? 161  MSE A N   1 
HETATM 1243 C  CA  . MSE A 1 161 ? -11.451 4.649   -2.152  1.00 13.99 ? 161  MSE A CA  1 
HETATM 1244 C  C   . MSE A 1 161 ? -11.472 3.498   -1.167  1.00 13.14 ? 161  MSE A C   1 
HETATM 1245 O  O   . MSE A 1 161 ? -10.532 3.334   -0.384  1.00 12.85 ? 161  MSE A O   1 
HETATM 1246 C  CB  . MSE A 1 161 ? -10.834 4.194   -3.476  1.00 15.65 ? 161  MSE A CB  1 
HETATM 1247 C  CG  . MSE A 1 161 ? -10.864 5.260   -4.560  1.00 18.94 ? 161  MSE A CG  1 
HETATM 1248 SE SE  . MSE A 1 161 ? -10.162 4.625   -6.272  1.00 23.27 ? 161  MSE A SE  1 
HETATM 1249 C  CE  . MSE A 1 161 ? -11.726 3.690   -6.953  1.00 18.22 ? 161  MSE A CE  1 
ATOM   1250 N  N   . GLN A 1 162 ? -12.540 2.708   -1.187  1.00 12.88 ? 162  GLN A N   1 
ATOM   1251 C  CA  . GLN A 1 162 ? -12.636 1.584   -0.263  1.00 13.85 ? 162  GLN A CA  1 
ATOM   1252 C  C   . GLN A 1 162 ? -13.312 0.362   -0.865  1.00 13.71 ? 162  GLN A C   1 
ATOM   1253 O  O   . GLN A 1 162 ? -14.151 0.469   -1.768  1.00 11.29 ? 162  GLN A O   1 
ATOM   1254 C  CB  . GLN A 1 162 ? -13.374 1.995   1.027   1.00 13.43 ? 162  GLN A CB  1 
ATOM   1255 C  CG  . GLN A 1 162 ? -14.825 2.442   0.838   1.00 14.38 ? 162  GLN A CG  1 
ATOM   1256 C  CD  . GLN A 1 162 ? -15.493 2.830   2.154   1.00 15.27 ? 162  GLN A CD  1 
ATOM   1257 O  OE1 . GLN A 1 162 ? -16.092 1.991   2.837   1.00 16.28 ? 162  GLN A OE1 1 
ATOM   1258 N  NE2 . GLN A 1 162 ? -15.374 4.100   2.522   1.00 11.15 ? 162  GLN A NE2 1 
ATOM   1259 N  N   . LEU A 1 163 ? -12.928 -0.796  -0.331  1.00 13.26 ? 163  LEU A N   1 
ATOM   1260 C  CA  . LEU A 1 163 ? -13.445 -2.089  -0.750  1.00 13.44 ? 163  LEU A CA  1 
ATOM   1261 C  C   . LEU A 1 163 ? -13.933 -2.821  0.498   1.00 14.55 ? 163  LEU A C   1 
ATOM   1262 O  O   . LEU A 1 163 ? -13.167 -3.008  1.446   1.00 13.68 ? 163  LEU A O   1 
ATOM   1263 C  CB  . LEU A 1 163 ? -12.321 -2.895  -1.417  1.00 12.85 ? 163  LEU A CB  1 
ATOM   1264 C  CG  . LEU A 1 163 ? -12.501 -4.389  -1.675  1.00 13.71 ? 163  LEU A CG  1 
ATOM   1265 C  CD1 . LEU A 1 163 ? -13.553 -4.589  -2.746  1.00 13.68 ? 163  LEU A CD1 1 
ATOM   1266 C  CD2 . LEU A 1 163 ? -11.167 -5.007  -2.102  1.00 14.08 ? 163  LEU A CD2 1 
ATOM   1267 N  N   . ASN A 1 164 ? -15.209 -3.207  0.506   1.00 15.56 ? 164  ASN A N   1 
ATOM   1268 C  CA  . ASN A 1 164 ? -15.772 -3.953  1.632   1.00 16.42 ? 164  ASN A CA  1 
ATOM   1269 C  C   . ASN A 1 164 ? -15.367 -5.406  1.386   1.00 15.75 ? 164  ASN A C   1 
ATOM   1270 O  O   . ASN A 1 164 ? -15.783 -6.018  0.401   1.00 15.69 ? 164  ASN A O   1 
ATOM   1271 C  CB  . ASN A 1 164 ? -17.305 -3.835  1.664   1.00 17.70 ? 164  ASN A CB  1 
ATOM   1272 C  CG  . ASN A 1 164 ? -17.917 -4.508  2.890   1.00 18.39 ? 164  ASN A CG  1 
ATOM   1273 O  OD1 . ASN A 1 164 ? -17.505 -5.601  3.281   1.00 17.61 ? 164  ASN A OD1 1 
ATOM   1274 N  ND2 . ASN A 1 164 ? -18.913 -3.861  3.491   1.00 20.81 ? 164  ASN A ND2 1 
ATOM   1275 N  N   . LEU A 1 165 ? -14.555 -5.952  2.287   1.00 17.09 ? 165  LEU A N   1 
ATOM   1276 C  CA  . LEU A 1 165 ? -14.051 -7.318  2.145   1.00 18.51 ? 165  LEU A CA  1 
ATOM   1277 C  C   . LEU A 1 165 ? -15.057 -8.442  2.422   1.00 20.43 ? 165  LEU A C   1 
ATOM   1278 O  O   . LEU A 1 165 ? -14.846 -9.583  1.994   1.00 20.51 ? 165  LEU A O   1 
ATOM   1279 C  CB  . LEU A 1 165 ? -12.813 -7.492  3.030   1.00 16.18 ? 165  LEU A CB  1 
ATOM   1280 C  CG  . LEU A 1 165 ? -11.684 -6.490  2.737   1.00 15.89 ? 165  LEU A CG  1 
ATOM   1281 C  CD1 . LEU A 1 165 ? -10.640 -6.522  3.852   1.00 13.72 ? 165  LEU A CD1 1 
ATOM   1282 C  CD2 . LEU A 1 165 ? -11.057 -6.807  1.386   1.00 13.42 ? 165  LEU A CD2 1 
ATOM   1283 N  N   . ASP A 1 166 ? -16.146 -8.125  3.121   1.00 20.78 ? 166  ASP A N   1 
ATOM   1284 C  CA  . ASP A 1 166 ? -17.168 -9.123  3.448   1.00 21.21 ? 166  ASP A CA  1 
ATOM   1285 C  C   . ASP A 1 166 ? -18.500 -8.399  3.666   1.00 21.43 ? 166  ASP A C   1 
ATOM   1286 O  O   . ASP A 1 166 ? -18.901 -8.137  4.803   1.00 20.50 ? 166  ASP A O   1 
ATOM   1287 C  CB  . ASP A 1 166 ? -16.746 -9.889  4.711   1.00 23.65 ? 166  ASP A CB  1 
ATOM   1288 C  CG  . ASP A 1 166 ? -17.641 -11.081 5.008   1.00 26.79 ? 166  ASP A CG  1 
ATOM   1289 O  OD1 . ASP A 1 166 ? -18.403 -11.501 4.105   1.00 27.87 ? 166  ASP A OD1 1 
ATOM   1290 O  OD2 . ASP A 1 166 ? -17.569 -11.603 6.146   1.00 27.53 ? 166  ASP A OD2 1 
ATOM   1291 N  N   . PRO A 1 167 ? -19.203 -8.072  2.566   1.00 21.45 ? 167  PRO A N   1 
ATOM   1292 C  CA  . PRO A 1 167 ? -20.491 -7.371  2.533   1.00 23.83 ? 167  PRO A CA  1 
ATOM   1293 C  C   . PRO A 1 167 ? -21.660 -8.025  3.286   1.00 25.39 ? 167  PRO A C   1 
ATOM   1294 O  O   . PRO A 1 167 ? -22.530 -7.329  3.803   1.00 24.91 ? 167  PRO A O   1 
ATOM   1295 C  CB  . PRO A 1 167 ? -20.785 -7.258  1.033   1.00 22.55 ? 167  PRO A CB  1 
ATOM   1296 C  CG  . PRO A 1 167 ? -19.447 -7.401  0.384   1.00 20.99 ? 167  PRO A CG  1 
ATOM   1297 C  CD  . PRO A 1 167 ? -18.807 -8.463  1.203   1.00 22.03 ? 167  PRO A CD  1 
ATOM   1298 N  N   . THR A 1 168 ? -21.674 -9.355  3.340   1.00 26.63 ? 168  THR A N   1 
ATOM   1299 C  CA  . THR A 1 168 ? -22.751 -10.096 3.997   1.00 29.03 ? 168  THR A CA  1 
ATOM   1300 C  C   . THR A 1 168 ? -22.640 -10.167 5.517   1.00 30.75 ? 168  THR A C   1 
ATOM   1301 O  O   . THR A 1 168 ? -23.485 -10.783 6.179   1.00 33.27 ? 168  THR A O   1 
ATOM   1302 C  CB  . THR A 1 168 ? -22.823 -11.542 3.474   1.00 29.45 ? 168  THR A CB  1 
ATOM   1303 O  OG1 . THR A 1 168 ? -21.710 -12.296 3.978   1.00 29.08 ? 168  THR A OG1 1 
ATOM   1304 C  CG2 . THR A 1 168 ? -22.780 -11.550 1.959   1.00 30.04 ? 168  THR A CG2 1 
ATOM   1305 N  N   . ARG A 1 169 ? -21.600 -9.543  6.064   1.00 29.64 ? 169  ARG A N   1 
ATOM   1306 C  CA  . ARG A 1 169 ? -21.360 -9.533  7.504   1.00 28.55 ? 169  ARG A CA  1 
ATOM   1307 C  C   . ARG A 1 169 ? -22.092 -8.352  8.151   1.00 27.35 ? 169  ARG A C   1 
ATOM   1308 O  O   . ARG A 1 169 ? -21.517 -7.278  8.312   1.00 28.24 ? 169  ARG A O   1 
ATOM   1309 C  CB  . ARG A 1 169 ? -19.857 -9.426  7.743   1.00 30.24 ? 169  ARG A CB  1 
ATOM   1310 C  CG  . ARG A 1 169 ? -19.446 -9.418  9.186   1.00 32.47 ? 169  ARG A CG  1 
ATOM   1311 C  CD  . ARG A 1 169 ? -19.776 -10.726 9.834   1.00 34.56 ? 169  ARG A CD  1 
ATOM   1312 N  NE  . ARG A 1 169 ? -19.083 -10.858 11.106  1.00 35.91 ? 169  ARG A NE  1 
ATOM   1313 C  CZ  . ARG A 1 169 ? -18.584 -12.002 11.553  1.00 36.84 ? 169  ARG A CZ  1 
ATOM   1314 N  NH1 . ARG A 1 169 ? -17.967 -12.046 12.727  1.00 35.86 ? 169  ARG A NH1 1 
ATOM   1315 N  NH2 . ARG A 1 169 ? -18.696 -13.098 10.815  1.00 37.89 ? 169  ARG A NH2 1 
ATOM   1316 N  N   . SER A 1 170 ? -23.350 -8.565  8.533   1.00 25.79 ? 170  SER A N   1 
ATOM   1317 C  CA  . SER A 1 170 ? -24.184 -7.514  9.120   1.00 24.49 ? 170  SER A CA  1 
ATOM   1318 C  C   . SER A 1 170 ? -23.647 -6.809  10.371  1.00 23.26 ? 170  SER A C   1 
ATOM   1319 O  O   . SER A 1 170 ? -24.089 -5.705  10.696  1.00 22.99 ? 170  SER A O   1 
ATOM   1320 C  CB  . SER A 1 170 ? -25.585 -8.067  9.404   1.00 23.90 ? 170  SER A CB  1 
ATOM   1321 O  OG  . SER A 1 170 ? -25.532 -9.146  10.314  1.00 26.76 ? 170  SER A OG  1 
ATOM   1322 N  N   . ALA A 1 171 ? -22.713 -7.435  11.079  1.00 21.79 ? 171  ALA A N   1 
ATOM   1323 C  CA  . ALA A 1 171 ? -22.133 -6.827  12.276  1.00 20.64 ? 171  ALA A CA  1 
ATOM   1324 C  C   . ALA A 1 171 ? -20.773 -7.455  12.549  1.00 21.18 ? 171  ALA A C   1 
ATOM   1325 O  O   . ALA A 1 171 ? -20.478 -8.543  12.061  1.00 22.13 ? 171  ALA A O   1 
ATOM   1326 C  CB  . ALA A 1 171 ? -23.056 -7.017  13.472  1.00 19.67 ? 171  ALA A CB  1 
ATOM   1327 N  N   . PRO A 1 172 ? -19.921 -6.778  13.329  1.00 21.41 ? 172  PRO A N   1 
ATOM   1328 C  CA  . PRO A 1 172 ? -18.602 -7.360  13.601  1.00 23.56 ? 172  PRO A CA  1 
ATOM   1329 C  C   . PRO A 1 172 ? -18.611 -8.581  14.515  1.00 24.95 ? 172  PRO A C   1 
ATOM   1330 O  O   . PRO A 1 172 ? -19.622 -8.779  15.223  1.00 24.83 ? 172  PRO A O   1 
ATOM   1331 C  CB  . PRO A 1 172 ? -17.826 -6.190  14.196  1.00 23.39 ? 172  PRO A CB  1 
ATOM   1332 C  CG  . PRO A 1 172 ? -18.904 -5.387  14.878  1.00 22.78 ? 172  PRO A CG  1 
ATOM   1333 C  CD  . PRO A 1 172 ? -20.032 -5.418  13.881  1.00 20.57 ? 172  PRO A CD  1 
ATOM   1334 O  OXT . PRO A 1 172 ? -17.599 -9.319  14.509  1.00 25.13 ? 172  PRO A OXT 1 
HETATM 1335 N  N1  . AZI B 2 .   ? -14.831 -7.955  9.944   1.00 33.46 ? 1173 AZI A N1  1 
HETATM 1336 N  N2  . AZI B 2 .   ? -15.464 -8.289  8.897   1.00 34.57 ? 1173 AZI A N2  1 
HETATM 1337 N  N3  . AZI B 2 .   ? -16.007 -8.574  7.984   1.00 29.48 ? 1173 AZI A N3  1 
HETATM 1338 N  N1  . AZI C 2 .   ? -6.917  21.777  -5.764  1.00 45.95 ? 1174 AZI A N1  1 
HETATM 1339 N  N2  . AZI C 2 .   ? -5.763  21.278  -5.786  1.00 48.33 ? 1174 AZI A N2  1 
HETATM 1340 N  N3  . AZI C 2 .   ? -4.763  20.840  -5.812  1.00 48.16 ? 1174 AZI A N3  1 
HETATM 1341 C  C1  . GOL D 3 .   ? -13.222 9.018   14.553  1.00 53.77 ? 1175 GOL A C1  1 
HETATM 1342 O  O1  . GOL D 3 .   ? -11.822 9.028   15.297  1.00 52.97 ? 1175 GOL A O1  1 
HETATM 1343 C  C2  . GOL D 3 .   ? -14.246 9.234   15.504  1.00 54.28 ? 1175 GOL A C2  1 
HETATM 1344 O  O2  . GOL D 3 .   ? -14.635 10.544  15.384  1.00 55.33 ? 1175 GOL A O2  1 
HETATM 1345 C  C3  . GOL D 3 .   ? -15.170 8.530   15.307  1.00 54.50 ? 1175 GOL A C3  1 
HETATM 1346 O  O3  . GOL D 3 .   ? -15.937 8.901   13.966  1.00 54.52 ? 1175 GOL A O3  1 
HETATM 1347 C  C1  . GOL E 3 .   ? -1.839  4.052   -2.979  1.00 51.52 ? 1176 GOL A C1  1 
HETATM 1348 O  O1  . GOL E 3 .   ? -2.657  5.267   -3.565  1.00 53.21 ? 1176 GOL A O1  1 
HETATM 1349 C  C2  . GOL E 3 .   ? -0.592  4.491   -2.465  1.00 51.72 ? 1176 GOL A C2  1 
HETATM 1350 O  O2  . GOL E 3 .   ? -0.822  4.855   -1.191  1.00 51.73 ? 1176 GOL A O2  1 
HETATM 1351 C  C3  . GOL E 3 .   ? 0.242   3.635   -2.431  1.00 49.67 ? 1176 GOL A C3  1 
HETATM 1352 O  O3  . GOL E 3 .   ? -0.047  2.480   -3.440  1.00 48.44 ? 1176 GOL A O3  1 
HETATM 1353 C  C1  . GOL F 3 .   ? 1.262   0.803   5.526   1.00 56.53 ? 1177 GOL A C1  1 
HETATM 1354 O  O1  . GOL F 3 .   ? 2.065   -0.452  4.991   1.00 57.02 ? 1177 GOL A O1  1 
HETATM 1355 C  C2  . GOL F 3 .   ? 0.381   1.307   4.576   1.00 55.58 ? 1177 GOL A C2  1 
HETATM 1356 O  O2  . GOL F 3 .   ? -0.342  0.288   4.120   1.00 57.83 ? 1177 GOL A O2  1 
HETATM 1357 C  C3  . GOL F 3 .   ? -0.359  2.040   5.089   1.00 55.09 ? 1177 GOL A C3  1 
HETATM 1358 O  O3  . GOL F 3 .   ? 0.191   3.468   5.027   1.00 54.90 ? 1177 GOL A O3  1 
HETATM 1359 C  C1  . GOL G 3 .   ? 11.321  -14.727 3.597   1.00 58.78 ? 1178 GOL A C1  1 
HETATM 1360 O  O1  . GOL G 3 .   ? 12.771  -14.586 2.944   1.00 58.69 ? 1178 GOL A O1  1 
HETATM 1361 C  C2  . GOL G 3 .   ? 10.420  -15.399 2.752   1.00 58.66 ? 1178 GOL A C2  1 
HETATM 1362 O  O2  . GOL G 3 .   ? 10.959  -16.564 2.415   1.00 59.03 ? 1178 GOL A O2  1 
HETATM 1363 C  C3  . GOL G 3 .   ? 9.451   -15.615 3.350   1.00 57.48 ? 1178 GOL A C3  1 
HETATM 1364 O  O3  . GOL G 3 .   ? 8.243   -15.505 2.404   1.00 54.75 ? 1178 GOL A O3  1 
HETATM 1365 S  S   . SO4 H 4 .   ? 2.568   -0.407  -12.214 1.00 32.90 ? 1179 SO4 A S   1 
HETATM 1366 O  O1  . SO4 H 4 .   ? 2.761   0.612   -11.161 1.00 32.44 ? 1179 SO4 A O1  1 
HETATM 1367 O  O2  . SO4 H 4 .   ? 3.837   -0.616  -12.936 1.00 33.12 ? 1179 SO4 A O2  1 
HETATM 1368 O  O3  . SO4 H 4 .   ? 1.541   0.085   -13.164 1.00 34.52 ? 1179 SO4 A O3  1 
HETATM 1369 O  O4  . SO4 H 4 .   ? 2.132   -1.685  -11.614 1.00 30.87 ? 1179 SO4 A O4  1 
HETATM 1370 O  O   . HOH I 5 .   ? -14.178 -13.387 9.253   1.00 44.92 ? 2001 HOH A O   1 
HETATM 1371 O  O   . HOH I 5 .   ? -14.830 -11.721 10.746  1.00 45.24 ? 2002 HOH A O   1 
HETATM 1372 O  O   . HOH I 5 .   ? 2.996   -14.013 -13.094 1.00 46.86 ? 2003 HOH A O   1 
HETATM 1373 O  O   . HOH I 5 .   ? 7.938   -15.546 -11.470 1.00 47.88 ? 2004 HOH A O   1 
HETATM 1374 O  O   . HOH I 5 .   ? 8.642   -13.119 -3.793  1.00 23.71 ? 2005 HOH A O   1 
HETATM 1375 O  O   . HOH I 5 .   ? 0.310   -14.387 -3.448  1.00 44.14 ? 2006 HOH A O   1 
HETATM 1376 O  O   . HOH I 5 .   ? 6.483   -17.992 -1.298  1.00 42.63 ? 2007 HOH A O   1 
HETATM 1377 O  O   . HOH I 5 .   ? 5.091   -17.706 -3.531  1.00 31.60 ? 2008 HOH A O   1 
HETATM 1378 O  O   . HOH I 5 .   ? 1.463   -14.897 -1.005  1.00 23.07 ? 2009 HOH A O   1 
HETATM 1379 O  O   . HOH I 5 .   ? 0.690   -14.700 7.257   1.00 15.48 ? 2010 HOH A O   1 
HETATM 1380 O  O   . HOH I 5 .   ? 3.879   -11.339 9.954   1.00 26.31 ? 2011 HOH A O   1 
HETATM 1381 O  O   . HOH I 5 .   ? 22.115  -5.287  8.670   1.00 53.57 ? 2012 HOH A O   1 
HETATM 1382 O  O   . HOH I 5 .   ? 20.183  2.347   -3.232  1.00 31.38 ? 2013 HOH A O   1 
HETATM 1383 O  O   . HOH I 5 .   ? 18.114  -12.618 -0.867  1.00 42.69 ? 2014 HOH A O   1 
HETATM 1384 O  O   . HOH I 5 .   ? 14.925  -14.673 -1.759  1.00 58.78 ? 2015 HOH A O   1 
HETATM 1385 O  O   . HOH I 5 .   ? 6.994   -13.618 9.039   1.00 28.00 ? 2016 HOH A O   1 
HETATM 1386 O  O   . HOH I 5 .   ? 21.160  -5.542  5.646   1.00 44.17 ? 2017 HOH A O   1 
HETATM 1387 O  O   . HOH I 5 .   ? 21.738  -6.140  0.475   1.00 57.52 ? 2018 HOH A O   1 
HETATM 1388 O  O   . HOH I 5 .   ? 17.725  2.946   20.563  1.00 39.23 ? 2019 HOH A O   1 
HETATM 1389 O  O   . HOH I 5 .   ? 2.259   -12.742 7.691   1.00 17.52 ? 2020 HOH A O   1 
HETATM 1390 O  O   . HOH I 5 .   ? 4.942   -10.208 6.462   1.00 18.81 ? 2021 HOH A O   1 
HETATM 1391 O  O   . HOH I 5 .   ? 20.945  -1.348  -2.057  1.00 45.19 ? 2022 HOH A O   1 
HETATM 1392 O  O   . HOH I 5 .   ? 19.746  2.713   -0.997  1.00 37.59 ? 2023 HOH A O   1 
HETATM 1393 O  O   . HOH I 5 .   ? 16.673  -0.031  -6.343  1.00 42.08 ? 2024 HOH A O   1 
HETATM 1394 O  O   . HOH I 5 .   ? 18.985  -3.025  -3.988  1.00 44.62 ? 2025 HOH A O   1 
HETATM 1395 O  O   . HOH I 5 .   ? 7.506   -9.468  6.792   1.00 16.33 ? 2026 HOH A O   1 
HETATM 1396 O  O   . HOH I 5 .   ? 9.048   -13.540 6.698   1.00 27.12 ? 2027 HOH A O   1 
HETATM 1397 O  O   . HOH I 5 .   ? 18.338  2.650   16.446  1.00 46.15 ? 2028 HOH A O   1 
HETATM 1398 O  O   . HOH I 5 .   ? 22.559  -2.492  2.712   1.00 53.56 ? 2029 HOH A O   1 
HETATM 1399 O  O   . HOH I 5 .   ? 13.601  -12.618 8.174   1.00 24.25 ? 2030 HOH A O   1 
HETATM 1400 O  O   . HOH I 5 .   ? 18.371  -6.147  6.813   1.00 33.96 ? 2031 HOH A O   1 
HETATM 1401 O  O   . HOH I 5 .   ? 15.769  -12.830 5.117   1.00 28.13 ? 2032 HOH A O   1 
HETATM 1402 O  O   . HOH I 5 .   ? 20.298  -8.541  1.758   1.00 33.43 ? 2033 HOH A O   1 
HETATM 1403 O  O   . HOH I 5 .   ? 17.102  -6.895  -0.851  1.00 31.44 ? 2034 HOH A O   1 
HETATM 1404 O  O   . HOH I 5 .   ? 15.981  -9.732  -1.707  1.00 29.35 ? 2035 HOH A O   1 
HETATM 1405 O  O   . HOH I 5 .   ? 14.474  -12.987 0.862   1.00 50.60 ? 2036 HOH A O   1 
HETATM 1406 O  O   . HOH I 5 .   ? 19.403  -0.242  0.020   1.00 19.79 ? 2037 HOH A O   1 
HETATM 1407 O  O   . HOH I 5 .   ? 15.632  -2.130  -4.741  1.00 25.85 ? 2038 HOH A O   1 
HETATM 1408 O  O   . HOH I 5 .   ? 19.064  8.857   7.538   1.00 41.93 ? 2039 HOH A O   1 
HETATM 1409 O  O   . HOH I 5 .   ? 14.557  4.013   13.405  1.00 30.33 ? 2040 HOH A O   1 
HETATM 1410 O  O   . HOH I 5 .   ? 20.606  5.304   3.529   1.00 39.96 ? 2041 HOH A O   1 
HETATM 1411 O  O   . HOH I 5 .   ? 21.897  1.179   3.815   1.00 38.62 ? 2042 HOH A O   1 
HETATM 1412 O  O   . HOH I 5 .   ? 17.210  4.956   -3.380  1.00 35.39 ? 2043 HOH A O   1 
HETATM 1413 O  O   . HOH I 5 .   ? 20.901  -0.616  10.395  1.00 39.18 ? 2044 HOH A O   1 
HETATM 1414 O  O   . HOH I 5 .   ? 15.174  2.073   15.650  1.00 46.97 ? 2045 HOH A O   1 
HETATM 1415 O  O   . HOH I 5 .   ? 18.284  -2.160  12.160  1.00 40.93 ? 2046 HOH A O   1 
HETATM 1416 O  O   . HOH I 5 .   ? 18.207  -1.635  15.272  1.00 56.34 ? 2047 HOH A O   1 
HETATM 1417 O  O   . HOH I 5 .   ? 11.825  4.310   13.354  1.00 60.02 ? 2048 HOH A O   1 
HETATM 1418 O  O   . HOH I 5 .   ? 10.358  3.668   -6.349  1.00 21.57 ? 2049 HOH A O   1 
HETATM 1419 O  O   . HOH I 5 .   ? 6.088   5.666   5.105   1.00 38.45 ? 2050 HOH A O   1 
HETATM 1420 O  O   . HOH I 5 .   ? 8.575   1.334   15.961  1.00 33.35 ? 2051 HOH A O   1 
HETATM 1421 O  O   . HOH I 5 .   ? 8.390   -11.192 10.073  1.00 32.67 ? 2052 HOH A O   1 
HETATM 1422 O  O   . HOH I 5 .   ? 18.321  4.550   -0.498  1.00 24.73 ? 2053 HOH A O   1 
HETATM 1423 O  O   . HOH I 5 .   ? 12.350  -11.624 12.242  1.00 26.59 ? 2054 HOH A O   1 
HETATM 1424 O  O   . HOH I 5 .   ? 9.660   -11.154 12.885  1.00 23.98 ? 2055 HOH A O   1 
HETATM 1425 O  O   . HOH I 5 .   ? 11.723  -10.185 17.133  1.00 52.46 ? 2056 HOH A O   1 
HETATM 1426 O  O   . HOH I 5 .   ? 10.462  5.657   -7.744  1.00 36.02 ? 2057 HOH A O   1 
HETATM 1427 O  O   . HOH I 5 .   ? 6.332   1.089   16.825  1.00 48.52 ? 2058 HOH A O   1 
HETATM 1428 O  O   . HOH I 5 .   ? 17.348  11.042  -7.450  1.00 60.23 ? 2059 HOH A O   1 
HETATM 1429 O  O   . HOH I 5 .   ? 4.120   10.888  -9.638  1.00 43.67 ? 2060 HOH A O   1 
HETATM 1430 O  O   . HOH I 5 .   ? 0.433   9.269   -7.149  1.00 30.62 ? 2061 HOH A O   1 
HETATM 1431 O  O   . HOH I 5 .   ? 2.046   5.706   -0.755  1.00 55.50 ? 2062 HOH A O   1 
HETATM 1432 O  O   . HOH I 5 .   ? -6.485  -1.737  15.993  1.00 34.73 ? 2063 HOH A O   1 
HETATM 1433 O  O   . HOH I 5 .   ? 11.603  15.053  -1.748  1.00 53.80 ? 2064 HOH A O   1 
HETATM 1434 O  O   . HOH I 5 .   ? 17.918  11.197  6.093   1.00 46.74 ? 2065 HOH A O   1 
HETATM 1435 O  O   . HOH I 5 .   ? 14.798  9.929   8.215   1.00 51.10 ? 2066 HOH A O   1 
HETATM 1436 O  O   . HOH I 5 .   ? 15.596  7.470   8.931   1.00 35.05 ? 2067 HOH A O   1 
HETATM 1437 O  O   . HOH I 5 .   ? 16.670  5.603   11.808  1.00 36.33 ? 2068 HOH A O   1 
HETATM 1438 O  O   . HOH I 5 .   ? 14.693  -3.562  -18.402 1.00 50.30 ? 2069 HOH A O   1 
HETATM 1439 O  O   . HOH I 5 .   ? 20.806  2.962   5.795   1.00 32.73 ? 2070 HOH A O   1 
HETATM 1440 O  O   . HOH I 5 .   ? 20.622  2.201   9.713   1.00 22.15 ? 2071 HOH A O   1 
HETATM 1441 O  O   . HOH I 5 .   ? 15.855  -0.311  13.892  1.00 36.10 ? 2072 HOH A O   1 
HETATM 1442 O  O   . HOH I 5 .   ? 9.472   7.622   9.410   1.00 50.73 ? 2073 HOH A O   1 
HETATM 1443 O  O   . HOH I 5 .   ? 14.766  7.172   11.806  1.00 48.44 ? 2074 HOH A O   1 
HETATM 1444 O  O   . HOH I 5 .   ? 10.295  2.972   11.231  1.00 26.41 ? 2075 HOH A O   1 
HETATM 1445 O  O   . HOH I 5 .   ? 6.235   3.698   6.362   1.00 38.26 ? 2076 HOH A O   1 
HETATM 1446 O  O   . HOH I 5 .   ? -11.239 -15.506 2.941   1.00 43.48 ? 2077 HOH A O   1 
HETATM 1447 O  O   . HOH I 5 .   ? 7.963   1.734   12.811  1.00 37.21 ? 2078 HOH A O   1 
HETATM 1448 O  O   . HOH I 5 .   ? 7.293   -8.301  9.233   1.00 15.26 ? 2079 HOH A O   1 
HETATM 1449 O  O   . HOH I 5 .   ? 8.213   -7.850  16.192  1.00 23.21 ? 2080 HOH A O   1 
HETATM 1450 O  O   . HOH I 5 .   ? 12.547  -2.497  16.329  1.00 45.84 ? 2081 HOH A O   1 
HETATM 1451 O  O   . HOH I 5 .   ? 13.512  -8.790  12.852  1.00 50.49 ? 2082 HOH A O   1 
HETATM 1452 O  O   . HOH I 5 .   ? 10.034  -9.097  14.632  1.00 23.31 ? 2083 HOH A O   1 
HETATM 1453 O  O   . HOH I 5 .   ? 1.501   2.447   10.719  1.00 38.28 ? 2084 HOH A O   1 
HETATM 1454 O  O   . HOH I 5 .   ? -6.900  13.649  -14.149 1.00 35.76 ? 2085 HOH A O   1 
HETATM 1455 O  O   . HOH I 5 .   ? -10.009 10.104  -12.752 1.00 25.46 ? 2086 HOH A O   1 
HETATM 1456 O  O   . HOH I 5 .   ? -0.772  2.359   -10.247 1.00 32.61 ? 2087 HOH A O   1 
HETATM 1457 O  O   . HOH I 5 .   ? 0.854   4.629   -6.737  1.00 38.24 ? 2088 HOH A O   1 
HETATM 1458 O  O   . HOH I 5 .   ? -0.890  2.928   -12.851 1.00 23.81 ? 2089 HOH A O   1 
HETATM 1459 O  O   . HOH I 5 .   ? 0.052   7.435   -14.903 1.00 37.46 ? 2090 HOH A O   1 
HETATM 1460 O  O   . HOH I 5 .   ? 2.884   -11.256 12.549  1.00 18.22 ? 2091 HOH A O   1 
HETATM 1461 O  O   . HOH I 5 .   ? -1.752  -0.636  -9.079  1.00 25.79 ? 2092 HOH A O   1 
HETATM 1462 O  O   . HOH I 5 .   ? 5.766   -1.116  17.644  1.00 48.67 ? 2093 HOH A O   1 
HETATM 1463 O  O   . HOH I 5 .   ? 3.342   -2.999  18.827  1.00 54.92 ? 2094 HOH A O   1 
HETATM 1464 O  O   . HOH I 5 .   ? 9.731   -1.389  15.857  1.00 21.03 ? 2095 HOH A O   1 
HETATM 1465 O  O   . HOH I 5 .   ? 2.151   -8.507  19.143  1.00 19.49 ? 2096 HOH A O   1 
HETATM 1466 O  O   . HOH I 5 .   ? 4.379   -5.937  22.045  1.00 48.78 ? 2097 HOH A O   1 
HETATM 1467 O  O   . HOH I 5 .   ? -17.828 -2.144  -13.122 1.00 48.74 ? 2098 HOH A O   1 
HETATM 1468 O  O   . HOH I 5 .   ? -15.843 -6.189  -8.480  1.00 39.85 ? 2099 HOH A O   1 
HETATM 1469 O  O   . HOH I 5 .   ? 0.167   -10.869 7.924   1.00 15.00 ? 2100 HOH A O   1 
HETATM 1470 O  O   . HOH I 5 .   ? -18.395 2.520   -0.660  1.00 37.59 ? 2101 HOH A O   1 
HETATM 1471 O  O   . HOH I 5 .   ? -6.973  -2.360  11.799  1.00 32.51 ? 2102 HOH A O   1 
HETATM 1472 O  O   . HOH I 5 .   ? 4.720   -9.014  9.001   1.00 12.02 ? 2103 HOH A O   1 
HETATM 1473 O  O   . HOH I 5 .   ? -13.550 18.510  -4.717  1.00 30.80 ? 2104 HOH A O   1 
HETATM 1474 O  O   . HOH I 5 .   ? 14.577  -10.994 -8.877  1.00 31.12 ? 2105 HOH A O   1 
HETATM 1475 O  O   . HOH I 5 .   ? 14.425  -9.643  -13.250 1.00 38.86 ? 2106 HOH A O   1 
HETATM 1476 O  O   . HOH I 5 .   ? 12.345  -15.991 -13.190 1.00 46.34 ? 2107 HOH A O   1 
HETATM 1477 O  O   . HOH I 5 .   ? 11.426  -17.662 -8.370  1.00 53.75 ? 2108 HOH A O   1 
HETATM 1478 O  O   . HOH I 5 .   ? 20.248  -13.142 -8.474  1.00 48.58 ? 2109 HOH A O   1 
HETATM 1479 O  O   . HOH I 5 .   ? -22.519 -3.800  2.583   1.00 55.52 ? 2110 HOH A O   1 
HETATM 1480 O  O   . HOH I 5 .   ? 16.104  -9.441  -11.056 1.00 51.57 ? 2111 HOH A O   1 
HETATM 1481 O  O   . HOH I 5 .   ? 15.468  -4.302  -5.758  1.00 19.08 ? 2112 HOH A O   1 
HETATM 1482 O  O   . HOH I 5 .   ? 16.623  -6.486  -3.899  1.00 25.98 ? 2113 HOH A O   1 
HETATM 1483 O  O   . HOH I 5 .   ? 6.293   1.799   3.152   1.00 23.30 ? 2114 HOH A O   1 
HETATM 1484 O  O   . HOH I 5 .   ? -0.305  0.107   11.617  1.00 22.55 ? 2115 HOH A O   1 
HETATM 1485 O  O   . HOH I 5 .   ? -7.397  1.504   11.366  1.00 12.40 ? 2116 HOH A O   1 
HETATM 1486 O  O   . HOH I 5 .   ? -7.811  10.143  8.758   1.00 32.00 ? 2117 HOH A O   1 
HETATM 1487 O  O   . HOH I 5 .   ? -3.465  5.425   12.312  1.00 54.18 ? 2118 HOH A O   1 
HETATM 1488 O  O   . HOH I 5 .   ? -5.440  4.564   20.786  1.00 53.23 ? 2119 HOH A O   1 
HETATM 1489 O  O   . HOH I 5 .   ? -7.384  0.543   14.183  1.00 23.63 ? 2120 HOH A O   1 
HETATM 1490 O  O   . HOH I 5 .   ? -5.931  2.312   18.277  1.00 46.28 ? 2121 HOH A O   1 
HETATM 1491 O  O   . HOH I 5 .   ? -13.936 -1.173  12.335  1.00 11.45 ? 2122 HOH A O   1 
HETATM 1492 O  O   . HOH I 5 .   ? -14.386 -1.649  9.591   1.00 15.12 ? 2123 HOH A O   1 
HETATM 1493 O  O   . HOH I 5 .   ? -3.063  5.922   7.549   1.00 45.40 ? 2124 HOH A O   1 
HETATM 1494 O  O   . HOH I 5 .   ? -3.380  3.254   -0.928  1.00 36.97 ? 2125 HOH A O   1 
HETATM 1495 O  O   . HOH I 5 .   ? -3.073  4.385   0.868   1.00 41.26 ? 2126 HOH A O   1 
HETATM 1496 O  O   . HOH I 5 .   ? 4.849   2.437   -7.674  1.00 25.18 ? 2127 HOH A O   1 
HETATM 1497 O  O   . HOH I 5 .   ? 12.411  2.404   -7.759  1.00 18.10 ? 2128 HOH A O   1 
HETATM 1498 O  O   . HOH I 5 .   ? 9.902   0.466   -15.681 1.00 48.26 ? 2129 HOH A O   1 
HETATM 1499 O  O   . HOH I 5 .   ? 8.996   5.105   -14.815 1.00 38.52 ? 2130 HOH A O   1 
HETATM 1500 O  O   . HOH I 5 .   ? 14.888  1.525   -10.659 1.00 49.14 ? 2131 HOH A O   1 
HETATM 1501 O  O   . HOH I 5 .   ? 15.308  -3.969  -15.540 1.00 50.59 ? 2132 HOH A O   1 
HETATM 1502 O  O   . HOH I 5 .   ? 17.815  -1.109  -11.520 1.00 48.84 ? 2133 HOH A O   1 
HETATM 1503 O  O   . HOH I 5 .   ? 4.732   -3.476  -13.227 1.00 10.66 ? 2134 HOH A O   1 
HETATM 1504 O  O   . HOH I 5 .   ? 7.279   3.150   -6.742  1.00 46.78 ? 2135 HOH A O   1 
HETATM 1505 O  O   . HOH I 5 .   ? 13.355  -7.376  -16.823 1.00 60.58 ? 2136 HOH A O   1 
HETATM 1506 O  O   . HOH I 5 .   ? 4.385   -9.498  -15.390 1.00 44.93 ? 2137 HOH A O   1 
HETATM 1507 O  O   . HOH I 5 .   ? 1.447   -2.467  -15.348 1.00 16.36 ? 2138 HOH A O   1 
HETATM 1508 O  O   . HOH I 5 .   ? -1.291  -7.844  -13.382 1.00 14.09 ? 2139 HOH A O   1 
HETATM 1509 O  O   . HOH I 5 .   ? 2.023   -12.815 -8.918  1.00 41.17 ? 2140 HOH A O   1 
HETATM 1510 O  O   . HOH I 5 .   ? -1.532  -11.602 -6.689  1.00 15.43 ? 2141 HOH A O   1 
HETATM 1511 O  O   . HOH I 5 .   ? -0.320  -12.582 -12.296 1.00 47.11 ? 2142 HOH A O   1 
HETATM 1512 O  O   . HOH I 5 .   ? -0.001  -10.143 -14.326 1.00 29.32 ? 2143 HOH A O   1 
HETATM 1513 O  O   . HOH I 5 .   ? -7.607  -10.683 -4.167  1.00 22.80 ? 2144 HOH A O   1 
HETATM 1514 O  O   . HOH I 5 .   ? -10.594 -9.088  -8.352  1.00 49.75 ? 2145 HOH A O   1 
HETATM 1515 O  O   . HOH I 5 .   ? -1.730  -13.131 -10.494 1.00 27.17 ? 2146 HOH A O   1 
HETATM 1516 O  O   . HOH I 5 .   ? -3.875  -15.593 -1.115  1.00 38.48 ? 2147 HOH A O   1 
HETATM 1517 O  O   . HOH I 5 .   ? -8.769  -14.506 1.471   1.00 47.15 ? 2148 HOH A O   1 
HETATM 1518 O  O   . HOH I 5 .   ? -2.433  -13.471 -4.781  1.00 42.52 ? 2149 HOH A O   1 
HETATM 1519 O  O   . HOH I 5 .   ? -0.997  -12.710 6.290   1.00 11.48 ? 2150 HOH A O   1 
HETATM 1520 O  O   . HOH I 5 .   ? -1.466  -14.247 -0.676  1.00 35.72 ? 2151 HOH A O   1 
HETATM 1521 O  O   . HOH I 5 .   ? -3.676  -13.276 6.121   1.00 13.62 ? 2152 HOH A O   1 
HETATM 1522 O  O   . HOH I 5 .   ? -10.108 -14.017 -1.498  1.00 47.03 ? 2153 HOH A O   1 
HETATM 1523 O  O   . HOH I 5 .   ? -15.397 -8.278  -1.287  1.00 27.13 ? 2154 HOH A O   1 
HETATM 1524 O  O   . HOH I 5 .   ? -12.754 -10.855 5.981   1.00 20.38 ? 2155 HOH A O   1 
HETATM 1525 O  O   . HOH I 5 .   ? -1.283  8.274   -5.235  1.00 21.59 ? 2156 HOH A O   1 
HETATM 1526 O  O   . HOH I 5 .   ? -0.470  12.735  -11.002 1.00 46.88 ? 2157 HOH A O   1 
HETATM 1527 O  O   . HOH I 5 .   ? -3.895  16.740  -6.774  1.00 19.39 ? 2158 HOH A O   1 
HETATM 1528 O  O   . HOH I 5 .   ? -7.615  11.646  -12.191 1.00 25.04 ? 2159 HOH A O   1 
HETATM 1529 O  O   . HOH I 5 .   ? -3.425  11.353  -15.381 1.00 40.34 ? 2160 HOH A O   1 
HETATM 1530 O  O   . HOH I 5 .   ? -0.470  5.896   -12.516 1.00 29.81 ? 2161 HOH A O   1 
HETATM 1531 O  O   . HOH I 5 .   ? 0.692   4.741   -9.800  1.00 32.18 ? 2162 HOH A O   1 
HETATM 1532 O  O   . HOH I 5 .   ? 0.143   10.449  -11.194 1.00 35.09 ? 2163 HOH A O   1 
HETATM 1533 O  O   . HOH I 5 .   ? -9.624  7.309   -13.485 1.00 18.30 ? 2164 HOH A O   1 
HETATM 1534 O  O   . HOH I 5 .   ? -2.720  8.431   -15.074 1.00 24.16 ? 2165 HOH A O   1 
HETATM 1535 O  O   . HOH I 5 .   ? -2.152  1.319   -8.733  1.00 31.03 ? 2166 HOH A O   1 
HETATM 1536 O  O   . HOH I 5 .   ? -1.872  5.324   -6.248  1.00 20.27 ? 2167 HOH A O   1 
HETATM 1537 O  O   . HOH I 5 .   ? -6.881  -3.408  -11.699 1.00 30.00 ? 2168 HOH A O   1 
HETATM 1538 O  O   . HOH I 5 .   ? -16.223 2.873   -9.800  1.00 61.72 ? 2169 HOH A O   1 
HETATM 1539 O  O   . HOH I 5 .   ? -16.138 -1.301  -17.433 1.00 43.66 ? 2170 HOH A O   1 
HETATM 1540 O  O   . HOH I 5 .   ? -12.641 -7.750  -9.661  1.00 36.53 ? 2171 HOH A O   1 
HETATM 1541 O  O   . HOH I 5 .   ? -15.034 -8.974  -12.230 1.00 48.01 ? 2172 HOH A O   1 
HETATM 1542 O  O   . HOH I 5 .   ? -15.804 -3.551  -10.886 1.00 50.51 ? 2173 HOH A O   1 
HETATM 1543 O  O   . HOH I 5 .   ? -12.295 -6.743  -12.586 1.00 41.24 ? 2174 HOH A O   1 
HETATM 1544 O  O   . HOH I 5 .   ? -10.519 -7.505  -5.766  1.00 18.07 ? 2175 HOH A O   1 
HETATM 1545 O  O   . HOH I 5 .   ? -17.285 -3.880  -4.875  1.00 46.48 ? 2176 HOH A O   1 
HETATM 1546 O  O   . HOH I 5 .   ? -16.720 4.784   -7.515  1.00 21.95 ? 2177 HOH A O   1 
HETATM 1547 O  O   . HOH I 5 .   ? -18.809 4.693   -1.433  1.00 39.84 ? 2178 HOH A O   1 
HETATM 1548 O  O   . HOH I 5 .   ? -17.551 11.152  -2.881  1.00 30.19 ? 2179 HOH A O   1 
HETATM 1549 O  O   . HOH I 5 .   ? -15.706 16.824  -2.230  1.00 32.55 ? 2180 HOH A O   1 
HETATM 1550 O  O   . HOH I 5 .   ? -10.675 11.962  -8.637  1.00 29.58 ? 2181 HOH A O   1 
HETATM 1551 O  O   . HOH I 5 .   ? -13.843 12.131  -6.902  1.00 32.92 ? 2182 HOH A O   1 
HETATM 1552 O  O   . HOH I 5 .   ? -10.776 17.807  -4.850  1.00 25.48 ? 2183 HOH A O   1 
HETATM 1553 O  O   . HOH I 5 .   ? -6.179  27.596  -5.660  1.00 50.18 ? 2184 HOH A O   1 
HETATM 1554 O  O   . HOH I 5 .   ? -6.855  27.591  -1.775  1.00 42.04 ? 2185 HOH A O   1 
HETATM 1555 O  O   . HOH I 5 .   ? 1.333   24.706  4.859   1.00 31.87 ? 2186 HOH A O   1 
HETATM 1556 O  O   . HOH I 5 .   ? 4.877   15.622  0.729   1.00 33.05 ? 2187 HOH A O   1 
HETATM 1557 O  O   . HOH I 5 .   ? 3.840   24.949  4.125   1.00 43.13 ? 2188 HOH A O   1 
HETATM 1558 O  O   . HOH I 5 .   ? 8.242   18.661  -0.599  1.00 40.54 ? 2189 HOH A O   1 
HETATM 1559 O  O   . HOH I 5 .   ? 5.770   21.373  -0.475  1.00 27.53 ? 2190 HOH A O   1 
HETATM 1560 O  O   . HOH I 5 .   ? -1.149  16.359  -9.543  1.00 33.08 ? 2191 HOH A O   1 
HETATM 1561 O  O   . HOH I 5 .   ? -1.162  20.752  -7.805  1.00 50.45 ? 2192 HOH A O   1 
HETATM 1562 O  O   . HOH I 5 .   ? -6.388  17.190  -8.606  1.00 38.91 ? 2193 HOH A O   1 
HETATM 1563 O  O   . HOH I 5 .   ? -9.457  20.177  -9.627  1.00 52.43 ? 2194 HOH A O   1 
HETATM 1564 O  O   . HOH I 5 .   ? -17.319 0.112   -0.983  1.00 38.22 ? 2195 HOH A O   1 
HETATM 1565 O  O   . HOH I 5 .   ? -16.719 -2.646  -1.825  1.00 29.57 ? 2196 HOH A O   1 
HETATM 1566 O  O   . HOH I 5 .   ? -17.702 -5.201  -1.993  1.00 35.97 ? 2197 HOH A O   1 
HETATM 1567 O  O   . HOH I 5 .   ? -20.280 -1.052  2.648   1.00 47.15 ? 2198 HOH A O   1 
HETATM 1568 O  O   . HOH I 5 .   ? -16.376 -10.839 -0.743  1.00 40.39 ? 2199 HOH A O   1 
HETATM 1569 O  O   . HOH I 5 .   ? -24.225 -11.661 8.931   1.00 55.12 ? 2200 HOH A O   1 
HETATM 1570 O  O   . HOH I 5 .   ? -23.914 -3.572  12.603  1.00 17.56 ? 2201 HOH A O   1 
HETATM 1571 O  O   . HOH I 5 .   ? -24.924 -10.711 12.970  1.00 48.06 ? 2202 HOH A O   1 
HETATM 1572 O  O   . HOH I 5 .   ? -21.966 -11.009 13.019  1.00 46.55 ? 2203 HOH A O   1 
HETATM 1573 O  O   . HOH I 5 .   ? -20.920 -7.710  17.376  1.00 26.26 ? 2204 HOH A O   1 
HETATM 1574 O  O   . HOH I 5 .   ? -14.959 -11.000 7.543   1.00 42.77 ? 2205 HOH A O   1 
HETATM 1575 O  O   . HOH I 5 .   ? -5.391  23.146  -7.225  1.00 56.81 ? 2206 HOH A O   1 
HETATM 1576 O  O   . HOH I 5 .   ? -16.660 11.644  16.152  1.00 28.98 ? 2207 HOH A O   1 
HETATM 1577 O  O   . HOH I 5 .   ? -0.654  4.826   1.725   1.00 38.86 ? 2208 HOH A O   1 
HETATM 1578 O  O   . HOH I 5 .   ? -1.820  1.385   -6.078  1.00 38.47 ? 2209 HOH A O   1 
HETATM 1579 O  O   . HOH I 5 .   ? 3.943   0.842   4.011   1.00 38.17 ? 2210 HOH A O   1 
HETATM 1580 O  O   . HOH I 5 .   ? -0.140  -2.818  -12.117 1.00 16.49 ? 2211 HOH A O   1 
HETATM 1581 O  O   . HOH I 5 .   ? 0.910   2.119   -14.996 1.00 29.37 ? 2212 HOH A O   1 
HETATM 1582 O  O   . HOH I 5 .   ? 1.633   0.457   -8.605  1.00 48.47 ? 2213 HOH A O   1 
# 
